data_2K7R
#
_entry.id   2K7R
#
loop_
_entity.id
_entity.type
_entity.pdbx_description
1 polymer 'Primosomal protein dnaI'
2 non-polymer 'ZINC ION'
#
_entity_poly.entity_id   1
_entity_poly.type   'polypeptide(L)'
_entity_poly.pdbx_seq_one_letter_code
;MEPIGRSLQGVTGRPDFQKRLEQMKEKVMKDQDVQAFLKENEEVIDQKMIEKSLNKLYEYIEQSKNCSYCSEDENCNNLL
EGYHPKLVVNGRSIDIEYYECPVKRK
;
_entity_poly.pdbx_strand_id   A
#
loop_
_chem_comp.id
_chem_comp.type
_chem_comp.name
_chem_comp.formula
ZN non-polymer 'ZINC ION' 'Zn 2'
#
# COMPACT_ATOMS: atom_id res chain seq x y z
N MET A 1 -19.81 13.96 31.20
CA MET A 1 -19.60 15.04 30.22
C MET A 1 -18.16 15.53 30.27
N GLU A 2 -17.49 15.24 31.38
CA GLU A 2 -16.12 15.66 31.60
C GLU A 2 -15.21 14.45 31.80
N PRO A 3 -14.66 13.91 30.70
CA PRO A 3 -13.79 12.73 30.74
C PRO A 3 -12.54 12.97 31.57
N ILE A 4 -12.45 12.31 32.71
CA ILE A 4 -11.31 12.46 33.60
C ILE A 4 -10.10 11.75 33.02
N GLY A 5 -10.34 10.61 32.38
CA GLY A 5 -9.28 9.88 31.74
C GLY A 5 -9.27 10.10 30.24
N ARG A 6 -9.11 11.36 29.84
CA ARG A 6 -9.06 11.72 28.43
C ARG A 6 -7.92 10.99 27.73
N SER A 7 -8.24 10.26 26.68
CA SER A 7 -7.25 9.52 25.93
C SER A 7 -6.59 10.41 24.89
N LEU A 8 -7.11 11.62 24.75
CA LEU A 8 -6.50 12.60 23.86
C LEU A 8 -5.29 13.22 24.55
N GLN A 9 -4.26 12.41 24.72
CA GLN A 9 -3.02 12.84 25.33
C GLN A 9 -1.85 12.25 24.55
N GLY A 10 -1.13 13.12 23.86
CA GLY A 10 -0.04 12.67 23.02
C GLY A 10 1.17 12.26 23.82
N VAL A 11 1.70 11.08 23.49
CA VAL A 11 2.93 10.63 24.11
C VAL A 11 4.08 11.52 23.67
N THR A 12 4.97 11.84 24.59
CA THR A 12 6.05 12.79 24.33
C THR A 12 7.05 12.24 23.31
N GLY A 13 7.01 10.94 23.09
CA GLY A 13 7.86 10.33 22.09
C GLY A 13 7.27 10.47 20.69
N ARG A 14 7.63 11.53 19.99
CA ARG A 14 7.17 11.73 18.63
C ARG A 14 8.26 12.35 17.75
N PRO A 15 9.20 11.53 17.28
CA PRO A 15 10.21 11.97 16.31
C PRO A 15 9.59 12.11 14.93
N ASP A 16 10.38 12.54 13.96
CA ASP A 16 9.93 12.66 12.58
C ASP A 16 9.49 11.29 12.06
N PHE A 17 10.03 10.25 12.67
CA PHE A 17 9.65 8.87 12.37
C PHE A 17 8.14 8.68 12.46
N GLN A 18 7.50 9.28 13.47
CA GLN A 18 6.06 9.11 13.65
C GLN A 18 5.32 9.85 12.53
N LYS A 19 5.93 10.92 12.05
CA LYS A 19 5.37 11.69 10.95
C LYS A 19 5.31 10.85 9.69
N ARG A 20 6.37 10.07 9.48
CA ARG A 20 6.41 9.10 8.39
C ARG A 20 5.36 8.04 8.65
N LEU A 21 5.39 7.55 9.87
CA LEU A 21 4.50 6.48 10.31
C LEU A 21 3.02 6.81 10.06
N GLU A 22 2.58 7.98 10.49
CA GLU A 22 1.18 8.36 10.32
C GLU A 22 0.88 8.67 8.85
N GLN A 23 1.90 9.12 8.13
CA GLN A 23 1.73 9.47 6.72
C GLN A 23 1.53 8.20 5.91
N MET A 24 2.42 7.23 6.10
CA MET A 24 2.35 5.95 5.40
C MET A 24 1.12 5.17 5.84
N LYS A 25 0.79 5.27 7.12
CA LYS A 25 -0.41 4.64 7.66
C LYS A 25 -1.64 5.08 6.88
N GLU A 26 -1.78 6.38 6.70
CA GLU A 26 -2.88 6.95 5.94
C GLU A 26 -2.76 6.61 4.46
N LYS A 27 -1.56 6.79 3.92
CA LYS A 27 -1.29 6.50 2.51
C LYS A 27 -1.70 5.09 2.12
N VAL A 28 -1.36 4.12 2.96
CA VAL A 28 -1.75 2.73 2.71
C VAL A 28 -3.26 2.60 2.73
N MET A 29 -3.89 3.26 3.70
CA MET A 29 -5.35 3.23 3.82
C MET A 29 -6.00 4.23 2.87
N LYS A 30 -5.24 4.68 1.87
CA LYS A 30 -5.75 5.64 0.90
C LYS A 30 -5.73 5.05 -0.51
N ASP A 31 -5.08 3.90 -0.67
CA ASP A 31 -4.96 3.29 -1.98
C ASP A 31 -6.17 2.42 -2.28
N GLN A 32 -6.56 2.40 -3.55
CA GLN A 32 -7.78 1.73 -3.95
C GLN A 32 -7.61 0.21 -3.96
N ASP A 33 -6.43 -0.28 -4.33
CA ASP A 33 -6.17 -1.71 -4.39
C ASP A 33 -6.15 -2.26 -2.98
N VAL A 34 -5.56 -1.49 -2.09
CA VAL A 34 -5.47 -1.84 -0.68
C VAL A 34 -6.88 -2.03 -0.09
N GLN A 35 -7.80 -1.13 -0.43
CA GLN A 35 -9.18 -1.24 0.03
C GLN A 35 -9.78 -2.58 -0.37
N ALA A 36 -9.62 -2.90 -1.65
CA ALA A 36 -10.13 -4.15 -2.20
C ALA A 36 -9.53 -5.36 -1.49
N PHE A 37 -8.21 -5.38 -1.35
CA PHE A 37 -7.54 -6.50 -0.71
C PHE A 37 -7.93 -6.60 0.76
N LEU A 38 -8.02 -5.46 1.43
CA LEU A 38 -8.35 -5.42 2.84
C LEU A 38 -9.67 -6.14 3.11
N LYS A 39 -10.70 -5.78 2.38
CA LYS A 39 -12.02 -6.36 2.59
C LYS A 39 -12.07 -7.79 2.06
N GLU A 40 -11.21 -8.08 1.09
CA GLU A 40 -11.13 -9.43 0.54
C GLU A 40 -10.69 -10.42 1.60
N ASN A 41 -9.66 -10.03 2.34
CA ASN A 41 -9.08 -10.90 3.35
C ASN A 41 -9.26 -10.34 4.75
N GLU A 42 -10.31 -9.53 4.96
CA GLU A 42 -10.51 -8.87 6.25
C GLU A 42 -10.86 -9.89 7.34
N GLU A 43 -11.29 -11.06 6.93
CA GLU A 43 -11.58 -12.14 7.87
C GLU A 43 -10.28 -12.72 8.41
N VAL A 44 -9.22 -12.59 7.61
CA VAL A 44 -7.92 -13.16 7.95
C VAL A 44 -7.00 -12.10 8.54
N ILE A 45 -7.01 -10.92 7.94
CA ILE A 45 -6.11 -9.84 8.31
C ILE A 45 -6.60 -9.10 9.55
N ASP A 46 -5.67 -8.69 10.39
CA ASP A 46 -5.98 -7.89 11.56
C ASP A 46 -5.39 -6.49 11.42
N GLN A 47 -5.88 -5.57 12.23
CA GLN A 47 -5.38 -4.21 12.25
C GLN A 47 -3.87 -4.17 12.50
N LYS A 48 -3.42 -5.00 13.43
CA LYS A 48 -2.00 -5.05 13.78
C LYS A 48 -1.17 -5.64 12.65
N MET A 49 -1.74 -6.63 11.98
CA MET A 49 -1.12 -7.21 10.80
C MET A 49 -0.82 -6.14 9.76
N ILE A 50 -1.74 -5.20 9.63
CA ILE A 50 -1.57 -4.08 8.70
C ILE A 50 -0.35 -3.24 9.08
N GLU A 51 -0.24 -2.91 10.35
CA GLU A 51 0.87 -2.08 10.83
C GLU A 51 2.19 -2.85 10.81
N LYS A 52 2.13 -4.17 10.99
CA LYS A 52 3.31 -5.00 10.90
C LYS A 52 3.79 -5.11 9.45
N SER A 53 2.85 -5.30 8.54
CA SER A 53 3.18 -5.44 7.13
C SER A 53 3.09 -4.08 6.42
N LEU A 54 3.15 -3.02 7.22
CA LEU A 54 3.07 -1.64 6.72
C LEU A 54 4.05 -1.41 5.59
N ASN A 55 5.31 -1.76 5.86
CA ASN A 55 6.39 -1.61 4.91
C ASN A 55 6.04 -2.26 3.58
N LYS A 56 5.49 -3.47 3.65
CA LYS A 56 5.09 -4.21 2.47
C LYS A 56 3.98 -3.50 1.72
N LEU A 57 2.90 -3.18 2.43
CA LEU A 57 1.74 -2.54 1.80
C LEU A 57 2.09 -1.16 1.24
N TYR A 58 2.99 -0.46 1.90
CA TYR A 58 3.41 0.85 1.43
C TYR A 58 4.30 0.72 0.20
N GLU A 59 5.19 -0.25 0.22
CA GLU A 59 6.06 -0.53 -0.92
C GLU A 59 5.24 -1.03 -2.10
N TYR A 60 4.17 -1.73 -1.78
CA TYR A 60 3.22 -2.26 -2.75
C TYR A 60 2.60 -1.14 -3.59
N ILE A 61 2.08 -0.13 -2.90
CA ILE A 61 1.38 0.97 -3.56
C ILE A 61 2.35 1.93 -4.23
N GLU A 62 3.56 2.02 -3.69
CA GLU A 62 4.55 2.96 -4.17
C GLU A 62 5.14 2.52 -5.52
N GLN A 63 5.24 1.21 -5.73
CA GLN A 63 5.81 0.67 -6.95
C GLN A 63 4.79 0.67 -8.08
N SER A 64 5.22 0.20 -9.26
CA SER A 64 4.34 0.13 -10.42
C SER A 64 3.24 -0.90 -10.19
N LYS A 65 2.00 -0.43 -10.17
CA LYS A 65 0.85 -1.30 -10.03
C LYS A 65 0.59 -2.05 -11.33
N ASN A 66 0.99 -1.44 -12.43
CA ASN A 66 0.83 -2.03 -13.75
C ASN A 66 2.15 -2.61 -14.21
N CYS A 67 2.29 -2.83 -15.51
CA CYS A 67 3.55 -3.32 -16.06
C CYS A 67 3.67 -2.90 -17.51
N SER A 68 4.88 -2.85 -18.02
CA SER A 68 5.13 -2.33 -19.36
C SER A 68 4.79 -3.36 -20.42
N TYR A 69 4.53 -4.59 -19.99
CA TYR A 69 4.05 -5.65 -20.87
C TYR A 69 2.62 -5.36 -21.32
N CYS A 70 1.99 -4.39 -20.67
CA CYS A 70 0.65 -3.97 -21.07
C CYS A 70 0.57 -2.48 -21.32
N SER A 71 1.25 -1.71 -20.48
CA SER A 71 1.25 -0.27 -20.60
C SER A 71 2.52 0.19 -21.31
N GLU A 72 2.45 1.35 -21.97
CA GLU A 72 3.61 1.90 -22.64
C GLU A 72 4.41 2.79 -21.69
N ASP A 73 4.15 2.63 -20.41
CA ASP A 73 4.89 3.32 -19.36
C ASP A 73 6.33 2.82 -19.29
N GLU A 74 7.18 3.40 -20.10
CA GLU A 74 8.58 3.03 -20.12
C GLU A 74 9.32 3.70 -18.97
N ASN A 75 8.66 4.65 -18.32
CA ASN A 75 9.27 5.43 -17.27
C ASN A 75 9.26 4.66 -15.94
N CYS A 76 8.48 3.59 -15.91
CA CYS A 76 8.38 2.75 -14.72
C CYS A 76 9.46 1.68 -14.73
N ASN A 77 10.36 1.75 -13.77
CA ASN A 77 11.41 0.73 -13.65
C ASN A 77 10.85 -0.52 -12.99
N ASN A 78 10.70 -1.58 -13.79
CA ASN A 78 10.20 -2.85 -13.29
C ASN A 78 11.23 -3.94 -13.53
N LEU A 79 11.46 -4.77 -12.53
CA LEU A 79 12.36 -5.89 -12.67
C LEU A 79 11.57 -7.18 -12.83
N LEU A 80 10.45 -7.27 -12.13
CA LEU A 80 9.50 -8.36 -12.34
C LEU A 80 8.53 -8.00 -13.45
N GLU A 81 9.06 -7.54 -14.57
CA GLU A 81 8.25 -7.12 -15.69
C GLU A 81 7.52 -8.31 -16.30
N GLY A 82 6.33 -8.05 -16.81
CA GLY A 82 5.47 -9.11 -17.30
C GLY A 82 4.50 -9.57 -16.24
N TYR A 83 4.70 -9.10 -15.02
CA TYR A 83 3.86 -9.45 -13.89
C TYR A 83 3.30 -8.18 -13.23
N HIS A 84 2.37 -8.36 -12.30
CA HIS A 84 1.88 -7.26 -11.46
C HIS A 84 1.92 -7.70 -10.00
N PRO A 85 2.15 -6.76 -9.08
CA PRO A 85 2.18 -7.06 -7.65
C PRO A 85 0.76 -7.21 -7.07
N LYS A 86 0.59 -8.23 -6.25
CA LYS A 86 -0.66 -8.42 -5.50
C LYS A 86 -0.34 -8.83 -4.07
N LEU A 87 -1.15 -8.39 -3.14
CA LEU A 87 -0.96 -8.70 -1.73
C LEU A 87 -1.46 -10.10 -1.42
N VAL A 88 -0.76 -10.79 -0.54
CA VAL A 88 -1.18 -12.10 -0.07
C VAL A 88 -0.90 -12.25 1.41
N VAL A 89 -1.80 -12.88 2.14
CA VAL A 89 -1.61 -13.07 3.57
C VAL A 89 -0.95 -14.42 3.84
N ASN A 90 0.26 -14.37 4.37
CA ASN A 90 1.02 -15.57 4.68
C ASN A 90 1.24 -15.66 6.17
N GLY A 91 0.39 -16.43 6.85
CA GLY A 91 0.48 -16.53 8.28
C GLY A 91 0.07 -15.25 8.97
N ARG A 92 1.02 -14.59 9.61
CA ARG A 92 0.75 -13.35 10.34
C ARG A 92 1.30 -12.14 9.59
N SER A 93 1.91 -12.40 8.44
CA SER A 93 2.52 -11.33 7.66
C SER A 93 1.91 -11.27 6.26
N ILE A 94 1.84 -10.07 5.71
CA ILE A 94 1.30 -9.87 4.38
C ILE A 94 2.44 -9.65 3.38
N ASP A 95 2.48 -10.45 2.34
CA ASP A 95 3.56 -10.41 1.38
C ASP A 95 3.08 -9.86 0.05
N ILE A 96 4.01 -9.74 -0.88
CA ILE A 96 3.71 -9.20 -2.21
C ILE A 96 4.17 -10.15 -3.29
N GLU A 97 3.21 -10.83 -3.90
CA GLU A 97 3.51 -11.79 -4.96
C GLU A 97 3.16 -11.21 -6.31
N TYR A 98 3.87 -11.65 -7.33
CA TYR A 98 3.63 -11.20 -8.68
C TYR A 98 2.83 -12.21 -9.46
N TYR A 99 1.73 -11.76 -10.05
CA TYR A 99 0.95 -12.59 -10.94
C TYR A 99 1.21 -12.14 -12.36
N GLU A 100 1.24 -13.07 -13.30
CA GLU A 100 1.54 -12.74 -14.68
C GLU A 100 0.46 -11.81 -15.26
N CYS A 101 0.91 -10.83 -16.03
CA CYS A 101 0.02 -9.90 -16.69
C CYS A 101 -0.96 -10.65 -17.59
N PRO A 102 -2.27 -10.46 -17.38
CA PRO A 102 -3.32 -11.15 -18.15
C PRO A 102 -3.28 -10.78 -19.63
N VAL A 103 -2.59 -9.68 -19.93
CA VAL A 103 -2.45 -9.21 -21.31
C VAL A 103 -1.55 -10.16 -22.11
N LYS A 104 -0.80 -11.01 -21.41
CA LYS A 104 0.00 -12.04 -22.07
C LYS A 104 -0.94 -13.05 -22.72
N ARG A 105 -2.16 -13.11 -22.20
CA ARG A 105 -3.18 -13.96 -22.74
C ARG A 105 -4.07 -13.19 -23.70
N LYS A 106 -4.22 -13.70 -24.91
CA LYS A 106 -5.11 -13.12 -25.89
C LYS A 106 -6.08 -14.16 -26.41
ZN ZN B . 0.72 -5.68 -17.23
N MET A 1 -7.67 12.49 22.69
CA MET A 1 -8.95 11.92 23.15
C MET A 1 -10.11 12.72 22.56
N GLU A 2 -10.01 14.04 22.60
CA GLU A 2 -11.05 14.91 22.07
C GLU A 2 -10.47 15.93 21.10
N PRO A 3 -11.28 16.39 20.14
CA PRO A 3 -10.85 17.43 19.20
C PRO A 3 -10.60 18.77 19.88
N ILE A 4 -9.50 19.41 19.53
CA ILE A 4 -9.15 20.70 20.10
C ILE A 4 -9.78 21.81 19.26
N GLY A 5 -10.37 22.80 19.93
CA GLY A 5 -11.07 23.87 19.22
C GLY A 5 -10.13 24.77 18.43
N ARG A 6 -8.84 24.65 18.67
CA ARG A 6 -7.85 25.43 17.95
C ARG A 6 -6.77 24.51 17.38
N SER A 7 -6.86 24.24 16.09
CA SER A 7 -5.93 23.33 15.42
C SER A 7 -4.55 23.97 15.24
N LEU A 8 -4.50 25.30 15.36
CA LEU A 8 -3.25 26.04 15.22
C LEU A 8 -2.39 25.86 16.47
N GLN A 9 -3.03 25.44 17.56
CA GLN A 9 -2.36 25.28 18.84
C GLN A 9 -2.89 24.03 19.54
N GLY A 10 -2.81 24.01 20.87
CA GLY A 10 -3.38 22.91 21.64
C GLY A 10 -2.38 21.81 21.87
N VAL A 11 -1.97 21.15 20.80
CA VAL A 11 -1.03 20.04 20.91
C VAL A 11 0.35 20.43 20.37
N THR A 12 1.21 20.86 21.27
CA THR A 12 2.57 21.24 20.90
C THR A 12 3.53 20.10 21.18
N GLY A 13 3.66 19.21 20.21
CA GLY A 13 4.54 18.07 20.36
C GLY A 13 4.03 16.87 19.58
N ARG A 14 4.74 16.52 18.51
CA ARG A 14 4.36 15.40 17.67
C ARG A 14 5.57 14.84 16.95
N PRO A 15 6.27 13.89 17.60
CA PRO A 15 7.44 13.23 17.02
C PRO A 15 7.18 12.74 15.60
N ASP A 16 8.21 12.81 14.76
CA ASP A 16 8.04 12.54 13.34
C ASP A 16 7.92 11.05 13.04
N PHE A 17 8.05 10.23 14.06
CA PHE A 17 7.80 8.80 13.90
C PHE A 17 6.34 8.57 13.57
N GLN A 18 5.45 9.09 14.42
CA GLN A 18 4.02 8.97 14.19
C GLN A 18 3.61 9.76 12.95
N LYS A 19 4.34 10.85 12.70
CA LYS A 19 4.13 11.64 11.48
C LYS A 19 4.30 10.76 10.25
N ARG A 20 5.40 10.01 10.24
CA ARG A 20 5.68 9.07 9.17
C ARG A 20 4.65 7.94 9.17
N LEU A 21 4.38 7.41 10.36
CA LEU A 21 3.40 6.34 10.54
C LEU A 21 2.05 6.73 9.94
N GLU A 22 1.57 7.91 10.28
CA GLU A 22 0.32 8.44 9.75
C GLU A 22 0.44 8.72 8.25
N GLN A 23 1.58 9.26 7.86
CA GLN A 23 1.83 9.62 6.47
C GLN A 23 1.74 8.39 5.57
N MET A 24 2.45 7.34 5.95
CA MET A 24 2.46 6.11 5.16
C MET A 24 1.15 5.35 5.30
N LYS A 25 0.57 5.37 6.51
CA LYS A 25 -0.70 4.72 6.76
C LYS A 25 -1.78 5.33 5.86
N GLU A 26 -1.73 6.65 5.72
CA GLU A 26 -2.67 7.38 4.89
C GLU A 26 -2.55 6.95 3.44
N LYS A 27 -1.32 6.94 2.93
CA LYS A 27 -1.05 6.55 1.55
C LYS A 27 -1.53 5.13 1.27
N VAL A 28 -1.20 4.21 2.17
CA VAL A 28 -1.56 2.81 2.00
C VAL A 28 -3.07 2.63 1.97
N MET A 29 -3.78 3.33 2.86
CA MET A 29 -5.23 3.21 2.94
C MET A 29 -5.92 4.08 1.91
N LYS A 30 -5.17 4.54 0.93
CA LYS A 30 -5.73 5.34 -0.15
C LYS A 30 -5.80 4.53 -1.44
N ASP A 31 -5.01 3.48 -1.53
CA ASP A 31 -4.92 2.68 -2.75
C ASP A 31 -6.13 1.76 -2.89
N GLN A 32 -6.72 1.79 -4.08
CA GLN A 32 -7.92 1.01 -4.37
C GLN A 32 -7.69 -0.49 -4.17
N ASP A 33 -6.58 -0.99 -4.69
CA ASP A 33 -6.27 -2.41 -4.63
C ASP A 33 -6.01 -2.83 -3.18
N VAL A 34 -5.33 -1.98 -2.44
CA VAL A 34 -5.11 -2.20 -1.02
C VAL A 34 -6.44 -2.41 -0.30
N GLN A 35 -7.39 -1.51 -0.53
CA GLN A 35 -8.70 -1.58 0.12
C GLN A 35 -9.44 -2.84 -0.32
N ALA A 36 -9.33 -3.15 -1.60
CA ALA A 36 -9.93 -4.36 -2.16
C ALA A 36 -9.36 -5.60 -1.47
N PHE A 37 -8.06 -5.56 -1.19
CA PHE A 37 -7.39 -6.62 -0.48
C PHE A 37 -7.83 -6.68 0.97
N LEU A 38 -7.90 -5.51 1.60
CA LEU A 38 -8.30 -5.40 2.99
C LEU A 38 -9.65 -6.08 3.24
N LYS A 39 -10.62 -5.79 2.39
CA LYS A 39 -11.96 -6.35 2.55
C LYS A 39 -12.00 -7.81 2.12
N GLU A 40 -11.11 -8.18 1.20
CA GLU A 40 -11.05 -9.54 0.69
C GLU A 40 -10.64 -10.49 1.80
N ASN A 41 -9.65 -10.06 2.57
CA ASN A 41 -9.10 -10.89 3.63
C ASN A 41 -9.35 -10.28 5.00
N GLU A 42 -10.43 -9.49 5.12
CA GLU A 42 -10.71 -8.76 6.37
C GLU A 42 -11.05 -9.70 7.52
N GLU A 43 -11.36 -10.94 7.18
CA GLU A 43 -11.68 -11.95 8.17
C GLU A 43 -10.41 -12.48 8.83
N VAL A 44 -9.27 -12.27 8.17
CA VAL A 44 -8.00 -12.78 8.66
C VAL A 44 -7.07 -11.63 9.05
N ILE A 45 -7.07 -10.57 8.24
CA ILE A 45 -6.19 -9.44 8.45
C ILE A 45 -6.61 -8.61 9.65
N ASP A 46 -5.63 -8.13 10.38
CA ASP A 46 -5.87 -7.29 11.55
C ASP A 46 -5.29 -5.91 11.27
N GLN A 47 -5.69 -4.93 12.08
CA GLN A 47 -5.09 -3.61 12.03
C GLN A 47 -3.61 -3.70 12.32
N LYS A 48 -3.28 -4.55 13.29
CA LYS A 48 -1.89 -4.80 13.65
C LYS A 48 -1.14 -5.46 12.51
N MET A 49 -1.82 -6.35 11.81
CA MET A 49 -1.26 -7.03 10.64
C MET A 49 -0.84 -6.01 9.58
N ILE A 50 -1.69 -5.00 9.40
CA ILE A 50 -1.41 -3.93 8.45
C ILE A 50 -0.16 -3.16 8.84
N GLU A 51 -0.05 -2.83 10.11
CA GLU A 51 1.08 -2.07 10.62
C GLU A 51 2.35 -2.92 10.61
N LYS A 52 2.19 -4.21 10.85
CA LYS A 52 3.30 -5.15 10.82
C LYS A 52 3.87 -5.23 9.41
N SER A 53 2.98 -5.26 8.43
CA SER A 53 3.38 -5.39 7.04
C SER A 53 3.22 -4.07 6.29
N LEU A 54 3.30 -2.96 7.02
CA LEU A 54 3.15 -1.64 6.44
C LEU A 54 4.13 -1.45 5.29
N ASN A 55 5.37 -1.84 5.54
CA ASN A 55 6.45 -1.67 4.57
C ASN A 55 6.19 -2.49 3.31
N LYS A 56 5.49 -3.59 3.46
CA LYS A 56 5.12 -4.43 2.33
C LYS A 56 4.11 -3.71 1.45
N LEU A 57 3.02 -3.27 2.07
CA LEU A 57 1.96 -2.58 1.36
C LEU A 57 2.45 -1.25 0.81
N TYR A 58 3.31 -0.58 1.56
CA TYR A 58 3.89 0.68 1.13
C TYR A 58 4.80 0.45 -0.07
N GLU A 59 5.58 -0.62 -0.01
CA GLU A 59 6.42 -1.03 -1.13
C GLU A 59 5.55 -1.26 -2.37
N TYR A 60 4.48 -2.02 -2.17
CA TYR A 60 3.56 -2.38 -3.25
C TYR A 60 3.00 -1.16 -3.98
N ILE A 61 2.50 -0.19 -3.23
CA ILE A 61 1.84 0.96 -3.84
C ILE A 61 2.83 1.93 -4.47
N GLU A 62 4.04 2.00 -3.92
CA GLU A 62 5.07 2.90 -4.45
C GLU A 62 5.75 2.30 -5.68
N GLN A 63 5.83 0.97 -5.72
CA GLN A 63 6.47 0.28 -6.84
C GLN A 63 5.55 0.23 -8.05
N SER A 64 5.97 -0.52 -9.06
CA SER A 64 5.16 -0.69 -10.26
C SER A 64 3.99 -1.63 -9.97
N LYS A 65 2.85 -1.04 -9.63
CA LYS A 65 1.61 -1.80 -9.47
C LYS A 65 1.20 -2.39 -10.82
N ASN A 66 1.52 -1.65 -11.86
CA ASN A 66 1.21 -2.07 -13.21
C ASN A 66 2.41 -2.83 -13.77
N CYS A 67 2.49 -2.94 -15.09
CA CYS A 67 3.65 -3.56 -15.71
C CYS A 67 3.86 -3.04 -17.10
N SER A 68 5.10 -3.00 -17.51
CA SER A 68 5.49 -2.41 -18.79
C SER A 68 5.10 -3.32 -19.96
N TYR A 69 4.50 -4.45 -19.63
CA TYR A 69 4.00 -5.38 -20.62
C TYR A 69 2.63 -4.94 -21.12
N CYS A 70 2.03 -3.98 -20.40
CA CYS A 70 0.73 -3.45 -20.79
C CYS A 70 0.78 -1.93 -20.87
N SER A 71 1.45 -1.30 -19.92
CA SER A 71 1.67 0.14 -19.97
C SER A 71 3.05 0.43 -20.54
N GLU A 72 3.20 1.55 -21.22
CA GLU A 72 4.48 1.87 -21.85
C GLU A 72 5.24 2.91 -21.03
N ASP A 73 4.63 3.37 -19.95
CA ASP A 73 5.23 4.41 -19.13
C ASP A 73 6.59 3.96 -18.61
N GLU A 74 7.57 4.84 -18.74
CA GLU A 74 8.91 4.57 -18.27
C GLU A 74 9.11 5.13 -16.87
N ASN A 75 8.02 5.63 -16.30
CA ASN A 75 8.06 6.25 -14.98
C ASN A 75 8.32 5.20 -13.91
N CYS A 76 7.72 4.03 -14.07
CA CYS A 76 7.95 2.94 -13.15
C CYS A 76 8.73 1.83 -13.86
N ASN A 77 9.96 1.60 -13.40
CA ASN A 77 10.77 0.54 -13.96
C ASN A 77 10.29 -0.81 -13.48
N ASN A 78 9.66 -1.54 -14.37
CA ASN A 78 9.06 -2.84 -14.04
C ASN A 78 10.09 -3.94 -14.20
N LEU A 79 10.59 -4.40 -13.05
CA LEU A 79 11.59 -5.46 -13.00
C LEU A 79 11.00 -6.77 -13.52
N LEU A 80 10.03 -7.29 -12.79
CA LEU A 80 9.31 -8.47 -13.22
C LEU A 80 8.25 -8.08 -14.24
N GLU A 81 8.71 -7.82 -15.46
CA GLU A 81 7.84 -7.36 -16.51
C GLU A 81 6.96 -8.48 -17.02
N GLY A 82 5.68 -8.18 -17.13
CA GLY A 82 4.72 -9.18 -17.54
C GLY A 82 3.90 -9.66 -16.36
N TYR A 83 4.29 -9.23 -15.17
CA TYR A 83 3.57 -9.57 -13.95
C TYR A 83 3.11 -8.31 -13.24
N HIS A 84 2.16 -8.47 -12.33
CA HIS A 84 1.78 -7.39 -11.41
C HIS A 84 1.87 -7.92 -9.99
N PRO A 85 2.23 -7.05 -9.04
CA PRO A 85 2.34 -7.44 -7.64
C PRO A 85 0.97 -7.69 -6.99
N LYS A 86 0.88 -8.76 -6.22
CA LYS A 86 -0.35 -9.11 -5.52
C LYS A 86 -0.09 -9.32 -4.04
N LEU A 87 -0.90 -8.72 -3.21
CA LEU A 87 -0.78 -8.86 -1.77
C LEU A 87 -1.37 -10.18 -1.32
N VAL A 88 -0.66 -10.88 -0.46
CA VAL A 88 -1.15 -12.13 0.12
C VAL A 88 -0.94 -12.13 1.62
N VAL A 89 -1.91 -12.63 2.36
CA VAL A 89 -1.74 -12.77 3.80
C VAL A 89 -1.12 -14.11 4.12
N ASN A 90 0.09 -14.05 4.65
CA ASN A 90 0.89 -15.24 4.87
C ASN A 90 1.15 -15.42 6.36
N GLY A 91 0.33 -16.24 7.00
CA GLY A 91 0.46 -16.46 8.42
C GLY A 91 0.21 -15.21 9.23
N ARG A 92 1.25 -14.71 9.89
CA ARG A 92 1.14 -13.51 10.70
C ARG A 92 1.78 -12.31 10.01
N SER A 93 1.99 -12.43 8.70
CA SER A 93 2.55 -11.34 7.93
C SER A 93 1.82 -11.22 6.59
N ILE A 94 2.05 -10.13 5.87
CA ILE A 94 1.51 -9.98 4.53
C ILE A 94 2.67 -9.91 3.53
N ASP A 95 2.56 -10.69 2.47
CA ASP A 95 3.64 -10.78 1.48
C ASP A 95 3.17 -10.24 0.14
N ILE A 96 4.08 -10.22 -0.83
CA ILE A 96 3.78 -9.69 -2.15
C ILE A 96 4.27 -10.66 -3.23
N GLU A 97 3.32 -11.31 -3.90
CA GLU A 97 3.66 -12.22 -4.99
C GLU A 97 3.46 -11.52 -6.32
N TYR A 98 3.61 -12.26 -7.39
CA TYR A 98 3.44 -11.72 -8.72
C TYR A 98 2.59 -12.64 -9.58
N TYR A 99 1.52 -12.09 -10.12
CA TYR A 99 0.67 -12.82 -11.05
C TYR A 99 0.89 -12.27 -12.44
N GLU A 100 0.69 -13.10 -13.44
CA GLU A 100 0.97 -12.68 -14.81
C GLU A 100 -0.10 -11.73 -15.30
N CYS A 101 0.36 -10.62 -15.86
CA CYS A 101 -0.51 -9.64 -16.50
C CYS A 101 -1.51 -10.32 -17.42
N PRO A 102 -2.81 -10.09 -17.20
CA PRO A 102 -3.89 -10.69 -18.01
C PRO A 102 -3.82 -10.28 -19.47
N VAL A 103 -2.95 -9.33 -19.79
CA VAL A 103 -2.74 -8.89 -21.16
C VAL A 103 -1.84 -9.88 -21.91
N LYS A 104 -1.01 -10.61 -21.16
CA LYS A 104 -0.12 -11.60 -21.76
C LYS A 104 -0.94 -12.72 -22.38
N ARG A 105 -1.99 -13.12 -21.67
CA ARG A 105 -2.95 -14.08 -22.17
C ARG A 105 -4.37 -13.61 -21.85
N LYS A 106 -4.91 -12.81 -22.75
CA LYS A 106 -6.24 -12.26 -22.58
C LYS A 106 -7.29 -13.23 -23.07
ZN ZN B . 0.47 -5.43 -17.02
N MET A 1 -17.93 12.46 9.14
CA MET A 1 -17.87 12.35 10.60
C MET A 1 -16.60 11.64 11.02
N GLU A 2 -15.74 12.36 11.71
CA GLU A 2 -14.43 11.86 12.07
C GLU A 2 -14.40 11.41 13.52
N PRO A 3 -13.58 10.40 13.83
CA PRO A 3 -13.42 9.92 15.20
C PRO A 3 -12.58 10.86 16.05
N ILE A 4 -12.73 10.76 17.37
CA ILE A 4 -12.01 11.62 18.29
C ILE A 4 -10.54 11.21 18.38
N GLY A 5 -9.65 12.18 18.20
CA GLY A 5 -8.23 11.90 18.24
C GLY A 5 -7.67 12.01 19.64
N ARG A 6 -6.54 12.69 19.78
CA ARG A 6 -5.89 12.83 21.07
C ARG A 6 -5.68 14.31 21.40
N SER A 7 -5.44 14.59 22.67
CA SER A 7 -5.24 15.95 23.14
C SER A 7 -3.83 16.45 22.78
N LEU A 8 -2.97 15.52 22.39
CA LEU A 8 -1.59 15.83 22.05
C LEU A 8 -1.48 16.33 20.61
N GLN A 9 -2.63 16.59 20.00
CA GLN A 9 -2.70 17.04 18.62
C GLN A 9 -1.86 18.29 18.36
N GLY A 10 -1.95 19.27 19.26
CA GLY A 10 -1.28 20.53 19.03
C GLY A 10 -0.17 20.79 20.02
N VAL A 11 0.55 19.76 20.41
CA VAL A 11 1.67 19.91 21.33
C VAL A 11 2.90 19.18 20.80
N THR A 12 4.06 19.49 21.35
CA THR A 12 5.30 18.84 20.95
C THR A 12 5.44 17.46 21.62
N GLY A 13 4.31 16.74 21.69
CA GLY A 13 4.29 15.44 22.30
C GLY A 13 4.03 14.33 21.28
N ARG A 14 4.39 14.60 20.03
CA ARG A 14 4.22 13.64 18.96
C ARG A 14 5.30 13.84 17.89
N PRO A 15 6.46 13.20 18.10
CA PRO A 15 7.63 13.32 17.21
C PRO A 15 7.35 12.94 15.76
N ASP A 16 8.32 13.25 14.89
CA ASP A 16 8.20 12.98 13.45
C ASP A 16 7.97 11.49 13.17
N PHE A 17 8.39 10.65 14.11
CA PHE A 17 8.19 9.20 14.01
C PHE A 17 6.72 8.87 13.73
N GLN A 18 5.81 9.50 14.49
CA GLN A 18 4.40 9.21 14.33
C GLN A 18 3.89 9.79 13.02
N LYS A 19 4.51 10.88 12.60
CA LYS A 19 4.12 11.55 11.37
C LYS A 19 4.51 10.74 10.14
N ARG A 20 5.70 10.16 10.14
CA ARG A 20 6.15 9.35 9.02
C ARG A 20 5.41 8.02 9.00
N LEU A 21 5.06 7.52 10.18
CA LEU A 21 4.30 6.28 10.29
C LEU A 21 2.91 6.46 9.70
N GLU A 22 2.24 7.52 10.10
CA GLU A 22 0.92 7.83 9.60
C GLU A 22 0.96 8.35 8.17
N GLN A 23 2.08 8.92 7.75
CA GLN A 23 2.26 9.34 6.36
C GLN A 23 2.18 8.15 5.41
N MET A 24 3.03 7.16 5.63
CA MET A 24 3.00 5.94 4.83
C MET A 24 1.65 5.26 5.00
N LYS A 25 1.11 5.34 6.22
CA LYS A 25 -0.23 4.85 6.53
C LYS A 25 -1.28 5.53 5.65
N GLU A 26 -1.17 6.85 5.53
CA GLU A 26 -2.09 7.68 4.76
C GLU A 26 -2.24 7.15 3.33
N LYS A 27 -1.11 6.90 2.69
CA LYS A 27 -1.10 6.34 1.35
C LYS A 27 -1.81 5.00 1.31
N VAL A 28 -1.44 4.13 2.25
CA VAL A 28 -1.97 2.76 2.27
C VAL A 28 -3.47 2.75 2.52
N MET A 29 -3.94 3.59 3.43
CA MET A 29 -5.32 3.55 3.89
C MET A 29 -6.30 4.09 2.85
N LYS A 30 -5.81 4.61 1.73
CA LYS A 30 -6.72 5.18 0.74
C LYS A 30 -6.50 4.64 -0.66
N ASP A 31 -5.51 3.79 -0.83
CA ASP A 31 -5.28 3.19 -2.12
C ASP A 31 -6.27 2.05 -2.37
N GLN A 32 -6.96 2.14 -3.51
CA GLN A 32 -8.10 1.28 -3.80
C GLN A 32 -7.73 -0.19 -3.95
N ASP A 33 -6.54 -0.46 -4.46
CA ASP A 33 -6.07 -1.83 -4.59
C ASP A 33 -5.84 -2.44 -3.22
N VAL A 34 -5.28 -1.65 -2.33
CA VAL A 34 -5.14 -2.04 -0.93
C VAL A 34 -6.52 -2.33 -0.32
N GLN A 35 -7.48 -1.46 -0.60
CA GLN A 35 -8.86 -1.64 -0.13
C GLN A 35 -9.41 -3.00 -0.55
N ALA A 36 -9.27 -3.28 -1.84
CA ALA A 36 -9.74 -4.54 -2.42
C ALA A 36 -9.17 -5.74 -1.68
N PHE A 37 -7.89 -5.68 -1.36
CA PHE A 37 -7.23 -6.75 -0.63
C PHE A 37 -7.75 -6.82 0.80
N LEU A 38 -7.89 -5.65 1.43
CA LEU A 38 -8.36 -5.58 2.81
C LEU A 38 -9.76 -6.15 2.96
N LYS A 39 -10.64 -5.80 2.05
CA LYS A 39 -12.01 -6.29 2.10
C LYS A 39 -12.07 -7.78 1.76
N GLU A 40 -11.09 -8.24 0.99
CA GLU A 40 -11.04 -9.63 0.57
C GLU A 40 -10.63 -10.52 1.73
N ASN A 41 -9.61 -10.08 2.47
CA ASN A 41 -9.05 -10.88 3.55
C ASN A 41 -9.32 -10.24 4.91
N GLU A 42 -10.42 -9.49 5.01
CA GLU A 42 -10.75 -8.77 6.24
C GLU A 42 -11.01 -9.73 7.39
N GLU A 43 -11.36 -10.96 7.06
CA GLU A 43 -11.62 -11.98 8.06
C GLU A 43 -10.32 -12.47 8.68
N VAL A 44 -9.24 -12.37 7.91
CA VAL A 44 -7.96 -12.93 8.33
C VAL A 44 -7.05 -11.83 8.88
N ILE A 45 -7.03 -10.69 8.22
CA ILE A 45 -6.14 -9.60 8.57
C ILE A 45 -6.65 -8.82 9.79
N ASP A 46 -5.72 -8.40 10.62
CA ASP A 46 -6.03 -7.58 11.79
C ASP A 46 -5.33 -6.23 11.66
N GLN A 47 -5.75 -5.29 12.49
CA GLN A 47 -5.14 -3.95 12.54
C GLN A 47 -3.64 -4.02 12.81
N LYS A 48 -3.24 -4.87 13.75
CA LYS A 48 -1.82 -5.02 14.07
C LYS A 48 -1.07 -5.64 12.91
N MET A 49 -1.74 -6.57 12.23
CA MET A 49 -1.19 -7.22 11.05
C MET A 49 -0.89 -6.18 9.97
N ILE A 50 -1.74 -5.17 9.89
CA ILE A 50 -1.56 -4.07 8.95
C ILE A 50 -0.29 -3.28 9.29
N GLU A 51 -0.20 -2.81 10.53
CA GLU A 51 0.97 -2.07 10.99
C GLU A 51 2.25 -2.88 10.82
N LYS A 52 2.17 -4.17 11.15
CA LYS A 52 3.31 -5.07 11.07
C LYS A 52 3.77 -5.25 9.63
N SER A 53 2.83 -5.15 8.70
CA SER A 53 3.12 -5.34 7.29
C SER A 53 2.92 -4.04 6.52
N LEU A 54 2.95 -2.92 7.24
CA LEU A 54 2.73 -1.61 6.66
C LEU A 54 3.75 -1.35 5.57
N ASN A 55 5.00 -1.66 5.88
CA ASN A 55 6.09 -1.50 4.92
C ASN A 55 5.85 -2.35 3.68
N LYS A 56 5.22 -3.51 3.85
CA LYS A 56 4.94 -4.39 2.73
C LYS A 56 3.80 -3.84 1.87
N LEU A 57 2.76 -3.34 2.53
CA LEU A 57 1.64 -2.73 1.81
C LEU A 57 2.11 -1.47 1.08
N TYR A 58 2.98 -0.71 1.74
CA TYR A 58 3.53 0.50 1.15
C TYR A 58 4.49 0.14 0.02
N GLU A 59 5.26 -0.92 0.23
CA GLU A 59 6.16 -1.44 -0.79
C GLU A 59 5.37 -1.80 -2.04
N TYR A 60 4.19 -2.36 -1.85
CA TYR A 60 3.30 -2.71 -2.94
C TYR A 60 2.92 -1.48 -3.78
N ILE A 61 2.45 -0.45 -3.11
CA ILE A 61 1.95 0.74 -3.81
C ILE A 61 3.09 1.60 -4.37
N GLU A 62 4.26 1.57 -3.75
CA GLU A 62 5.39 2.34 -4.27
C GLU A 62 6.00 1.65 -5.49
N GLN A 63 5.74 0.36 -5.63
CA GLN A 63 6.16 -0.37 -6.82
C GLN A 63 5.28 -0.02 -8.00
N SER A 64 5.38 -0.79 -9.07
CA SER A 64 4.62 -0.51 -10.28
C SER A 64 3.21 -1.07 -10.19
N LYS A 65 2.24 -0.22 -10.51
CA LYS A 65 0.85 -0.64 -10.60
C LYS A 65 0.65 -1.46 -11.87
N ASN A 66 1.50 -1.21 -12.86
CA ASN A 66 1.40 -1.87 -14.16
C ASN A 66 2.70 -2.58 -14.47
N CYS A 67 2.93 -2.89 -15.74
CA CYS A 67 4.18 -3.49 -16.14
C CYS A 67 4.46 -3.12 -17.58
N SER A 68 5.70 -3.25 -18.00
CA SER A 68 6.13 -2.81 -19.33
C SER A 68 5.35 -3.55 -20.43
N TYR A 69 4.93 -4.77 -20.15
CA TYR A 69 4.23 -5.60 -21.13
C TYR A 69 2.81 -5.08 -21.35
N CYS A 70 2.44 -4.05 -20.64
CA CYS A 70 1.14 -3.42 -20.84
C CYS A 70 1.27 -1.90 -20.83
N SER A 71 2.50 -1.41 -20.79
CA SER A 71 2.76 0.01 -20.70
C SER A 71 4.01 0.37 -21.49
N GLU A 72 3.83 1.21 -22.49
CA GLU A 72 4.94 1.69 -23.31
C GLU A 72 5.64 2.83 -22.61
N ASP A 73 5.06 3.27 -21.51
CA ASP A 73 5.56 4.43 -20.81
C ASP A 73 6.77 4.04 -19.97
N GLU A 74 7.82 4.85 -20.04
CA GLU A 74 9.07 4.57 -19.35
C GLU A 74 8.90 4.59 -17.83
N ASN A 75 7.93 5.33 -17.33
CA ASN A 75 7.73 5.42 -15.90
C ASN A 75 6.95 4.21 -15.40
N CYS A 76 7.60 3.06 -15.48
CA CYS A 76 7.08 1.84 -14.90
C CYS A 76 8.00 1.37 -13.78
N ASN A 77 7.49 1.33 -12.56
CA ASN A 77 8.30 1.03 -11.39
C ASN A 77 8.56 -0.47 -11.25
N ASN A 78 8.44 -1.20 -12.34
CA ASN A 78 8.60 -2.65 -12.30
C ASN A 78 9.96 -3.08 -12.85
N LEU A 79 10.68 -3.86 -12.07
CA LEU A 79 11.87 -4.52 -12.56
C LEU A 79 11.48 -5.87 -13.12
N LEU A 80 10.37 -6.42 -12.58
CA LEU A 80 9.79 -7.64 -13.11
C LEU A 80 8.85 -7.29 -14.26
N GLU A 81 9.23 -7.66 -15.47
CA GLU A 81 8.42 -7.36 -16.63
C GLU A 81 7.42 -8.47 -16.88
N GLY A 82 6.22 -8.08 -17.30
CA GLY A 82 5.20 -9.06 -17.65
C GLY A 82 4.36 -9.47 -16.45
N TYR A 83 4.76 -9.07 -15.26
CA TYR A 83 4.06 -9.46 -14.05
C TYR A 83 3.67 -8.24 -13.23
N HIS A 84 2.69 -8.42 -12.34
CA HIS A 84 2.25 -7.37 -11.42
C HIS A 84 2.26 -7.88 -10.00
N PRO A 85 2.50 -6.99 -9.03
CA PRO A 85 2.50 -7.34 -7.62
C PRO A 85 1.09 -7.44 -7.04
N LYS A 86 0.94 -8.25 -6.01
CA LYS A 86 -0.32 -8.37 -5.30
C LYS A 86 -0.04 -8.78 -3.85
N LEU A 87 -0.93 -8.40 -2.94
CA LEU A 87 -0.75 -8.74 -1.54
C LEU A 87 -1.23 -10.15 -1.27
N VAL A 88 -0.52 -10.85 -0.41
CA VAL A 88 -0.92 -12.18 0.02
C VAL A 88 -0.84 -12.29 1.53
N VAL A 89 -1.60 -13.19 2.10
CA VAL A 89 -1.53 -13.42 3.54
C VAL A 89 -0.68 -14.67 3.82
N ASN A 90 0.44 -14.45 4.48
CA ASN A 90 1.32 -15.55 4.86
C ASN A 90 1.48 -15.59 6.37
N GLY A 91 0.67 -16.42 7.02
CA GLY A 91 0.68 -16.50 8.46
C GLY A 91 0.22 -15.21 9.11
N ARG A 92 1.06 -14.66 9.97
CA ARG A 92 0.74 -13.42 10.67
C ARG A 92 1.36 -12.22 9.95
N SER A 93 1.82 -12.44 8.73
CA SER A 93 2.46 -11.38 7.95
C SER A 93 1.77 -11.22 6.59
N ILE A 94 1.70 -9.99 6.12
CA ILE A 94 1.17 -9.72 4.80
C ILE A 94 2.34 -9.56 3.84
N ASP A 95 2.26 -10.24 2.70
CA ASP A 95 3.39 -10.35 1.79
C ASP A 95 2.99 -9.90 0.39
N ILE A 96 3.94 -9.91 -0.51
CA ILE A 96 3.70 -9.53 -1.89
C ILE A 96 4.11 -10.64 -2.83
N GLU A 97 3.21 -10.98 -3.72
CA GLU A 97 3.45 -12.00 -4.73
C GLU A 97 3.23 -11.36 -6.10
N TYR A 98 3.55 -12.08 -7.16
CA TYR A 98 3.41 -11.55 -8.51
C TYR A 98 2.54 -12.44 -9.37
N TYR A 99 1.63 -11.84 -10.10
CA TYR A 99 0.79 -12.56 -11.05
C TYR A 99 1.06 -12.05 -12.45
N GLU A 100 0.88 -12.91 -13.44
CA GLU A 100 1.20 -12.57 -14.81
C GLU A 100 0.19 -11.57 -15.36
N CYS A 101 0.70 -10.57 -16.07
CA CYS A 101 -0.12 -9.54 -16.68
C CYS A 101 -1.32 -10.13 -17.44
N PRO A 102 -2.54 -9.68 -17.10
CA PRO A 102 -3.78 -10.22 -17.69
C PRO A 102 -3.91 -9.95 -19.19
N VAL A 103 -3.03 -9.11 -19.73
CA VAL A 103 -3.05 -8.79 -21.16
C VAL A 103 -2.68 -10.02 -21.98
N LYS A 104 -2.04 -10.99 -21.32
CA LYS A 104 -1.58 -12.20 -21.98
C LYS A 104 -2.72 -13.20 -22.13
N ARG A 105 -3.85 -12.92 -21.48
CA ARG A 105 -5.05 -13.75 -21.64
C ARG A 105 -6.27 -12.85 -21.79
N LYS A 106 -6.60 -12.50 -23.02
CA LYS A 106 -7.76 -11.65 -23.30
C LYS A 106 -8.32 -11.95 -24.67
ZN ZN B . 1.07 -5.50 -17.12
N MET A 1 1.15 20.51 -2.22
CA MET A 1 0.34 20.68 -3.44
C MET A 1 -1.13 20.46 -3.15
N GLU A 2 -1.41 19.55 -2.22
CA GLU A 2 -2.77 19.24 -1.83
C GLU A 2 -3.01 19.61 -0.37
N PRO A 3 -3.40 20.86 -0.10
CA PRO A 3 -3.64 21.34 1.26
C PRO A 3 -4.88 20.71 1.88
N ILE A 4 -4.68 19.67 2.66
CA ILE A 4 -5.77 19.01 3.35
C ILE A 4 -5.72 19.31 4.84
N GLY A 5 -4.52 19.26 5.39
CA GLY A 5 -4.35 19.53 6.81
C GLY A 5 -4.05 20.99 7.07
N ARG A 6 -4.57 21.50 8.17
CA ARG A 6 -4.35 22.89 8.55
C ARG A 6 -3.32 22.98 9.68
N SER A 7 -2.53 24.04 9.65
CA SER A 7 -1.47 24.23 10.64
C SER A 7 -2.04 24.65 12.00
N LEU A 8 -2.53 23.67 12.74
CA LEU A 8 -3.07 23.91 14.07
C LEU A 8 -2.04 23.51 15.13
N GLN A 9 -0.85 23.16 14.67
CA GLN A 9 0.22 22.72 15.55
C GLN A 9 1.21 23.86 15.82
N GLY A 10 1.22 24.32 17.05
CA GLY A 10 2.16 25.35 17.45
C GLY A 10 2.93 24.93 18.69
N VAL A 11 3.34 23.67 18.70
CA VAL A 11 4.03 23.09 19.84
C VAL A 11 5.53 23.05 19.59
N THR A 12 6.32 23.17 20.65
CA THR A 12 7.77 23.14 20.55
C THR A 12 8.28 21.70 20.40
N GLY A 13 7.36 20.78 20.13
CA GLY A 13 7.72 19.40 19.92
C GLY A 13 7.31 18.93 18.53
N ARG A 14 8.27 18.40 17.77
CA ARG A 14 8.00 17.99 16.39
C ARG A 14 8.75 16.71 16.05
N PRO A 15 8.22 15.55 16.47
CA PRO A 15 8.76 14.25 16.09
C PRO A 15 8.51 13.94 14.61
N ASP A 16 9.60 13.86 13.85
CA ASP A 16 9.49 13.62 12.41
C ASP A 16 9.06 12.18 12.15
N PHE A 17 9.49 11.28 13.03
CA PHE A 17 9.18 9.86 12.91
C PHE A 17 7.68 9.64 12.74
N GLN A 18 6.87 10.28 13.58
CA GLN A 18 5.43 10.05 13.54
C GLN A 18 4.81 10.59 12.26
N LYS A 19 5.39 11.66 11.73
CA LYS A 19 4.80 12.31 10.56
C LYS A 19 4.97 11.48 9.30
N ARG A 20 6.11 10.82 9.15
CA ARG A 20 6.29 9.94 8.00
C ARG A 20 5.50 8.65 8.23
N LEU A 21 5.26 8.34 9.50
CA LEU A 21 4.43 7.20 9.86
C LEU A 21 2.97 7.48 9.51
N GLU A 22 2.48 8.66 9.91
CA GLU A 22 1.14 9.11 9.55
C GLU A 22 0.99 9.17 8.04
N GLN A 23 2.03 9.70 7.40
CA GLN A 23 2.05 9.87 5.95
C GLN A 23 1.85 8.52 5.24
N MET A 24 2.69 7.55 5.59
CA MET A 24 2.63 6.25 4.94
C MET A 24 1.34 5.50 5.31
N LYS A 25 0.96 5.55 6.59
CA LYS A 25 -0.24 4.87 7.06
C LYS A 25 -1.48 5.38 6.36
N GLU A 26 -1.56 6.71 6.21
CA GLU A 26 -2.70 7.33 5.54
C GLU A 26 -2.72 6.92 4.06
N LYS A 27 -1.57 6.98 3.43
CA LYS A 27 -1.43 6.59 2.03
C LYS A 27 -1.89 5.16 1.79
N VAL A 28 -1.49 4.25 2.67
CA VAL A 28 -1.85 2.84 2.54
C VAL A 28 -3.37 2.66 2.64
N MET A 29 -4.00 3.44 3.50
CA MET A 29 -5.44 3.34 3.70
C MET A 29 -6.22 4.11 2.64
N LYS A 30 -5.50 4.79 1.76
CA LYS A 30 -6.12 5.55 0.67
C LYS A 30 -6.00 4.81 -0.65
N ASP A 31 -5.26 3.71 -0.67
CA ASP A 31 -5.09 2.93 -1.89
C ASP A 31 -6.32 2.08 -2.15
N GLN A 32 -6.73 2.04 -3.41
CA GLN A 32 -7.95 1.35 -3.81
C GLN A 32 -7.82 -0.16 -3.63
N ASP A 33 -6.68 -0.70 -4.04
CA ASP A 33 -6.45 -2.14 -4.00
C ASP A 33 -6.31 -2.61 -2.55
N VAL A 34 -5.56 -1.85 -1.76
CA VAL A 34 -5.33 -2.18 -0.35
C VAL A 34 -6.64 -2.34 0.42
N GLN A 35 -7.50 -1.33 0.37
CA GLN A 35 -8.75 -1.35 1.13
C GLN A 35 -9.70 -2.44 0.63
N ALA A 36 -9.68 -2.69 -0.68
CA ALA A 36 -10.46 -3.77 -1.25
C ALA A 36 -9.94 -5.13 -0.77
N PHE A 37 -8.62 -5.23 -0.74
CA PHE A 37 -7.95 -6.41 -0.24
C PHE A 37 -8.29 -6.65 1.24
N LEU A 38 -8.36 -5.56 1.99
CA LEU A 38 -8.67 -5.64 3.42
C LEU A 38 -10.03 -6.24 3.67
N LYS A 39 -11.06 -5.74 2.98
CA LYS A 39 -12.43 -6.21 3.20
C LYS A 39 -12.60 -7.63 2.67
N GLU A 40 -11.75 -8.01 1.74
CA GLU A 40 -11.77 -9.36 1.20
C GLU A 40 -11.14 -10.35 2.19
N ASN A 41 -10.09 -9.91 2.86
CA ASN A 41 -9.34 -10.79 3.75
C ASN A 41 -9.53 -10.42 5.21
N GLU A 42 -10.65 -9.79 5.51
CA GLU A 42 -10.94 -9.31 6.87
C GLU A 42 -11.04 -10.47 7.86
N GLU A 43 -11.30 -11.66 7.33
CA GLU A 43 -11.44 -12.85 8.15
C GLU A 43 -10.07 -13.34 8.63
N VAL A 44 -9.03 -12.92 7.93
CA VAL A 44 -7.68 -13.35 8.23
C VAL A 44 -6.88 -12.23 8.86
N ILE A 45 -6.96 -11.06 8.25
CA ILE A 45 -6.13 -9.92 8.65
C ILE A 45 -6.69 -9.19 9.87
N ASP A 46 -5.80 -8.72 10.72
CA ASP A 46 -6.19 -7.94 11.88
C ASP A 46 -5.35 -6.66 11.94
N GLN A 47 -5.55 -5.84 12.97
CA GLN A 47 -4.86 -4.57 13.10
C GLN A 47 -3.35 -4.75 13.28
N LYS A 48 -2.95 -5.73 14.11
CA LYS A 48 -1.54 -6.02 14.30
C LYS A 48 -0.90 -6.42 12.98
N MET A 49 -1.58 -7.28 12.23
CA MET A 49 -1.09 -7.72 10.94
C MET A 49 -0.82 -6.52 10.03
N ILE A 50 -1.70 -5.52 10.11
CA ILE A 50 -1.54 -4.30 9.33
C ILE A 50 -0.25 -3.58 9.69
N GLU A 51 -0.06 -3.32 10.97
CA GLU A 51 1.12 -2.60 11.46
C GLU A 51 2.41 -3.38 11.14
N LYS A 52 2.33 -4.70 11.26
CA LYS A 52 3.48 -5.56 11.02
C LYS A 52 3.86 -5.59 9.55
N SER A 53 2.89 -5.36 8.68
CA SER A 53 3.14 -5.41 7.24
C SER A 53 2.97 -4.03 6.60
N LEU A 54 2.96 -2.99 7.43
CA LEU A 54 2.86 -1.61 6.96
C LEU A 54 3.91 -1.33 5.91
N ASN A 55 5.11 -1.80 6.19
CA ASN A 55 6.23 -1.65 5.27
C ASN A 55 5.92 -2.32 3.93
N LYS A 56 5.36 -3.52 3.99
CA LYS A 56 5.03 -4.28 2.78
C LYS A 56 3.91 -3.60 2.00
N LEU A 57 2.83 -3.26 2.71
CA LEU A 57 1.69 -2.60 2.10
C LEU A 57 2.11 -1.31 1.41
N TYR A 58 3.00 -0.58 2.05
CA TYR A 58 3.48 0.67 1.49
C TYR A 58 4.33 0.44 0.25
N GLU A 59 5.18 -0.57 0.30
CA GLU A 59 6.00 -0.94 -0.82
C GLU A 59 5.13 -1.29 -2.03
N TYR A 60 4.04 -1.98 -1.77
CA TYR A 60 3.11 -2.40 -2.81
C TYR A 60 2.56 -1.20 -3.58
N ILE A 61 2.04 -0.22 -2.85
CA ILE A 61 1.37 0.93 -3.47
C ILE A 61 2.37 1.85 -4.17
N GLU A 62 3.60 1.90 -3.66
CA GLU A 62 4.65 2.73 -4.25
C GLU A 62 5.19 2.10 -5.53
N GLN A 63 5.03 0.80 -5.65
CA GLN A 63 5.47 0.08 -6.83
C GLN A 63 4.46 0.21 -7.97
N SER A 64 4.88 -0.19 -9.16
CA SER A 64 4.04 -0.08 -10.34
C SER A 64 2.83 -1.02 -10.25
N LYS A 65 1.65 -0.42 -10.16
CA LYS A 65 0.40 -1.17 -10.22
C LYS A 65 0.25 -1.80 -11.61
N ASN A 66 0.88 -1.17 -12.60
CA ASN A 66 0.89 -1.65 -13.97
C ASN A 66 2.20 -2.33 -14.29
N CYS A 67 2.47 -2.50 -15.59
CA CYS A 67 3.74 -3.02 -16.05
C CYS A 67 3.91 -2.61 -17.50
N SER A 68 5.15 -2.59 -17.97
CA SER A 68 5.46 -2.06 -19.30
C SER A 68 4.87 -2.95 -20.40
N TYR A 69 4.67 -4.22 -20.07
CA TYR A 69 4.10 -5.18 -21.01
C TYR A 69 2.63 -4.86 -21.31
N CYS A 70 2.08 -3.88 -20.60
CA CYS A 70 0.71 -3.44 -20.85
C CYS A 70 0.63 -1.92 -20.87
N SER A 71 1.75 -1.26 -20.70
CA SER A 71 1.79 0.19 -20.67
C SER A 71 2.76 0.72 -21.73
N GLU A 72 2.42 1.84 -22.32
CA GLU A 72 3.20 2.41 -23.41
C GLU A 72 4.46 3.08 -22.87
N ASP A 73 4.50 3.29 -21.57
CA ASP A 73 5.65 3.91 -20.92
C ASP A 73 6.77 2.92 -20.71
N GLU A 74 7.63 2.76 -21.71
CA GLU A 74 8.82 1.93 -21.62
C GLU A 74 9.83 2.54 -20.66
N ASN A 75 9.58 3.79 -20.27
CA ASN A 75 10.46 4.52 -19.38
C ASN A 75 10.35 4.00 -17.94
N CYS A 76 9.28 3.28 -17.65
CA CYS A 76 9.06 2.76 -16.31
C CYS A 76 10.04 1.63 -15.98
N ASN A 77 10.87 1.84 -14.98
CA ASN A 77 11.85 0.85 -14.58
C ASN A 77 11.23 -0.11 -13.56
N ASN A 78 10.82 -1.27 -14.05
CA ASN A 78 10.17 -2.26 -13.21
C ASN A 78 11.14 -3.37 -12.84
N LEU A 79 11.22 -3.68 -11.55
CA LEU A 79 12.11 -4.72 -11.03
C LEU A 79 11.67 -6.10 -11.51
N LEU A 80 10.39 -6.24 -11.84
CA LEU A 80 9.87 -7.48 -12.41
C LEU A 80 8.83 -7.13 -13.47
N GLU A 81 9.21 -7.25 -14.73
CA GLU A 81 8.36 -6.88 -15.84
C GLU A 81 7.59 -8.09 -16.36
N GLY A 82 6.41 -7.82 -16.89
CA GLY A 82 5.52 -8.89 -17.33
C GLY A 82 4.60 -9.33 -16.22
N TYR A 83 4.88 -8.85 -15.01
CA TYR A 83 4.10 -9.21 -13.84
C TYR A 83 3.56 -7.95 -13.17
N HIS A 84 2.61 -8.14 -12.25
CA HIS A 84 2.15 -7.07 -11.37
C HIS A 84 2.23 -7.54 -9.94
N PRO A 85 2.53 -6.63 -9.00
CA PRO A 85 2.54 -6.95 -7.58
C PRO A 85 1.13 -7.14 -7.04
N LYS A 86 0.98 -8.05 -6.09
CA LYS A 86 -0.30 -8.27 -5.46
C LYS A 86 -0.11 -8.55 -3.97
N LEU A 87 -1.10 -8.18 -3.19
CA LEU A 87 -1.06 -8.42 -1.76
C LEU A 87 -1.55 -9.83 -1.47
N VAL A 88 -0.85 -10.53 -0.60
CA VAL A 88 -1.27 -11.85 -0.17
C VAL A 88 -1.15 -11.95 1.34
N VAL A 89 -1.98 -12.77 1.95
CA VAL A 89 -1.83 -13.03 3.37
C VAL A 89 -1.35 -14.46 3.57
N ASN A 90 -0.12 -14.57 4.05
CA ASN A 90 0.52 -15.86 4.25
C ASN A 90 0.63 -16.16 5.74
N GLY A 91 -0.23 -17.05 6.22
CA GLY A 91 -0.26 -17.36 7.63
C GLY A 91 -0.79 -16.20 8.45
N ARG A 92 0.10 -15.51 9.14
CA ARG A 92 -0.27 -14.33 9.92
C ARG A 92 0.42 -13.09 9.38
N SER A 93 1.12 -13.23 8.27
CA SER A 93 1.88 -12.13 7.71
C SER A 93 1.44 -11.81 6.28
N ILE A 94 1.34 -10.53 5.97
CA ILE A 94 0.97 -10.10 4.63
C ILE A 94 2.22 -9.90 3.78
N ASP A 95 2.17 -10.35 2.54
CA ASP A 95 3.33 -10.29 1.65
C ASP A 95 2.93 -9.77 0.28
N ILE A 96 3.92 -9.65 -0.59
CA ILE A 96 3.70 -9.12 -1.93
C ILE A 96 4.16 -10.12 -2.98
N GLU A 97 3.21 -10.69 -3.70
CA GLU A 97 3.51 -11.65 -4.73
C GLU A 97 3.39 -11.00 -6.10
N TYR A 98 3.63 -11.77 -7.14
CA TYR A 98 3.53 -11.28 -8.49
C TYR A 98 2.66 -12.19 -9.33
N TYR A 99 1.75 -11.60 -10.09
CA TYR A 99 0.94 -12.38 -11.01
C TYR A 99 1.23 -11.94 -12.43
N GLU A 100 1.27 -12.92 -13.32
CA GLU A 100 1.51 -12.67 -14.74
C GLU A 100 0.48 -11.69 -15.30
N CYS A 101 0.97 -10.64 -15.94
CA CYS A 101 0.10 -9.68 -16.60
C CYS A 101 -0.84 -10.41 -17.56
N PRO A 102 -2.17 -10.25 -17.37
CA PRO A 102 -3.20 -10.95 -18.15
C PRO A 102 -3.17 -10.61 -19.64
N VAL A 103 -2.26 -9.72 -20.02
CA VAL A 103 -2.07 -9.38 -21.41
C VAL A 103 -1.22 -10.44 -22.11
N LYS A 104 -0.15 -10.87 -21.46
CA LYS A 104 0.75 -11.86 -22.04
C LYS A 104 0.20 -13.28 -21.84
N ARG A 105 -0.67 -13.44 -20.84
CA ARG A 105 -1.35 -14.71 -20.63
C ARG A 105 -2.80 -14.46 -20.27
N LYS A 106 -3.67 -14.60 -21.25
CA LYS A 106 -5.09 -14.36 -21.06
C LYS A 106 -5.86 -15.67 -21.10
ZN ZN B . 0.86 -5.40 -17.09
N MET A 1 7.22 25.04 28.58
CA MET A 1 6.08 25.52 27.77
C MET A 1 4.91 25.92 28.65
N GLU A 2 4.59 27.21 28.62
CA GLU A 2 3.48 27.75 29.40
C GLU A 2 2.23 27.84 28.51
N PRO A 3 1.03 27.84 29.11
CA PRO A 3 -0.22 28.02 28.36
C PRO A 3 -0.33 29.42 27.80
N ILE A 4 0.14 29.61 26.56
CA ILE A 4 0.15 30.92 25.93
C ILE A 4 -0.56 30.85 24.58
N GLY A 5 -1.67 31.56 24.46
CA GLY A 5 -2.37 31.63 23.20
C GLY A 5 -3.56 30.69 23.15
N ARG A 6 -4.67 31.18 22.61
CA ARG A 6 -5.87 30.36 22.43
C ARG A 6 -6.09 30.08 20.96
N SER A 7 -5.84 28.83 20.56
CA SER A 7 -6.03 28.42 19.18
C SER A 7 -6.62 27.01 19.13
N LEU A 8 -7.52 26.78 18.19
CA LEU A 8 -8.12 25.47 18.00
C LEU A 8 -7.09 24.55 17.35
N GLN A 9 -6.16 25.14 16.61
CA GLN A 9 -5.10 24.39 15.94
C GLN A 9 -3.94 24.14 16.91
N GLY A 10 -4.27 23.77 18.14
CA GLY A 10 -3.27 23.54 19.16
C GLY A 10 -2.58 22.20 19.00
N VAL A 11 -1.81 22.06 17.93
CA VAL A 11 -1.03 20.86 17.72
C VAL A 11 0.35 21.04 18.32
N THR A 12 0.51 20.58 19.55
CA THR A 12 1.78 20.72 20.25
C THR A 12 2.81 19.74 19.71
N GLY A 13 3.66 20.22 18.82
CA GLY A 13 4.71 19.40 18.27
C GLY A 13 4.23 18.49 17.16
N ARG A 14 5.03 18.38 16.11
CA ARG A 14 4.75 17.47 15.01
C ARG A 14 6.03 17.07 14.30
N PRO A 15 6.79 16.14 14.88
CA PRO A 15 8.04 15.65 14.27
C PRO A 15 7.79 14.85 12.99
N ASP A 16 8.80 14.79 12.13
CA ASP A 16 8.70 14.07 10.86
C ASP A 16 8.25 12.63 11.07
N PHE A 17 8.64 12.06 12.21
CA PHE A 17 8.26 10.69 12.55
C PHE A 17 6.75 10.51 12.49
N GLN A 18 6.01 11.33 13.23
CA GLN A 18 4.57 11.18 13.29
C GLN A 18 3.94 11.63 11.98
N LYS A 19 4.59 12.59 11.32
CA LYS A 19 4.10 13.13 10.07
C LYS A 19 4.18 12.09 8.95
N ARG A 20 5.31 11.41 8.84
CA ARG A 20 5.46 10.37 7.83
C ARG A 20 4.62 9.16 8.20
N LEU A 21 4.37 8.99 9.49
CA LEU A 21 3.55 7.89 9.99
C LEU A 21 2.10 8.06 9.57
N GLU A 22 1.54 9.25 9.80
CA GLU A 22 0.19 9.55 9.36
C GLU A 22 0.13 9.67 7.84
N GLN A 23 1.23 10.12 7.24
CA GLN A 23 1.31 10.30 5.80
C GLN A 23 1.18 8.97 5.08
N MET A 24 2.03 8.01 5.47
CA MET A 24 1.97 6.67 4.86
C MET A 24 0.62 6.02 5.15
N LYS A 25 0.10 6.23 6.35
CA LYS A 25 -1.20 5.72 6.74
C LYS A 25 -2.27 6.21 5.77
N GLU A 26 -2.28 7.51 5.53
CA GLU A 26 -3.23 8.13 4.61
C GLU A 26 -3.09 7.53 3.21
N LYS A 27 -1.86 7.49 2.73
CA LYS A 27 -1.53 6.92 1.42
C LYS A 27 -2.09 5.51 1.26
N VAL A 28 -1.80 4.65 2.23
CA VAL A 28 -2.21 3.26 2.18
C VAL A 28 -3.74 3.13 2.18
N MET A 29 -4.41 4.04 2.89
CA MET A 29 -5.88 4.02 2.98
C MET A 29 -6.52 4.50 1.68
N LYS A 30 -5.70 5.01 0.76
CA LYS A 30 -6.21 5.58 -0.48
C LYS A 30 -6.02 4.64 -1.66
N ASP A 31 -5.28 3.55 -1.46
CA ASP A 31 -4.97 2.66 -2.56
C ASP A 31 -6.09 1.64 -2.77
N GLN A 32 -6.49 1.50 -4.02
CA GLN A 32 -7.58 0.59 -4.39
C GLN A 32 -7.20 -0.86 -4.10
N ASP A 33 -5.96 -1.22 -4.41
CA ASP A 33 -5.51 -2.60 -4.27
C ASP A 33 -5.42 -2.97 -2.80
N VAL A 34 -4.83 -2.08 -2.02
CA VAL A 34 -4.70 -2.28 -0.58
C VAL A 34 -6.06 -2.52 0.08
N GLN A 35 -6.98 -1.58 -0.11
CA GLN A 35 -8.28 -1.65 0.54
C GLN A 35 -9.08 -2.86 0.05
N ALA A 36 -8.88 -3.23 -1.21
CA ALA A 36 -9.49 -4.43 -1.76
C ALA A 36 -8.93 -5.69 -1.07
N PHE A 37 -7.64 -5.70 -0.86
CA PHE A 37 -6.98 -6.81 -0.16
C PHE A 37 -7.43 -6.88 1.29
N LEU A 38 -7.63 -5.71 1.89
CA LEU A 38 -8.07 -5.63 3.28
C LEU A 38 -9.39 -6.35 3.47
N LYS A 39 -10.33 -6.13 2.57
CA LYS A 39 -11.64 -6.76 2.66
C LYS A 39 -11.57 -8.21 2.14
N GLU A 40 -10.60 -8.46 1.27
CA GLU A 40 -10.40 -9.79 0.70
C GLU A 40 -10.07 -10.80 1.79
N ASN A 41 -9.11 -10.44 2.61
CA ASN A 41 -8.64 -11.32 3.68
C ASN A 41 -8.93 -10.75 5.05
N GLU A 42 -10.00 -9.98 5.16
CA GLU A 42 -10.33 -9.28 6.41
C GLU A 42 -10.55 -10.24 7.58
N GLU A 43 -10.89 -11.47 7.26
CA GLU A 43 -11.13 -12.49 8.28
C GLU A 43 -9.82 -13.14 8.71
N VAL A 44 -8.85 -13.13 7.81
CA VAL A 44 -7.58 -13.83 8.04
C VAL A 44 -6.52 -12.88 8.60
N ILE A 45 -6.49 -11.67 8.05
CA ILE A 45 -5.51 -10.67 8.46
C ILE A 45 -5.81 -10.16 9.86
N ASP A 46 -4.76 -9.95 10.63
CA ASP A 46 -4.89 -9.38 11.96
C ASP A 46 -4.76 -7.88 11.90
N GLN A 47 -5.40 -7.18 12.81
CA GLN A 47 -5.21 -5.75 12.93
C GLN A 47 -3.75 -5.47 13.26
N LYS A 48 -3.17 -6.35 14.08
CA LYS A 48 -1.76 -6.28 14.42
C LYS A 48 -0.90 -6.47 13.16
N MET A 49 -1.30 -7.44 12.35
CA MET A 49 -0.63 -7.75 11.09
C MET A 49 -0.54 -6.50 10.20
N ILE A 50 -1.60 -5.70 10.21
CA ILE A 50 -1.65 -4.46 9.44
C ILE A 50 -0.58 -3.49 9.91
N GLU A 51 -0.51 -3.27 11.22
CA GLU A 51 0.49 -2.37 11.80
C GLU A 51 1.90 -2.84 11.45
N LYS A 52 2.09 -4.16 11.44
CA LYS A 52 3.40 -4.74 11.21
C LYS A 52 3.77 -4.71 9.72
N SER A 53 2.76 -4.79 8.86
CA SER A 53 3.01 -4.90 7.42
C SER A 53 2.71 -3.60 6.69
N LEU A 54 2.52 -2.51 7.44
CA LEU A 54 2.24 -1.20 6.86
C LEU A 54 3.35 -0.80 5.88
N ASN A 55 4.59 -1.12 6.25
CA ASN A 55 5.74 -0.84 5.40
C ASN A 55 5.61 -1.57 4.06
N LYS A 56 5.12 -2.81 4.08
CA LYS A 56 4.93 -3.59 2.87
C LYS A 56 3.82 -3.02 2.01
N LEU A 57 2.72 -2.65 2.65
CA LEU A 57 1.59 -2.05 1.94
C LEU A 57 2.01 -0.74 1.28
N TYR A 58 2.82 0.04 1.99
CA TYR A 58 3.31 1.31 1.45
C TYR A 58 4.27 1.07 0.28
N GLU A 59 5.17 0.10 0.44
CA GLU A 59 6.08 -0.29 -0.65
C GLU A 59 5.29 -0.73 -1.86
N TYR A 60 4.28 -1.56 -1.61
CA TYR A 60 3.45 -2.13 -2.65
C TYR A 60 2.75 -1.06 -3.50
N ILE A 61 2.27 0.00 -2.85
CA ILE A 61 1.52 1.02 -3.56
C ILE A 61 2.46 1.93 -4.37
N GLU A 62 3.69 2.10 -3.90
CA GLU A 62 4.63 2.95 -4.60
C GLU A 62 5.33 2.19 -5.73
N GLN A 63 5.36 0.87 -5.64
CA GLN A 63 6.13 0.06 -6.57
C GLN A 63 5.23 -0.65 -7.58
N SER A 64 5.75 -0.78 -8.80
CA SER A 64 5.27 -1.76 -9.77
C SER A 64 3.76 -1.70 -10.03
N LYS A 65 3.18 -0.50 -10.00
CA LYS A 65 1.73 -0.36 -10.22
C LYS A 65 1.34 -0.81 -11.62
N ASN A 66 2.28 -0.74 -12.55
CA ASN A 66 2.05 -1.14 -13.92
C ASN A 66 3.16 -2.04 -14.42
N CYS A 67 3.20 -2.26 -15.72
CA CYS A 67 4.26 -3.03 -16.32
C CYS A 67 4.37 -2.68 -17.79
N SER A 68 5.50 -3.00 -18.38
CA SER A 68 5.84 -2.56 -19.74
C SER A 68 4.88 -3.10 -20.79
N TYR A 69 4.27 -4.24 -20.48
CA TYR A 69 3.34 -4.88 -21.38
C TYR A 69 2.05 -4.09 -21.51
N CYS A 70 1.81 -3.18 -20.60
CA CYS A 70 0.58 -2.40 -20.62
C CYS A 70 0.87 -0.89 -20.63
N SER A 71 2.13 -0.53 -20.73
CA SER A 71 2.50 0.88 -20.76
C SER A 71 3.58 1.11 -21.83
N GLU A 72 3.63 2.31 -22.38
CA GLU A 72 4.69 2.67 -23.30
C GLU A 72 5.94 3.07 -22.52
N ASP A 73 5.73 3.42 -21.25
CA ASP A 73 6.81 3.70 -20.33
C ASP A 73 7.68 2.46 -20.15
N GLU A 74 8.86 2.47 -20.77
CA GLU A 74 9.77 1.34 -20.66
C GLU A 74 10.54 1.38 -19.34
N ASN A 75 10.47 2.52 -18.67
CA ASN A 75 11.11 2.70 -17.38
C ASN A 75 10.19 2.24 -16.26
N CYS A 76 10.06 0.93 -16.12
CA CYS A 76 9.16 0.35 -15.15
C CYS A 76 9.81 0.21 -13.77
N ASN A 77 9.05 0.51 -12.73
CA ASN A 77 9.47 0.26 -11.36
C ASN A 77 8.96 -1.12 -10.95
N ASN A 78 9.00 -2.04 -11.90
CA ASN A 78 8.41 -3.36 -11.75
C ASN A 78 9.51 -4.43 -11.78
N LEU A 79 9.39 -5.42 -10.90
CA LEU A 79 10.36 -6.50 -10.82
C LEU A 79 10.10 -7.53 -11.91
N LEU A 80 8.99 -8.25 -11.78
CA LEU A 80 8.62 -9.28 -12.73
C LEU A 80 7.87 -8.68 -13.91
N GLU A 81 8.57 -8.49 -15.02
CA GLU A 81 7.96 -7.91 -16.21
C GLU A 81 6.86 -8.82 -16.75
N GLY A 82 5.77 -8.20 -17.18
CA GLY A 82 4.61 -8.94 -17.66
C GLY A 82 3.66 -9.26 -16.53
N TYR A 83 4.10 -8.99 -15.30
CA TYR A 83 3.30 -9.27 -14.12
C TYR A 83 3.07 -8.00 -13.31
N HIS A 84 2.18 -8.07 -12.33
CA HIS A 84 1.94 -6.97 -11.38
C HIS A 84 1.93 -7.54 -9.97
N PRO A 85 2.27 -6.73 -8.98
CA PRO A 85 2.29 -7.16 -7.59
C PRO A 85 0.90 -7.21 -6.97
N LYS A 86 0.73 -8.09 -6.00
CA LYS A 86 -0.51 -8.19 -5.27
C LYS A 86 -0.22 -8.64 -3.84
N LEU A 87 -0.91 -8.00 -2.90
CA LEU A 87 -0.77 -8.34 -1.50
C LEU A 87 -1.33 -9.73 -1.23
N VAL A 88 -0.55 -10.54 -0.53
CA VAL A 88 -0.98 -11.88 -0.16
C VAL A 88 -0.62 -12.15 1.29
N VAL A 89 -1.41 -12.97 1.97
CA VAL A 89 -1.14 -13.31 3.35
C VAL A 89 -0.55 -14.71 3.46
N ASN A 90 0.68 -14.78 3.95
CA ASN A 90 1.34 -16.06 4.17
C ASN A 90 1.54 -16.26 5.67
N GLY A 91 0.64 -17.04 6.26
CA GLY A 91 0.68 -17.23 7.69
C GLY A 91 0.20 -16.01 8.43
N ARG A 92 1.08 -15.43 9.23
CA ARG A 92 0.75 -14.20 9.95
C ARG A 92 1.55 -13.03 9.41
N SER A 93 2.17 -13.22 8.25
CA SER A 93 2.90 -12.16 7.60
C SER A 93 2.35 -11.88 6.20
N ILE A 94 2.31 -10.61 5.83
CA ILE A 94 1.80 -10.22 4.53
C ILE A 94 2.95 -10.03 3.54
N ASP A 95 2.83 -10.64 2.38
CA ASP A 95 3.86 -10.58 1.36
C ASP A 95 3.33 -9.91 0.11
N ILE A 96 4.21 -9.71 -0.86
CA ILE A 96 3.85 -9.09 -2.12
C ILE A 96 4.32 -9.97 -3.27
N GLU A 97 3.40 -10.76 -3.81
CA GLU A 97 3.72 -11.65 -4.90
C GLU A 97 3.16 -11.08 -6.21
N TYR A 98 3.30 -11.82 -7.30
CA TYR A 98 2.96 -11.27 -8.61
C TYR A 98 1.92 -12.10 -9.35
N TYR A 99 1.00 -11.41 -10.00
CA TYR A 99 0.05 -12.04 -10.91
C TYR A 99 0.31 -11.52 -12.32
N GLU A 100 -0.10 -12.27 -13.33
CA GLU A 100 0.18 -11.89 -14.71
C GLU A 100 -0.69 -10.71 -15.16
N CYS A 101 -0.09 -9.81 -15.96
CA CYS A 101 -0.81 -8.67 -16.51
C CYS A 101 -1.97 -9.17 -17.37
N PRO A 102 -3.20 -8.75 -17.06
CA PRO A 102 -4.40 -9.15 -17.80
C PRO A 102 -4.34 -8.78 -19.29
N VAL A 103 -3.43 -7.86 -19.62
CA VAL A 103 -3.20 -7.46 -21.00
C VAL A 103 -2.61 -8.61 -21.82
N LYS A 104 -2.08 -9.62 -21.13
CA LYS A 104 -1.55 -10.80 -21.81
C LYS A 104 -2.68 -11.58 -22.47
N ARG A 105 -3.90 -11.29 -22.04
CA ARG A 105 -5.09 -11.87 -22.65
C ARG A 105 -5.62 -10.91 -23.70
N LYS A 106 -5.13 -11.06 -24.93
CA LYS A 106 -5.57 -10.22 -26.03
C LYS A 106 -6.77 -10.85 -26.71
ZN ZN B . 0.79 -4.65 -16.97
N MET A 1 -16.51 6.00 13.13
CA MET A 1 -17.28 7.02 13.88
C MET A 1 -16.46 7.51 15.08
N GLU A 2 -15.14 7.39 14.97
CA GLU A 2 -14.25 7.70 16.08
C GLU A 2 -13.35 8.89 15.73
N PRO A 3 -13.82 10.12 15.99
CA PRO A 3 -13.05 11.33 15.67
C PRO A 3 -11.69 11.36 16.37
N ILE A 4 -10.69 11.85 15.67
CA ILE A 4 -9.35 11.92 16.24
C ILE A 4 -9.11 13.30 16.85
N GLY A 5 -9.35 13.42 18.14
CA GLY A 5 -9.20 14.69 18.80
C GLY A 5 -9.23 14.58 20.31
N ARG A 6 -8.68 13.49 20.85
CA ARG A 6 -8.57 13.36 22.29
C ARG A 6 -7.34 14.12 22.80
N SER A 7 -7.59 15.35 23.24
CA SER A 7 -6.52 16.22 23.70
C SER A 7 -6.38 16.11 25.21
N LEU A 8 -5.19 15.71 25.66
CA LEU A 8 -4.93 15.56 27.09
C LEU A 8 -4.93 16.92 27.78
N GLN A 9 -4.00 17.77 27.39
CA GLN A 9 -3.86 19.09 27.97
C GLN A 9 -3.53 20.10 26.87
N GLY A 10 -3.86 19.74 25.66
CA GLY A 10 -3.43 20.49 24.51
C GLY A 10 -2.51 19.66 23.66
N VAL A 11 -1.72 20.29 22.83
CA VAL A 11 -0.77 19.56 22.01
C VAL A 11 0.59 19.52 22.67
N THR A 12 0.89 18.38 23.30
CA THR A 12 2.18 18.17 23.94
C THR A 12 3.28 18.08 22.88
N GLY A 13 2.87 17.78 21.65
CA GLY A 13 3.80 17.71 20.55
C GLY A 13 3.37 16.70 19.52
N ARG A 14 4.10 16.65 18.42
CA ARG A 14 3.85 15.67 17.37
C ARG A 14 5.18 15.27 16.72
N PRO A 15 5.87 14.29 17.33
CA PRO A 15 7.16 13.79 16.83
C PRO A 15 7.08 13.36 15.37
N ASP A 16 8.13 13.67 14.61
CA ASP A 16 8.16 13.36 13.19
C ASP A 16 8.13 11.85 12.95
N PHE A 17 8.45 11.08 13.98
CA PHE A 17 8.32 9.63 13.94
C PHE A 17 6.86 9.24 13.67
N GLN A 18 5.95 9.76 14.48
CA GLN A 18 4.54 9.44 14.33
C GLN A 18 4.00 10.11 13.06
N LYS A 19 4.54 11.28 12.75
CA LYS A 19 4.17 12.01 11.55
C LYS A 19 4.45 11.15 10.31
N ARG A 20 5.61 10.52 10.30
CA ARG A 20 5.99 9.61 9.23
C ARG A 20 5.14 8.35 9.26
N LEU A 21 5.07 7.72 10.42
CA LEU A 21 4.38 6.45 10.58
C LEU A 21 2.91 6.53 10.18
N GLU A 22 2.21 7.53 10.70
CA GLU A 22 0.79 7.67 10.43
C GLU A 22 0.53 8.24 9.04
N GLN A 23 1.48 9.02 8.52
CA GLN A 23 1.36 9.54 7.16
C GLN A 23 1.36 8.39 6.16
N MET A 24 2.39 7.57 6.23
CA MET A 24 2.48 6.38 5.37
C MET A 24 1.32 5.44 5.65
N LYS A 25 0.89 5.40 6.91
CA LYS A 25 -0.27 4.62 7.32
C LYS A 25 -1.50 5.04 6.50
N GLU A 26 -1.79 6.34 6.53
CA GLU A 26 -2.92 6.90 5.81
C GLU A 26 -2.73 6.71 4.31
N LYS A 27 -1.50 6.90 3.83
CA LYS A 27 -1.16 6.70 2.42
C LYS A 27 -1.60 5.33 1.93
N VAL A 28 -1.43 4.33 2.78
CA VAL A 28 -1.78 2.96 2.42
C VAL A 28 -3.29 2.81 2.34
N MET A 29 -3.98 3.46 3.26
CA MET A 29 -5.45 3.39 3.32
C MET A 29 -6.10 4.19 2.20
N LYS A 30 -5.27 4.90 1.42
CA LYS A 30 -5.77 5.70 0.32
C LYS A 30 -5.64 4.97 -1.02
N ASP A 31 -5.00 3.81 -1.00
CA ASP A 31 -4.81 3.04 -2.22
C ASP A 31 -6.03 2.16 -2.50
N GLN A 32 -6.37 2.06 -3.78
CA GLN A 32 -7.54 1.33 -4.21
C GLN A 32 -7.38 -0.18 -4.04
N ASP A 33 -6.19 -0.68 -4.33
CA ASP A 33 -5.95 -2.12 -4.32
C ASP A 33 -5.79 -2.60 -2.88
N VAL A 34 -5.06 -1.82 -2.09
CA VAL A 34 -4.86 -2.11 -0.68
C VAL A 34 -6.20 -2.28 0.04
N GLN A 35 -7.07 -1.28 -0.05
CA GLN A 35 -8.35 -1.33 0.64
C GLN A 35 -9.24 -2.44 0.08
N ALA A 36 -9.11 -2.70 -1.20
CA ALA A 36 -9.81 -3.82 -1.83
C ALA A 36 -9.30 -5.14 -1.27
N PHE A 37 -7.99 -5.22 -1.07
CA PHE A 37 -7.37 -6.40 -0.48
C PHE A 37 -7.81 -6.57 0.97
N LEU A 38 -7.90 -5.45 1.69
CA LEU A 38 -8.34 -5.46 3.08
C LEU A 38 -9.71 -6.09 3.22
N LYS A 39 -10.64 -5.70 2.36
CA LYS A 39 -12.00 -6.21 2.44
C LYS A 39 -12.08 -7.60 1.81
N GLU A 40 -11.11 -7.92 0.97
CA GLU A 40 -11.01 -9.23 0.35
C GLU A 40 -10.68 -10.28 1.41
N ASN A 41 -9.62 -10.01 2.15
CA ASN A 41 -9.13 -10.93 3.16
C ASN A 41 -9.43 -10.43 4.57
N GLU A 42 -10.53 -9.69 4.71
CA GLU A 42 -10.93 -9.13 6.01
C GLU A 42 -11.26 -10.24 6.99
N GLU A 43 -11.46 -11.44 6.45
CA GLU A 43 -11.76 -12.61 7.25
C GLU A 43 -10.51 -13.12 7.95
N VAL A 44 -9.35 -12.72 7.43
CA VAL A 44 -8.08 -13.25 7.92
C VAL A 44 -7.19 -12.13 8.47
N ILE A 45 -7.23 -10.98 7.82
CA ILE A 45 -6.35 -9.87 8.18
C ILE A 45 -6.78 -9.20 9.49
N ASP A 46 -5.78 -8.83 10.29
CA ASP A 46 -5.99 -8.12 11.53
C ASP A 46 -5.50 -6.68 11.40
N GLN A 47 -5.90 -5.83 12.34
CA GLN A 47 -5.35 -4.47 12.39
C GLN A 47 -3.88 -4.56 12.77
N LYS A 48 -3.58 -5.51 13.66
CA LYS A 48 -2.23 -5.82 14.06
C LYS A 48 -1.39 -6.21 12.85
N MET A 49 -1.98 -7.02 11.99
CA MET A 49 -1.34 -7.46 10.76
C MET A 49 -0.98 -6.28 9.87
N ILE A 50 -1.85 -5.27 9.86
CA ILE A 50 -1.64 -4.07 9.05
C ILE A 50 -0.40 -3.31 9.51
N GLU A 51 -0.34 -2.98 10.80
CA GLU A 51 0.81 -2.32 11.41
C GLU A 51 2.11 -3.06 11.08
N LYS A 52 2.09 -4.37 11.25
CA LYS A 52 3.28 -5.18 11.04
C LYS A 52 3.68 -5.24 9.57
N SER A 53 2.70 -5.31 8.68
CA SER A 53 2.97 -5.45 7.26
C SER A 53 2.79 -4.10 6.56
N LEU A 54 2.79 -3.05 7.35
CA LEU A 54 2.52 -1.71 6.86
C LEU A 54 3.61 -1.26 5.90
N ASN A 55 4.85 -1.54 6.28
CA ASN A 55 6.00 -1.27 5.44
C ASN A 55 5.87 -1.98 4.09
N LYS A 56 5.28 -3.17 4.11
CA LYS A 56 5.06 -3.94 2.88
C LYS A 56 4.05 -3.25 1.98
N LEU A 57 2.89 -2.94 2.54
CA LEU A 57 1.81 -2.33 1.79
C LEU A 57 2.21 -0.96 1.25
N TYR A 58 2.94 -0.19 2.06
CA TYR A 58 3.40 1.12 1.63
C TYR A 58 4.44 0.98 0.53
N GLU A 59 5.32 0.01 0.70
CA GLU A 59 6.35 -0.26 -0.29
C GLU A 59 5.71 -0.68 -1.62
N TYR A 60 4.67 -1.50 -1.51
CA TYR A 60 3.91 -1.97 -2.66
C TYR A 60 3.36 -0.81 -3.49
N ILE A 61 2.65 0.11 -2.84
CA ILE A 61 1.99 1.19 -3.55
C ILE A 61 2.98 2.20 -4.14
N GLU A 62 4.14 2.34 -3.51
CA GLU A 62 5.17 3.25 -4.01
C GLU A 62 5.94 2.62 -5.15
N GLN A 63 5.83 1.31 -5.27
CA GLN A 63 6.51 0.58 -6.35
C GLN A 63 5.71 0.63 -7.65
N SER A 64 6.21 -0.09 -8.65
CA SER A 64 5.59 -0.14 -9.97
C SER A 64 4.32 -0.99 -9.94
N LYS A 65 3.18 -0.35 -10.16
CA LYS A 65 1.88 -1.01 -10.12
C LYS A 65 1.65 -1.91 -11.33
N ASN A 66 2.27 -1.57 -12.43
CA ASN A 66 1.97 -2.21 -13.70
C ASN A 66 3.17 -3.01 -14.22
N CYS A 67 3.09 -3.47 -15.46
CA CYS A 67 4.18 -4.17 -16.09
C CYS A 67 4.36 -3.63 -17.50
N SER A 68 5.58 -3.53 -17.93
CA SER A 68 5.91 -2.82 -19.18
C SER A 68 5.45 -3.62 -20.40
N TYR A 69 5.07 -4.87 -20.18
CA TYR A 69 4.52 -5.71 -21.23
C TYR A 69 3.20 -5.13 -21.74
N CYS A 70 2.45 -4.48 -20.86
CA CYS A 70 1.12 -4.01 -21.23
C CYS A 70 1.02 -2.48 -21.24
N SER A 71 1.95 -1.82 -20.56
CA SER A 71 1.97 -0.37 -20.53
C SER A 71 3.21 0.16 -21.25
N GLU A 72 3.06 1.27 -21.96
CA GLU A 72 4.15 1.83 -22.75
C GLU A 72 4.59 3.16 -22.15
N ASP A 73 4.33 3.32 -20.86
CA ASP A 73 4.78 4.50 -20.14
C ASP A 73 6.28 4.43 -19.90
N GLU A 74 6.94 5.56 -20.05
CA GLU A 74 8.39 5.65 -19.91
C GLU A 74 8.82 5.27 -18.49
N ASN A 75 7.91 5.41 -17.53
CA ASN A 75 8.25 5.20 -16.13
C ASN A 75 7.75 3.85 -15.64
N CYS A 76 7.08 3.09 -16.49
CA CYS A 76 6.46 1.83 -16.08
C CYS A 76 7.39 0.65 -16.31
N ASN A 77 8.68 0.92 -16.43
CA ASN A 77 9.66 -0.14 -16.63
C ASN A 77 9.85 -0.94 -15.34
N ASN A 78 9.13 -2.05 -15.26
CA ASN A 78 9.17 -2.92 -14.10
C ASN A 78 10.31 -3.92 -14.26
N LEU A 79 10.99 -4.23 -13.15
CA LEU A 79 12.08 -5.20 -13.18
C LEU A 79 11.56 -6.56 -13.62
N LEU A 80 10.39 -6.92 -13.11
CA LEU A 80 9.69 -8.11 -13.56
C LEU A 80 8.85 -7.76 -14.78
N GLU A 81 8.50 -8.76 -15.57
CA GLU A 81 7.88 -8.51 -16.86
C GLU A 81 6.78 -9.51 -17.13
N GLY A 82 5.63 -8.99 -17.53
CA GLY A 82 4.48 -9.84 -17.75
C GLY A 82 3.77 -10.20 -16.48
N TYR A 83 4.20 -9.61 -15.37
CA TYR A 83 3.60 -9.85 -14.06
C TYR A 83 3.34 -8.53 -13.34
N HIS A 84 2.40 -8.54 -12.40
CA HIS A 84 2.12 -7.38 -11.56
C HIS A 84 2.17 -7.79 -10.09
N PRO A 85 2.53 -6.87 -9.19
CA PRO A 85 2.61 -7.14 -7.76
C PRO A 85 1.22 -7.16 -7.09
N LYS A 86 1.08 -7.96 -6.04
CA LYS A 86 -0.16 -8.06 -5.29
C LYS A 86 0.14 -8.33 -3.82
N LEU A 87 -0.83 -8.04 -2.96
CA LEU A 87 -0.69 -8.35 -1.54
C LEU A 87 -1.15 -9.77 -1.27
N VAL A 88 -0.42 -10.49 -0.43
CA VAL A 88 -0.79 -11.85 -0.06
C VAL A 88 -0.68 -12.04 1.44
N VAL A 89 -1.50 -12.93 1.98
CA VAL A 89 -1.47 -13.18 3.41
C VAL A 89 -0.74 -14.49 3.71
N ASN A 90 0.31 -14.39 4.49
CA ASN A 90 1.06 -15.56 4.92
C ASN A 90 1.10 -15.63 6.44
N GLY A 91 0.24 -16.46 7.00
CA GLY A 91 0.12 -16.54 8.43
C GLY A 91 -0.45 -15.26 9.02
N ARG A 92 0.37 -14.52 9.76
CA ARG A 92 -0.06 -13.26 10.35
C ARG A 92 0.71 -12.10 9.71
N SER A 93 1.34 -12.37 8.58
CA SER A 93 2.14 -11.38 7.90
C SER A 93 1.69 -11.24 6.44
N ILE A 94 1.63 -10.00 5.97
CA ILE A 94 1.25 -9.73 4.59
C ILE A 94 2.50 -9.52 3.75
N ASP A 95 2.54 -10.17 2.59
CA ASP A 95 3.71 -10.11 1.72
C ASP A 95 3.28 -9.65 0.34
N ILE A 96 4.24 -9.53 -0.56
CA ILE A 96 3.97 -9.03 -1.90
C ILE A 96 4.45 -10.04 -2.94
N GLU A 97 3.52 -10.68 -3.60
CA GLU A 97 3.83 -11.61 -4.67
C GLU A 97 3.49 -11.01 -6.02
N TYR A 98 3.70 -11.77 -7.07
CA TYR A 98 3.42 -11.32 -8.41
C TYR A 98 2.46 -12.27 -9.11
N TYR A 99 1.45 -11.71 -9.74
CA TYR A 99 0.51 -12.49 -10.53
C TYR A 99 0.72 -12.17 -11.99
N GLU A 100 0.37 -13.10 -12.86
CA GLU A 100 0.63 -12.92 -14.27
C GLU A 100 -0.31 -11.88 -14.87
N CYS A 101 0.25 -11.02 -15.70
CA CYS A 101 -0.49 -9.99 -16.39
C CYS A 101 -1.57 -10.62 -17.27
N PRO A 102 -2.83 -10.19 -17.11
CA PRO A 102 -3.94 -10.67 -17.93
C PRO A 102 -3.68 -10.46 -19.43
N VAL A 103 -2.82 -9.49 -19.72
CA VAL A 103 -2.46 -9.17 -21.10
C VAL A 103 -1.39 -10.12 -21.64
N LYS A 104 -0.77 -10.87 -20.73
CA LYS A 104 0.37 -11.73 -21.07
C LYS A 104 -0.06 -12.90 -21.95
N ARG A 105 -1.35 -13.17 -22.01
CA ARG A 105 -1.87 -14.27 -22.80
C ARG A 105 -3.06 -13.82 -23.64
N LYS A 106 -3.04 -12.56 -24.07
CA LYS A 106 -4.07 -12.04 -24.95
C LYS A 106 -3.84 -12.52 -26.38
ZN ZN B . 0.85 -5.92 -17.35
N MET A 1 -19.27 41.19 23.56
CA MET A 1 -20.32 40.49 24.35
C MET A 1 -20.70 39.16 23.70
N GLU A 2 -20.07 38.85 22.59
CA GLU A 2 -20.35 37.62 21.86
C GLU A 2 -19.18 36.66 22.00
N PRO A 3 -19.46 35.35 22.05
CA PRO A 3 -18.44 34.32 22.22
C PRO A 3 -17.70 34.02 20.93
N ILE A 4 -16.64 34.77 20.65
CA ILE A 4 -15.83 34.57 19.46
C ILE A 4 -14.96 33.32 19.62
N GLY A 5 -14.36 33.20 20.79
CA GLY A 5 -13.51 32.05 21.07
C GLY A 5 -12.06 32.44 21.24
N ARG A 6 -11.47 32.06 22.38
CA ARG A 6 -10.07 32.35 22.64
C ARG A 6 -9.27 31.06 22.77
N SER A 7 -9.98 29.94 22.82
CA SER A 7 -9.35 28.64 22.89
C SER A 7 -9.93 27.71 21.83
N LEU A 8 -9.34 27.74 20.65
CA LEU A 8 -9.77 26.89 19.55
C LEU A 8 -9.02 25.56 19.58
N GLN A 9 -7.71 25.64 19.47
CA GLN A 9 -6.86 24.47 19.51
C GLN A 9 -5.50 24.83 20.10
N GLY A 10 -5.04 24.02 21.03
CA GLY A 10 -3.74 24.23 21.62
C GLY A 10 -2.71 23.30 21.03
N VAL A 11 -1.83 23.84 20.21
CA VAL A 11 -0.82 23.03 19.55
C VAL A 11 0.34 22.71 20.48
N THR A 12 0.74 21.44 20.47
CA THR A 12 1.89 20.98 21.23
C THR A 12 3.12 20.99 20.35
N GLY A 13 2.93 21.44 19.11
CA GLY A 13 3.99 21.49 18.14
C GLY A 13 3.57 20.86 16.84
N ARG A 14 4.54 20.35 16.09
CA ARG A 14 4.27 19.65 14.83
C ARG A 14 5.23 18.48 14.67
N PRO A 15 4.93 17.35 15.35
CA PRO A 15 5.73 16.13 15.24
C PRO A 15 5.68 15.54 13.83
N ASP A 16 6.79 15.67 13.12
CA ASP A 16 6.88 15.22 11.73
C ASP A 16 6.86 13.70 11.64
N PHE A 17 7.24 13.03 12.73
CA PHE A 17 7.25 11.59 12.77
C PHE A 17 5.83 11.04 12.67
N GLN A 18 4.92 11.57 13.47
CA GLN A 18 3.54 11.11 13.46
C GLN A 18 2.87 11.51 12.16
N LYS A 19 3.30 12.64 11.60
CA LYS A 19 2.83 13.09 10.31
C LYS A 19 3.17 12.05 9.24
N ARG A 20 4.44 11.65 9.23
CA ARG A 20 4.92 10.64 8.28
C ARG A 20 4.24 9.30 8.52
N LEU A 21 4.16 8.89 9.79
CA LEU A 21 3.56 7.62 10.16
C LEU A 21 2.11 7.53 9.69
N GLU A 22 1.33 8.55 10.00
CA GLU A 22 -0.07 8.58 9.60
C GLU A 22 -0.23 8.90 8.12
N GLN A 23 0.74 9.62 7.55
CA GLN A 23 0.75 9.89 6.12
C GLN A 23 0.74 8.58 5.35
N MET A 24 1.75 7.75 5.63
CA MET A 24 1.85 6.45 4.98
C MET A 24 0.69 5.56 5.40
N LYS A 25 0.28 5.68 6.65
CA LYS A 25 -0.87 4.96 7.18
C LYS A 25 -2.11 5.22 6.31
N GLU A 26 -2.40 6.49 6.08
CA GLU A 26 -3.55 6.88 5.28
C GLU A 26 -3.36 6.48 3.82
N LYS A 27 -2.16 6.70 3.30
CA LYS A 27 -1.83 6.35 1.92
C LYS A 27 -2.07 4.88 1.64
N VAL A 28 -1.71 4.02 2.58
CA VAL A 28 -1.92 2.60 2.44
C VAL A 28 -3.41 2.27 2.39
N MET A 29 -4.19 2.89 3.27
CA MET A 29 -5.63 2.64 3.30
C MET A 29 -6.35 3.49 2.24
N LYS A 30 -5.56 4.23 1.48
CA LYS A 30 -6.07 5.07 0.41
C LYS A 30 -5.99 4.32 -0.91
N ASP A 31 -5.02 3.41 -1.03
CA ASP A 31 -4.77 2.71 -2.27
C ASP A 31 -5.92 1.79 -2.62
N GLN A 32 -6.17 1.71 -3.92
CA GLN A 32 -7.29 0.95 -4.47
C GLN A 32 -7.10 -0.55 -4.29
N ASP A 33 -5.91 -1.04 -4.62
CA ASP A 33 -5.62 -2.47 -4.55
C ASP A 33 -5.51 -2.92 -3.11
N VAL A 34 -4.84 -2.12 -2.29
CA VAL A 34 -4.66 -2.44 -0.88
C VAL A 34 -6.00 -2.64 -0.17
N GLN A 35 -6.88 -1.66 -0.27
CA GLN A 35 -8.16 -1.74 0.44
C GLN A 35 -9.03 -2.86 -0.09
N ALA A 36 -8.88 -3.16 -1.38
CA ALA A 36 -9.57 -4.30 -1.97
C ALA A 36 -9.09 -5.60 -1.31
N PHE A 37 -7.79 -5.71 -1.14
CA PHE A 37 -7.20 -6.86 -0.47
C PHE A 37 -7.66 -6.93 0.99
N LEU A 38 -7.74 -5.78 1.63
CA LEU A 38 -8.16 -5.68 3.03
C LEU A 38 -9.56 -6.27 3.22
N LYS A 39 -10.52 -5.83 2.42
CA LYS A 39 -11.90 -6.29 2.57
C LYS A 39 -12.02 -7.76 2.21
N GLU A 40 -11.14 -8.22 1.34
CA GLU A 40 -11.11 -9.62 0.92
C GLU A 40 -10.57 -10.53 2.02
N ASN A 41 -9.72 -9.97 2.86
CA ASN A 41 -9.03 -10.75 3.89
C ASN A 41 -9.29 -10.19 5.28
N GLU A 42 -10.42 -9.52 5.44
CA GLU A 42 -10.76 -8.90 6.71
C GLU A 42 -10.99 -9.95 7.80
N GLU A 43 -11.17 -11.19 7.37
CA GLU A 43 -11.31 -12.30 8.27
C GLU A 43 -9.98 -12.62 8.94
N VAL A 44 -8.91 -12.43 8.20
CA VAL A 44 -7.59 -12.84 8.65
C VAL A 44 -6.76 -11.65 9.15
N ILE A 45 -6.89 -10.53 8.46
CA ILE A 45 -6.08 -9.35 8.78
C ILE A 45 -6.61 -8.65 10.03
N ASP A 46 -5.69 -8.22 10.88
CA ASP A 46 -6.05 -7.56 12.13
C ASP A 46 -5.25 -6.28 12.29
N GLN A 47 -5.45 -5.59 13.41
CA GLN A 47 -4.73 -4.36 13.70
C GLN A 47 -3.22 -4.55 13.67
N LYS A 48 -2.76 -5.67 14.24
CA LYS A 48 -1.34 -5.95 14.33
C LYS A 48 -0.77 -6.29 12.96
N MET A 49 -1.52 -7.08 12.21
CA MET A 49 -1.16 -7.44 10.85
C MET A 49 -0.94 -6.20 9.99
N ILE A 50 -1.75 -5.17 10.24
CA ILE A 50 -1.61 -3.90 9.53
C ILE A 50 -0.28 -3.24 9.85
N GLU A 51 0.06 -3.14 11.13
CA GLU A 51 1.30 -2.52 11.56
C GLU A 51 2.51 -3.35 11.13
N LYS A 52 2.37 -4.67 11.23
CA LYS A 52 3.41 -5.60 10.79
C LYS A 52 3.74 -5.39 9.32
N SER A 53 2.70 -5.33 8.49
CA SER A 53 2.88 -5.28 7.06
C SER A 53 2.76 -3.84 6.53
N LEU A 54 2.87 -2.86 7.41
CA LEU A 54 2.76 -1.47 7.01
C LEU A 54 3.83 -1.11 5.98
N ASN A 55 5.02 -1.65 6.18
CA ASN A 55 6.13 -1.41 5.25
C ASN A 55 5.93 -2.17 3.95
N LYS A 56 5.37 -3.38 4.04
CA LYS A 56 5.09 -4.20 2.86
C LYS A 56 4.00 -3.56 2.00
N LEU A 57 2.93 -3.13 2.65
CA LEU A 57 1.80 -2.52 1.97
C LEU A 57 2.20 -1.19 1.33
N TYR A 58 3.02 -0.43 2.04
CA TYR A 58 3.48 0.86 1.52
C TYR A 58 4.46 0.64 0.38
N GLU A 59 5.31 -0.38 0.52
CA GLU A 59 6.27 -0.73 -0.52
C GLU A 59 5.53 -1.17 -1.77
N TYR A 60 4.42 -1.88 -1.56
CA TYR A 60 3.56 -2.31 -2.65
C TYR A 60 3.09 -1.14 -3.49
N ILE A 61 2.55 -0.12 -2.82
CA ILE A 61 1.96 1.01 -3.52
C ILE A 61 3.02 1.94 -4.11
N GLU A 62 4.20 2.01 -3.48
CA GLU A 62 5.26 2.88 -3.98
C GLU A 62 6.01 2.22 -5.14
N GLN A 63 5.79 0.93 -5.34
CA GLN A 63 6.36 0.24 -6.49
C GLN A 63 5.45 0.40 -7.71
N SER A 64 5.83 -0.23 -8.81
CA SER A 64 5.04 -0.19 -10.02
C SER A 64 4.01 -1.31 -10.01
N LYS A 65 2.74 -0.95 -9.77
CA LYS A 65 1.65 -1.90 -9.84
C LYS A 65 1.42 -2.32 -11.29
N ASN A 66 1.78 -1.44 -12.22
CA ASN A 66 1.70 -1.75 -13.64
C ASN A 66 2.93 -2.52 -14.07
N CYS A 67 3.02 -2.84 -15.34
CA CYS A 67 4.18 -3.56 -15.86
C CYS A 67 4.45 -3.14 -17.28
N SER A 68 5.69 -3.28 -17.68
CA SER A 68 6.17 -2.81 -18.98
C SER A 68 5.37 -3.39 -20.14
N TYR A 69 4.89 -4.62 -19.96
CA TYR A 69 4.12 -5.33 -20.98
C TYR A 69 2.81 -4.61 -21.30
N CYS A 70 2.47 -3.61 -20.50
CA CYS A 70 1.22 -2.88 -20.69
C CYS A 70 1.40 -1.38 -20.47
N SER A 71 2.62 -0.96 -20.12
CA SER A 71 2.85 0.45 -19.82
C SER A 71 3.60 1.14 -20.95
N GLU A 72 2.89 1.97 -21.69
CA GLU A 72 3.48 2.76 -22.75
C GLU A 72 4.02 4.05 -22.16
N ASP A 73 5.04 3.86 -21.38
CA ASP A 73 5.72 4.93 -20.69
C ASP A 73 7.15 4.50 -20.42
N GLU A 74 8.04 5.46 -20.25
CA GLU A 74 9.45 5.19 -20.02
C GLU A 74 9.67 4.44 -18.71
N ASN A 75 8.70 4.50 -17.81
CA ASN A 75 8.76 3.78 -16.55
C ASN A 75 8.63 2.27 -16.77
N CYS A 76 9.74 1.67 -17.15
CA CYS A 76 9.83 0.24 -17.35
C CYS A 76 10.66 -0.37 -16.22
N ASN A 77 10.72 0.35 -15.10
CA ASN A 77 11.57 -0.02 -13.97
C ASN A 77 10.90 -1.06 -13.07
N ASN A 78 9.99 -1.84 -13.63
CA ASN A 78 9.37 -2.93 -12.92
C ASN A 78 10.30 -4.15 -12.92
N LEU A 79 10.38 -4.83 -11.79
CA LEU A 79 11.28 -5.98 -11.65
C LEU A 79 10.79 -7.14 -12.50
N LEU A 80 9.64 -7.68 -12.15
CA LEU A 80 9.05 -8.77 -12.92
C LEU A 80 8.25 -8.20 -14.08
N GLU A 81 8.60 -8.60 -15.29
CA GLU A 81 7.89 -8.16 -16.48
C GLU A 81 6.83 -9.17 -16.86
N GLY A 82 5.67 -8.67 -17.26
CA GLY A 82 4.58 -9.54 -17.62
C GLY A 82 3.71 -9.87 -16.44
N TYR A 83 4.16 -9.46 -15.26
CA TYR A 83 3.42 -9.72 -14.03
C TYR A 83 3.07 -8.41 -13.33
N HIS A 84 2.14 -8.49 -12.39
CA HIS A 84 1.79 -7.35 -11.52
C HIS A 84 1.82 -7.78 -10.07
N PRO A 85 2.24 -6.87 -9.19
CA PRO A 85 2.22 -7.11 -7.75
C PRO A 85 0.80 -7.29 -7.23
N LYS A 86 0.63 -8.29 -6.38
CA LYS A 86 -0.65 -8.55 -5.73
C LYS A 86 -0.40 -8.81 -4.25
N LEU A 87 -1.32 -8.42 -3.40
CA LEU A 87 -1.16 -8.62 -1.98
C LEU A 87 -1.67 -9.99 -1.56
N VAL A 88 -0.90 -10.67 -0.72
CA VAL A 88 -1.29 -11.98 -0.21
C VAL A 88 -1.04 -12.04 1.29
N VAL A 89 -1.95 -12.66 2.03
CA VAL A 89 -1.74 -12.89 3.44
C VAL A 89 -0.82 -14.09 3.61
N ASN A 90 0.30 -13.87 4.29
CA ASN A 90 1.34 -14.89 4.36
C ASN A 90 1.66 -15.24 5.80
N GLY A 91 1.03 -16.31 6.28
CA GLY A 91 1.25 -16.74 7.64
C GLY A 91 0.83 -15.69 8.66
N ARG A 92 1.81 -15.05 9.28
CA ARG A 92 1.55 -14.04 10.29
C ARG A 92 1.97 -12.66 9.80
N SER A 93 2.08 -12.52 8.49
CA SER A 93 2.38 -11.23 7.89
C SER A 93 1.66 -11.11 6.55
N ILE A 94 1.82 -9.99 5.89
CA ILE A 94 1.28 -9.81 4.56
C ILE A 94 2.42 -9.60 3.58
N ASP A 95 2.31 -10.24 2.42
CA ASP A 95 3.40 -10.25 1.47
C ASP A 95 2.90 -9.88 0.09
N ILE A 96 3.83 -9.81 -0.85
CA ILE A 96 3.52 -9.40 -2.20
C ILE A 96 3.85 -10.51 -3.18
N GLU A 97 2.85 -10.89 -3.92
CA GLU A 97 2.95 -11.91 -4.94
C GLU A 97 2.86 -11.24 -6.31
N TYR A 98 2.88 -12.03 -7.36
CA TYR A 98 2.78 -11.50 -8.71
C TYR A 98 1.85 -12.35 -9.55
N TYR A 99 0.95 -11.70 -10.29
CA TYR A 99 0.06 -12.41 -11.20
C TYR A 99 0.31 -11.99 -12.64
N GLU A 100 -0.13 -12.80 -13.58
CA GLU A 100 0.13 -12.57 -14.99
C GLU A 100 -0.70 -11.40 -15.51
N CYS A 101 -0.01 -10.42 -16.11
CA CYS A 101 -0.65 -9.29 -16.77
C CYS A 101 -1.72 -9.77 -17.74
N PRO A 102 -2.98 -9.31 -17.57
CA PRO A 102 -4.10 -9.67 -18.45
C PRO A 102 -3.85 -9.33 -19.92
N VAL A 103 -2.88 -8.44 -20.16
CA VAL A 103 -2.54 -8.01 -21.51
C VAL A 103 -1.76 -9.11 -22.24
N LYS A 104 -1.30 -10.10 -21.48
CA LYS A 104 -0.65 -11.27 -22.07
C LYS A 104 -1.58 -11.94 -23.06
N ARG A 105 -2.81 -12.20 -22.60
CA ARG A 105 -3.89 -12.80 -23.41
C ARG A 105 -3.43 -13.99 -24.24
N LYS A 106 -2.42 -14.69 -23.73
CA LYS A 106 -1.85 -15.85 -24.43
C LYS A 106 -1.50 -16.94 -23.43
ZN ZN B . 0.91 -5.28 -17.14
N MET A 1 -8.78 27.37 -0.66
CA MET A 1 -8.72 25.89 -0.55
C MET A 1 -7.28 25.42 -0.34
N GLU A 2 -6.53 26.16 0.47
CA GLU A 2 -5.12 25.86 0.69
C GLU A 2 -4.89 25.42 2.13
N PRO A 3 -5.03 24.12 2.42
CA PRO A 3 -4.77 23.59 3.76
C PRO A 3 -3.29 23.66 4.11
N ILE A 4 -2.98 24.45 5.13
CA ILE A 4 -1.60 24.63 5.55
C ILE A 4 -1.05 23.33 6.15
N GLY A 5 -1.91 22.61 6.83
CA GLY A 5 -1.54 21.32 7.38
C GLY A 5 -0.81 21.43 8.69
N ARG A 6 0.37 22.03 8.67
CA ARG A 6 1.18 22.12 9.89
C ARG A 6 0.83 23.39 10.67
N SER A 7 -0.27 23.32 11.41
CA SER A 7 -0.66 24.39 12.31
C SER A 7 0.20 24.35 13.55
N LEU A 8 1.29 25.10 13.51
CA LEU A 8 2.27 25.06 14.58
C LEU A 8 1.85 25.88 15.77
N GLN A 9 0.99 25.29 16.58
CA GLN A 9 0.71 25.81 17.90
C GLN A 9 1.88 25.41 18.81
N GLY A 10 2.87 26.29 18.89
CA GLY A 10 4.13 25.93 19.51
C GLY A 10 5.17 25.62 18.46
N VAL A 11 5.83 26.66 17.96
CA VAL A 11 6.72 26.54 16.81
C VAL A 11 8.08 25.98 17.19
N THR A 12 8.25 25.67 18.47
CA THR A 12 9.50 25.16 18.98
C THR A 12 9.74 23.71 18.57
N GLY A 13 8.71 23.08 18.02
CA GLY A 13 8.84 21.71 17.58
C GLY A 13 8.17 21.47 16.23
N ARG A 14 8.72 20.54 15.46
CA ARG A 14 8.17 20.18 14.16
C ARG A 14 8.33 18.69 13.93
N PRO A 15 7.41 17.88 14.47
CA PRO A 15 7.42 16.43 14.29
C PRO A 15 7.24 16.01 12.84
N ASP A 16 8.36 15.84 12.14
CA ASP A 16 8.35 15.40 10.75
C ASP A 16 8.10 13.89 10.69
N PHE A 17 8.50 13.20 11.75
CA PHE A 17 8.30 11.76 11.86
C PHE A 17 6.83 11.42 11.72
N GLN A 18 5.97 12.10 12.47
CA GLN A 18 4.53 11.83 12.44
C GLN A 18 3.95 12.22 11.09
N LYS A 19 4.53 13.23 10.45
CA LYS A 19 4.05 13.69 9.17
C LYS A 19 4.21 12.61 8.12
N ARG A 20 5.40 12.03 8.02
CA ARG A 20 5.65 10.99 7.03
C ARG A 20 4.94 9.70 7.42
N LEU A 21 4.74 9.49 8.73
CA LEU A 21 4.06 8.31 9.23
C LEU A 21 2.58 8.32 8.83
N GLU A 22 1.92 9.45 9.09
CA GLU A 22 0.53 9.63 8.69
C GLU A 22 0.41 9.64 7.17
N GLN A 23 1.45 10.15 6.51
CA GLN A 23 1.50 10.23 5.06
C GLN A 23 1.46 8.82 4.46
N MET A 24 2.42 7.99 4.86
CA MET A 24 2.50 6.62 4.34
C MET A 24 1.28 5.82 4.75
N LYS A 25 0.82 6.03 5.98
CA LYS A 25 -0.36 5.36 6.49
C LYS A 25 -1.58 5.70 5.63
N GLU A 26 -1.78 6.99 5.37
CA GLU A 26 -2.85 7.46 4.50
C GLU A 26 -2.79 6.76 3.15
N LYS A 27 -1.59 6.77 2.56
CA LYS A 27 -1.37 6.21 1.23
C LYS A 27 -1.82 4.76 1.15
N VAL A 28 -1.40 3.96 2.13
CA VAL A 28 -1.71 2.54 2.15
C VAL A 28 -3.21 2.30 2.28
N MET A 29 -3.84 3.01 3.20
CA MET A 29 -5.24 2.75 3.54
C MET A 29 -6.16 3.54 2.63
N LYS A 30 -5.57 4.20 1.66
CA LYS A 30 -6.30 4.92 0.63
C LYS A 30 -6.32 4.11 -0.67
N ASP A 31 -5.22 3.41 -0.91
CA ASP A 31 -5.01 2.71 -2.17
C ASP A 31 -6.11 1.69 -2.43
N GLN A 32 -6.65 1.72 -3.64
CA GLN A 32 -7.81 0.92 -4.01
C GLN A 32 -7.52 -0.58 -3.92
N ASP A 33 -6.34 -0.98 -4.39
CA ASP A 33 -5.93 -2.38 -4.36
C ASP A 33 -5.91 -2.90 -2.93
N VAL A 34 -5.45 -2.04 -2.04
CA VAL A 34 -5.35 -2.38 -0.62
C VAL A 34 -6.73 -2.60 -0.01
N GLN A 35 -7.71 -1.79 -0.45
CA GLN A 35 -9.08 -1.91 0.04
C GLN A 35 -9.64 -3.30 -0.26
N ALA A 36 -9.57 -3.69 -1.52
CA ALA A 36 -10.11 -4.96 -1.98
C ALA A 36 -9.46 -6.13 -1.29
N PHE A 37 -8.17 -5.99 -1.01
CA PHE A 37 -7.42 -7.04 -0.32
C PHE A 37 -7.83 -7.12 1.14
N LEU A 38 -7.99 -5.95 1.75
CA LEU A 38 -8.36 -5.85 3.15
C LEU A 38 -9.69 -6.53 3.44
N LYS A 39 -10.65 -6.31 2.55
CA LYS A 39 -11.97 -6.90 2.74
C LYS A 39 -11.97 -8.36 2.29
N GLU A 40 -11.06 -8.71 1.40
CA GLU A 40 -10.92 -10.08 0.93
C GLU A 40 -10.48 -10.98 2.07
N ASN A 41 -9.37 -10.62 2.69
CA ASN A 41 -8.74 -11.44 3.72
C ASN A 41 -9.03 -10.88 5.11
N GLU A 42 -10.18 -10.24 5.27
CA GLU A 42 -10.53 -9.58 6.53
C GLU A 42 -10.58 -10.56 7.70
N GLU A 43 -10.97 -11.80 7.41
CA GLU A 43 -11.12 -12.80 8.46
C GLU A 43 -9.75 -13.22 8.99
N VAL A 44 -8.75 -13.12 8.13
CA VAL A 44 -7.41 -13.56 8.49
C VAL A 44 -6.55 -12.38 8.94
N ILE A 45 -6.65 -11.28 8.20
CA ILE A 45 -5.89 -10.07 8.50
C ILE A 45 -6.43 -9.38 9.74
N ASP A 46 -5.52 -8.83 10.52
CA ASP A 46 -5.86 -8.11 11.74
C ASP A 46 -5.35 -6.68 11.65
N GLN A 47 -5.85 -5.83 12.53
CA GLN A 47 -5.40 -4.44 12.63
C GLN A 47 -3.88 -4.40 12.84
N LYS A 48 -3.40 -5.24 13.73
CA LYS A 48 -1.98 -5.32 14.04
C LYS A 48 -1.21 -5.84 12.84
N MET A 49 -1.82 -6.77 12.12
CA MET A 49 -1.23 -7.33 10.91
C MET A 49 -0.97 -6.23 9.88
N ILE A 50 -1.88 -5.26 9.83
CA ILE A 50 -1.74 -4.11 8.94
C ILE A 50 -0.51 -3.31 9.29
N GLU A 51 -0.38 -2.96 10.56
CA GLU A 51 0.76 -2.20 11.05
C GLU A 51 2.05 -3.03 10.91
N LYS A 52 1.92 -4.32 11.19
CA LYS A 52 3.05 -5.25 11.11
C LYS A 52 3.62 -5.31 9.70
N SER A 53 2.73 -5.35 8.72
CA SER A 53 3.12 -5.51 7.33
C SER A 53 2.93 -4.21 6.56
N LEU A 54 2.92 -3.09 7.28
CA LEU A 54 2.73 -1.79 6.66
C LEU A 54 3.89 -1.48 5.73
N ASN A 55 5.04 -2.06 6.03
CA ASN A 55 6.22 -1.92 5.20
C ASN A 55 6.01 -2.62 3.85
N LYS A 56 5.40 -3.79 3.90
CA LYS A 56 5.06 -4.55 2.70
C LYS A 56 3.97 -3.83 1.91
N LEU A 57 2.91 -3.45 2.61
CA LEU A 57 1.78 -2.78 2.01
C LEU A 57 2.21 -1.48 1.35
N TYR A 58 3.10 -0.76 2.01
CA TYR A 58 3.56 0.53 1.52
C TYR A 58 4.45 0.38 0.29
N GLU A 59 5.40 -0.55 0.35
CA GLU A 59 6.29 -0.80 -0.78
C GLU A 59 5.49 -1.29 -1.98
N TYR A 60 4.45 -2.04 -1.70
CA TYR A 60 3.53 -2.52 -2.72
C TYR A 60 2.92 -1.38 -3.52
N ILE A 61 2.35 -0.42 -2.82
CA ILE A 61 1.63 0.67 -3.48
C ILE A 61 2.57 1.69 -4.13
N GLU A 62 3.76 1.87 -3.58
CA GLU A 62 4.70 2.86 -4.11
C GLU A 62 5.42 2.34 -5.36
N GLN A 63 5.42 1.02 -5.54
CA GLN A 63 6.00 0.42 -6.74
C GLN A 63 5.09 0.65 -7.95
N SER A 64 5.51 0.11 -9.08
CA SER A 64 4.77 0.29 -10.31
C SER A 64 3.47 -0.51 -10.27
N LYS A 65 2.35 0.21 -10.27
CA LYS A 65 1.02 -0.40 -10.22
C LYS A 65 0.79 -1.22 -11.48
N ASN A 66 1.15 -0.64 -12.61
CA ASN A 66 1.02 -1.33 -13.89
C ASN A 66 2.36 -1.91 -14.29
N CYS A 67 2.50 -2.27 -15.56
CA CYS A 67 3.74 -2.82 -16.06
C CYS A 67 3.90 -2.41 -17.51
N SER A 68 5.13 -2.41 -17.99
CA SER A 68 5.45 -1.86 -19.31
C SER A 68 4.72 -2.62 -20.42
N TYR A 69 4.38 -3.87 -20.12
CA TYR A 69 3.62 -4.72 -21.04
C TYR A 69 2.24 -4.13 -21.34
N CYS A 70 1.77 -3.24 -20.46
CA CYS A 70 0.44 -2.69 -20.61
C CYS A 70 0.44 -1.16 -20.56
N SER A 71 1.43 -0.57 -19.92
CA SER A 71 1.46 0.87 -19.74
C SER A 71 2.50 1.53 -20.65
N GLU A 72 2.71 2.82 -20.45
CA GLU A 72 3.60 3.60 -21.30
C GLU A 72 4.89 3.93 -20.55
N ASP A 73 5.17 3.20 -19.47
CA ASP A 73 6.39 3.40 -18.70
C ASP A 73 7.59 2.95 -19.51
N GLU A 74 8.50 3.87 -19.74
CA GLU A 74 9.71 3.57 -20.48
C GLU A 74 10.72 2.89 -19.59
N ASN A 75 10.81 3.36 -18.37
CA ASN A 75 11.71 2.80 -17.39
C ASN A 75 10.93 1.90 -16.45
N CYS A 76 10.75 0.66 -16.88
CA CYS A 76 10.02 -0.33 -16.10
C CYS A 76 10.49 -0.37 -14.65
N ASN A 77 9.60 0.02 -13.74
CA ASN A 77 9.88 -0.06 -12.32
C ASN A 77 9.51 -1.43 -11.78
N ASN A 78 8.90 -2.23 -12.64
CA ASN A 78 8.56 -3.60 -12.32
C ASN A 78 9.77 -4.49 -12.51
N LEU A 79 10.26 -5.09 -11.44
CA LEU A 79 11.35 -6.03 -11.53
C LEU A 79 10.94 -7.20 -12.42
N LEU A 80 9.83 -7.83 -12.05
CA LEU A 80 9.23 -8.85 -12.88
C LEU A 80 8.29 -8.22 -13.89
N GLU A 81 8.83 -7.82 -15.03
CA GLU A 81 8.04 -7.19 -16.07
C GLU A 81 7.13 -8.22 -16.74
N GLY A 82 5.98 -7.77 -17.21
CA GLY A 82 4.96 -8.66 -17.69
C GLY A 82 4.06 -9.13 -16.56
N TYR A 83 4.47 -8.81 -15.35
CA TYR A 83 3.72 -9.18 -14.15
C TYR A 83 3.38 -7.93 -13.35
N HIS A 84 2.50 -8.07 -12.38
CA HIS A 84 2.20 -7.00 -11.43
C HIS A 84 2.35 -7.52 -10.02
N PRO A 85 2.71 -6.66 -9.07
CA PRO A 85 2.76 -7.03 -7.66
C PRO A 85 1.37 -7.16 -7.07
N LYS A 86 1.18 -8.13 -6.18
CA LYS A 86 -0.07 -8.33 -5.51
C LYS A 86 0.17 -8.70 -4.05
N LEU A 87 -0.78 -8.39 -3.20
CA LEU A 87 -0.66 -8.69 -1.79
C LEU A 87 -1.11 -10.11 -1.50
N VAL A 88 -0.44 -10.76 -0.58
CA VAL A 88 -0.82 -12.10 -0.12
C VAL A 88 -0.72 -12.18 1.39
N VAL A 89 -1.58 -12.98 1.99
CA VAL A 89 -1.52 -13.20 3.42
C VAL A 89 -0.89 -14.56 3.72
N ASN A 90 0.27 -14.52 4.34
CA ASN A 90 1.01 -15.73 4.68
C ASN A 90 1.09 -15.87 6.19
N GLY A 91 0.17 -16.64 6.75
CA GLY A 91 0.12 -16.79 8.19
C GLY A 91 -0.43 -15.55 8.86
N ARG A 92 0.42 -14.85 9.60
CA ARG A 92 0.03 -13.61 10.25
C ARG A 92 0.87 -12.46 9.71
N SER A 93 1.52 -12.69 8.59
CA SER A 93 2.31 -11.67 7.93
C SER A 93 1.85 -11.50 6.48
N ILE A 94 1.74 -10.25 6.05
CA ILE A 94 1.31 -9.96 4.68
C ILE A 94 2.54 -9.78 3.80
N ASP A 95 2.52 -10.37 2.62
CA ASP A 95 3.68 -10.39 1.76
C ASP A 95 3.33 -9.91 0.36
N ILE A 96 4.33 -9.85 -0.50
CA ILE A 96 4.15 -9.35 -1.84
C ILE A 96 4.49 -10.44 -2.86
N GLU A 97 3.57 -10.62 -3.79
CA GLU A 97 3.69 -11.64 -4.81
C GLU A 97 3.54 -11.00 -6.19
N TYR A 98 3.70 -11.78 -7.24
CA TYR A 98 3.52 -11.27 -8.60
C TYR A 98 2.57 -12.17 -9.38
N TYR A 99 1.85 -11.57 -10.32
CA TYR A 99 0.96 -12.33 -11.20
C TYR A 99 1.04 -11.79 -12.61
N GLU A 100 0.78 -12.63 -13.59
CA GLU A 100 0.86 -12.24 -14.99
C GLU A 100 -0.12 -11.12 -15.30
N CYS A 101 0.37 -10.12 -16.03
CA CYS A 101 -0.46 -9.01 -16.50
C CYS A 101 -1.67 -9.55 -17.28
N PRO A 102 -2.90 -9.20 -16.84
CA PRO A 102 -4.13 -9.65 -17.50
C PRO A 102 -4.20 -9.23 -18.97
N VAL A 103 -3.50 -8.14 -19.28
CA VAL A 103 -3.45 -7.61 -20.64
C VAL A 103 -2.70 -8.56 -21.56
N LYS A 104 -1.89 -9.44 -20.98
CA LYS A 104 -1.14 -10.43 -21.73
C LYS A 104 -2.07 -11.57 -22.17
N ARG A 105 -3.21 -11.66 -21.50
CA ARG A 105 -4.19 -12.68 -21.79
C ARG A 105 -5.35 -12.08 -22.58
N LYS A 106 -5.30 -12.24 -23.88
CA LYS A 106 -6.32 -11.67 -24.76
C LYS A 106 -7.17 -12.77 -25.38
ZN ZN B . 0.67 -4.90 -16.94
N MET A 1 -5.13 30.14 4.75
CA MET A 1 -6.01 29.60 5.83
C MET A 1 -5.18 28.91 6.91
N GLU A 2 -5.67 28.96 8.13
CA GLU A 2 -5.07 28.24 9.24
C GLU A 2 -6.02 27.17 9.75
N PRO A 3 -5.97 25.96 9.17
CA PRO A 3 -6.85 24.84 9.53
C PRO A 3 -6.94 24.64 11.04
N ILE A 4 -8.13 24.86 11.59
CA ILE A 4 -8.32 24.74 13.02
C ILE A 4 -8.66 23.31 13.43
N GLY A 5 -7.68 22.63 13.99
CA GLY A 5 -7.87 21.30 14.50
C GLY A 5 -7.06 21.09 15.75
N ARG A 6 -6.94 19.85 16.22
CA ARG A 6 -6.13 19.57 17.39
C ARG A 6 -5.56 18.16 17.35
N SER A 7 -4.28 18.04 17.68
CA SER A 7 -3.64 16.74 17.78
C SER A 7 -4.01 16.09 19.10
N LEU A 8 -4.95 15.15 19.05
CA LEU A 8 -5.53 14.52 20.25
C LEU A 8 -4.46 14.13 21.27
N GLN A 9 -3.56 13.23 20.89
CA GLN A 9 -2.54 12.75 21.82
C GLN A 9 -1.18 13.38 21.52
N GLY A 10 -1.12 14.18 20.47
CA GLY A 10 0.14 14.76 20.06
C GLY A 10 0.26 16.21 20.47
N VAL A 11 0.13 16.47 21.77
CA VAL A 11 0.27 17.82 22.29
C VAL A 11 1.64 18.03 22.90
N THR A 12 2.05 17.07 23.73
CA THR A 12 3.33 17.12 24.43
C THR A 12 4.50 17.15 23.44
N GLY A 13 4.29 16.58 22.26
CA GLY A 13 5.32 16.57 21.25
C GLY A 13 4.76 16.34 19.86
N ARG A 14 5.42 16.86 18.85
CA ARG A 14 4.99 16.70 17.46
C ARG A 14 6.20 16.53 16.55
N PRO A 15 6.84 15.36 16.59
CA PRO A 15 7.98 15.04 15.72
C PRO A 15 7.54 14.70 14.31
N ASP A 16 8.47 14.77 13.37
CA ASP A 16 8.17 14.40 11.98
C ASP A 16 7.92 12.90 11.89
N PHE A 17 8.54 12.16 12.81
CA PHE A 17 8.45 10.70 12.83
C PHE A 17 7.00 10.23 12.75
N GLN A 18 6.14 10.81 13.59
CA GLN A 18 4.74 10.43 13.61
C GLN A 18 4.07 10.83 12.29
N LYS A 19 4.50 11.94 11.70
CA LYS A 19 3.91 12.41 10.46
C LYS A 19 4.33 11.54 9.27
N ARG A 20 5.52 10.95 9.34
CA ARG A 20 5.94 9.98 8.32
C ARG A 20 5.07 8.75 8.48
N LEU A 21 4.95 8.33 9.74
CA LEU A 21 4.11 7.20 10.12
C LEU A 21 2.67 7.40 9.63
N GLU A 22 2.12 8.56 9.91
CA GLU A 22 0.77 8.90 9.46
C GLU A 22 0.70 8.99 7.95
N GLN A 23 1.74 9.54 7.33
CA GLN A 23 1.77 9.75 5.89
C GLN A 23 1.74 8.41 5.17
N MET A 24 2.64 7.51 5.54
CA MET A 24 2.70 6.20 4.91
C MET A 24 1.46 5.39 5.23
N LYS A 25 0.98 5.52 6.47
CA LYS A 25 -0.23 4.84 6.91
C LYS A 25 -1.41 5.27 6.04
N GLU A 26 -1.49 6.57 5.79
CA GLU A 26 -2.55 7.14 4.97
C GLU A 26 -2.40 6.68 3.52
N LYS A 27 -1.17 6.71 3.01
CA LYS A 27 -0.89 6.26 1.65
C LYS A 27 -1.43 4.86 1.42
N VAL A 28 -1.09 3.95 2.32
CA VAL A 28 -1.52 2.56 2.22
C VAL A 28 -3.05 2.46 2.19
N MET A 29 -3.71 3.24 3.03
CA MET A 29 -5.16 3.16 3.14
C MET A 29 -5.88 4.03 2.09
N LYS A 30 -5.14 4.46 1.07
CA LYS A 30 -5.74 5.24 -0.01
C LYS A 30 -5.59 4.55 -1.37
N ASP A 31 -4.92 3.41 -1.40
CA ASP A 31 -4.74 2.68 -2.65
C ASP A 31 -5.94 1.78 -2.92
N GLN A 32 -6.40 1.80 -4.15
CA GLN A 32 -7.58 1.05 -4.55
C GLN A 32 -7.39 -0.46 -4.41
N ASP A 33 -6.21 -0.94 -4.80
CA ASP A 33 -5.94 -2.37 -4.79
C ASP A 33 -5.75 -2.86 -3.37
N VAL A 34 -5.19 -2.00 -2.53
CA VAL A 34 -5.09 -2.27 -1.11
C VAL A 34 -6.49 -2.45 -0.51
N GLN A 35 -7.43 -1.58 -0.90
CA GLN A 35 -8.81 -1.69 -0.43
C GLN A 35 -9.39 -3.05 -0.78
N ALA A 36 -9.23 -3.43 -2.04
CA ALA A 36 -9.76 -4.69 -2.54
C ALA A 36 -9.22 -5.88 -1.75
N PHE A 37 -7.93 -5.89 -1.49
CA PHE A 37 -7.30 -6.97 -0.73
C PHE A 37 -7.78 -6.97 0.72
N LEU A 38 -7.88 -5.77 1.30
CA LEU A 38 -8.30 -5.62 2.69
C LEU A 38 -9.66 -6.25 2.93
N LYS A 39 -10.60 -6.01 2.03
CA LYS A 39 -11.94 -6.58 2.20
C LYS A 39 -11.99 -8.01 1.69
N GLU A 40 -11.06 -8.38 0.82
CA GLU A 40 -10.96 -9.74 0.32
C GLU A 40 -10.59 -10.66 1.47
N ASN A 41 -9.71 -10.17 2.32
CA ASN A 41 -9.22 -10.93 3.46
C ASN A 41 -9.61 -10.24 4.76
N GLU A 42 -10.76 -9.57 4.76
CA GLU A 42 -11.22 -8.83 5.94
C GLU A 42 -11.44 -9.76 7.12
N GLU A 43 -11.65 -11.04 6.82
CA GLU A 43 -11.81 -12.04 7.86
C GLU A 43 -10.47 -12.42 8.46
N VAL A 44 -9.43 -12.42 7.64
CA VAL A 44 -8.13 -12.95 8.03
C VAL A 44 -7.23 -11.84 8.58
N ILE A 45 -7.29 -10.68 7.95
CA ILE A 45 -6.41 -9.57 8.30
C ILE A 45 -6.78 -8.97 9.65
N ASP A 46 -5.77 -8.56 10.39
CA ASP A 46 -5.94 -7.92 11.69
C ASP A 46 -5.29 -6.54 11.64
N GLN A 47 -5.60 -5.71 12.62
CA GLN A 47 -4.97 -4.41 12.76
C GLN A 47 -3.45 -4.58 12.88
N LYS A 48 -3.06 -5.55 13.69
CA LYS A 48 -1.65 -5.85 13.93
C LYS A 48 -0.97 -6.32 12.66
N MET A 49 -1.69 -7.10 11.87
CA MET A 49 -1.21 -7.58 10.59
C MET A 49 -0.82 -6.41 9.70
N ILE A 50 -1.61 -5.36 9.75
CA ILE A 50 -1.37 -4.15 8.98
C ILE A 50 -0.11 -3.44 9.46
N GLU A 51 0.06 -3.37 10.78
CA GLU A 51 1.22 -2.70 11.37
C GLU A 51 2.49 -3.47 11.05
N LYS A 52 2.43 -4.79 11.17
CA LYS A 52 3.56 -5.65 10.91
C LYS A 52 3.95 -5.64 9.43
N SER A 53 2.95 -5.44 8.58
CA SER A 53 3.17 -5.51 7.15
C SER A 53 3.09 -4.12 6.51
N LEU A 54 3.24 -3.08 7.31
CA LEU A 54 3.18 -1.71 6.83
C LEU A 54 4.26 -1.48 5.78
N ASN A 55 5.47 -1.93 6.10
CA ASN A 55 6.59 -1.86 5.17
C ASN A 55 6.27 -2.60 3.87
N LYS A 56 5.61 -3.74 3.99
CA LYS A 56 5.24 -4.55 2.83
C LYS A 56 4.19 -3.82 2.00
N LEU A 57 3.13 -3.37 2.66
CA LEU A 57 2.02 -2.71 2.00
C LEU A 57 2.46 -1.42 1.32
N TYR A 58 3.32 -0.66 1.99
CA TYR A 58 3.80 0.59 1.44
C TYR A 58 4.73 0.33 0.26
N GLU A 59 5.63 -0.64 0.41
CA GLU A 59 6.52 -1.05 -0.67
C GLU A 59 5.68 -1.45 -1.89
N TYR A 60 4.58 -2.14 -1.63
CA TYR A 60 3.67 -2.60 -2.67
C TYR A 60 3.17 -1.44 -3.54
N ILE A 61 2.64 -0.41 -2.91
CA ILE A 61 2.02 0.69 -3.64
C ILE A 61 3.05 1.63 -4.29
N GLU A 62 4.22 1.76 -3.67
CA GLU A 62 5.26 2.66 -4.19
C GLU A 62 5.99 2.02 -5.37
N GLN A 63 5.89 0.71 -5.49
CA GLN A 63 6.46 0.00 -6.63
C GLN A 63 5.56 0.13 -7.86
N SER A 64 5.88 -0.61 -8.90
CA SER A 64 5.08 -0.61 -10.11
C SER A 64 3.80 -1.41 -9.90
N LYS A 65 2.70 -0.70 -9.65
CA LYS A 65 1.40 -1.34 -9.50
C LYS A 65 0.99 -2.00 -10.81
N ASN A 66 1.51 -1.47 -11.91
CA ASN A 66 1.18 -1.96 -13.23
C ASN A 66 2.43 -2.61 -13.85
N CYS A 67 2.41 -2.85 -15.16
CA CYS A 67 3.57 -3.43 -15.82
C CYS A 67 3.70 -2.93 -17.26
N SER A 68 4.92 -2.95 -17.76
CA SER A 68 5.23 -2.40 -19.10
C SER A 68 4.59 -3.26 -20.20
N TYR A 69 4.25 -4.50 -19.87
CA TYR A 69 3.65 -5.42 -20.83
C TYR A 69 2.23 -5.00 -21.20
N CYS A 70 1.66 -4.09 -20.42
CA CYS A 70 0.33 -3.58 -20.74
C CYS A 70 0.36 -2.06 -20.89
N SER A 71 1.22 -1.42 -20.10
CA SER A 71 1.47 0.00 -20.25
C SER A 71 2.96 0.22 -20.44
N GLU A 72 3.35 0.49 -21.68
CA GLU A 72 4.75 0.58 -22.03
C GLU A 72 5.28 1.97 -21.76
N ASP A 73 5.22 2.35 -20.50
CA ASP A 73 5.76 3.62 -20.06
C ASP A 73 7.24 3.48 -19.76
N GLU A 74 8.01 4.47 -20.15
CA GLU A 74 9.46 4.42 -20.04
C GLU A 74 9.94 4.88 -18.66
N ASN A 75 9.11 5.65 -17.97
CA ASN A 75 9.50 6.26 -16.70
C ASN A 75 9.16 5.34 -15.53
N CYS A 76 8.05 4.62 -15.66
CA CYS A 76 7.60 3.72 -14.61
C CYS A 76 8.61 2.61 -14.34
N ASN A 77 9.09 2.55 -13.11
CA ASN A 77 10.05 1.53 -12.69
C ASN A 77 9.35 0.20 -12.46
N ASN A 78 9.29 -0.63 -13.49
CA ASN A 78 8.68 -1.94 -13.40
C ASN A 78 9.75 -3.00 -13.23
N LEU A 79 9.70 -3.69 -12.10
CA LEU A 79 10.71 -4.70 -11.78
C LEU A 79 10.51 -5.94 -12.62
N LEU A 80 9.49 -6.71 -12.28
CA LEU A 80 9.12 -7.88 -13.06
C LEU A 80 8.19 -7.46 -14.19
N GLU A 81 8.76 -7.24 -15.37
CA GLU A 81 7.99 -6.79 -16.50
C GLU A 81 7.12 -7.92 -17.02
N GLY A 82 5.83 -7.65 -17.10
CA GLY A 82 4.88 -8.66 -17.51
C GLY A 82 4.12 -9.22 -16.33
N TYR A 83 4.53 -8.82 -15.14
CA TYR A 83 3.86 -9.24 -13.91
C TYR A 83 3.39 -8.01 -13.14
N HIS A 84 2.46 -8.21 -12.21
CA HIS A 84 2.00 -7.16 -11.32
C HIS A 84 2.17 -7.61 -9.87
N PRO A 85 2.39 -6.66 -8.95
CA PRO A 85 2.57 -6.96 -7.53
C PRO A 85 1.26 -7.40 -6.88
N LYS A 86 1.35 -8.37 -6.00
CA LYS A 86 0.16 -8.99 -5.42
C LYS A 86 0.25 -9.08 -3.92
N LEU A 87 -0.80 -8.66 -3.25
CA LEU A 87 -0.88 -8.74 -1.81
C LEU A 87 -1.40 -10.10 -1.38
N VAL A 88 -0.66 -10.77 -0.51
CA VAL A 88 -1.08 -12.07 0.00
C VAL A 88 -0.96 -12.12 1.51
N VAL A 89 -1.87 -12.83 2.15
CA VAL A 89 -1.82 -13.02 3.57
C VAL A 89 -1.13 -14.34 3.90
N ASN A 90 -0.03 -14.25 4.64
CA ASN A 90 0.72 -15.43 5.03
C ASN A 90 0.80 -15.51 6.55
N GLY A 91 -0.09 -16.28 7.14
CA GLY A 91 -0.11 -16.43 8.58
C GLY A 91 -0.64 -15.20 9.28
N ARG A 92 0.25 -14.41 9.87
CA ARG A 92 -0.14 -13.19 10.55
C ARG A 92 0.45 -11.96 9.88
N SER A 93 1.11 -12.16 8.74
CA SER A 93 1.72 -11.05 8.01
C SER A 93 1.33 -11.08 6.54
N ILE A 94 1.48 -9.94 5.88
CA ILE A 94 1.10 -9.78 4.49
C ILE A 94 2.35 -9.62 3.62
N ASP A 95 2.37 -10.28 2.47
CA ASP A 95 3.56 -10.27 1.61
C ASP A 95 3.18 -9.85 0.20
N ILE A 96 4.19 -9.78 -0.66
CA ILE A 96 4.02 -9.32 -2.02
C ILE A 96 4.48 -10.36 -3.03
N GLU A 97 3.53 -10.91 -3.76
CA GLU A 97 3.80 -11.84 -4.85
C GLU A 97 3.78 -11.11 -6.18
N TYR A 98 3.92 -11.84 -7.26
CA TYR A 98 3.79 -11.27 -8.59
C TYR A 98 3.03 -12.22 -9.49
N TYR A 99 1.95 -11.74 -10.09
CA TYR A 99 1.18 -12.54 -11.04
C TYR A 99 1.36 -11.98 -12.43
N GLU A 100 1.34 -12.86 -13.41
CA GLU A 100 1.49 -12.44 -14.79
C GLU A 100 0.31 -11.61 -15.24
N CYS A 101 0.62 -10.52 -15.91
CA CYS A 101 -0.34 -9.58 -16.44
C CYS A 101 -1.52 -10.28 -17.11
N PRO A 102 -2.75 -9.97 -16.66
CA PRO A 102 -3.98 -10.59 -17.19
C PRO A 102 -4.17 -10.36 -18.69
N VAL A 103 -3.37 -9.49 -19.28
CA VAL A 103 -3.44 -9.22 -20.72
C VAL A 103 -3.04 -10.46 -21.52
N LYS A 104 -2.34 -11.39 -20.86
CA LYS A 104 -1.96 -12.65 -21.50
C LYS A 104 -3.14 -13.62 -21.55
N ARG A 105 -4.09 -13.43 -20.64
CA ARG A 105 -5.29 -14.27 -20.61
C ARG A 105 -6.53 -13.40 -20.44
N LYS A 106 -6.92 -12.73 -21.53
CA LYS A 106 -8.11 -11.89 -21.54
C LYS A 106 -8.03 -10.80 -20.48
ZN ZN B . 0.42 -5.43 -16.96
N MET A 1 -21.47 24.32 12.62
CA MET A 1 -20.03 24.53 12.33
C MET A 1 -19.47 23.32 11.60
N GLU A 2 -18.95 23.55 10.39
CA GLU A 2 -18.41 22.48 9.57
C GLU A 2 -17.22 21.81 10.25
N PRO A 3 -17.06 20.50 10.06
CA PRO A 3 -16.00 19.72 10.70
C PRO A 3 -14.62 20.06 10.18
N ILE A 4 -13.94 20.96 10.89
CA ILE A 4 -12.55 21.28 10.61
C ILE A 4 -11.69 20.90 11.81
N GLY A 5 -10.84 19.89 11.64
CA GLY A 5 -10.03 19.41 12.73
C GLY A 5 -8.66 20.03 12.74
N ARG A 6 -7.99 20.01 11.59
CA ARG A 6 -6.65 20.55 11.48
C ARG A 6 -6.68 22.06 11.29
N SER A 7 -6.69 22.78 12.41
CA SER A 7 -6.66 24.23 12.39
C SER A 7 -5.25 24.73 12.72
N LEU A 8 -5.02 26.01 12.53
CA LEU A 8 -3.70 26.58 12.74
C LEU A 8 -3.66 27.41 14.02
N GLN A 9 -4.74 27.35 14.79
CA GLN A 9 -4.84 28.10 16.04
C GLN A 9 -4.34 27.27 17.22
N GLY A 10 -3.50 26.28 16.93
CA GLY A 10 -2.95 25.45 17.98
C GLY A 10 -1.46 25.26 17.82
N VAL A 11 -0.68 26.26 18.24
CA VAL A 11 0.77 26.20 18.13
C VAL A 11 1.32 25.06 18.97
N THR A 12 1.81 24.03 18.30
CA THR A 12 2.32 22.85 18.96
C THR A 12 3.58 22.33 18.26
N GLY A 13 4.17 21.30 18.83
CA GLY A 13 5.31 20.66 18.20
C GLY A 13 4.89 19.74 17.06
N ARG A 14 5.85 19.16 16.37
CA ARG A 14 5.57 18.30 15.23
C ARG A 14 6.53 17.11 15.20
N PRO A 15 6.20 16.06 15.96
CA PRO A 15 6.96 14.81 15.94
C PRO A 15 6.91 14.15 14.56
N ASP A 16 8.07 13.90 13.99
CA ASP A 16 8.18 13.33 12.64
C ASP A 16 7.53 11.97 12.56
N PHE A 17 7.52 11.25 13.67
CA PHE A 17 6.94 9.90 13.73
C PHE A 17 5.48 9.93 13.31
N GLN A 18 4.69 10.81 13.91
CA GLN A 18 3.26 10.87 13.61
C GLN A 18 3.05 11.42 12.21
N LYS A 19 3.95 12.32 11.78
CA LYS A 19 3.85 12.91 10.46
C LYS A 19 4.06 11.88 9.37
N ARG A 20 5.12 11.08 9.50
CA ARG A 20 5.39 10.03 8.53
C ARG A 20 4.33 8.94 8.64
N LEU A 21 3.82 8.74 9.86
CA LEU A 21 2.80 7.73 10.11
C LEU A 21 1.53 8.02 9.34
N GLU A 22 1.04 9.25 9.45
CA GLU A 22 -0.14 9.68 8.69
C GLU A 22 0.12 9.55 7.19
N GLN A 23 1.29 10.01 6.78
CA GLN A 23 1.66 10.04 5.37
C GLN A 23 1.63 8.64 4.76
N MET A 24 2.41 7.73 5.34
CA MET A 24 2.51 6.39 4.81
C MET A 24 1.19 5.64 4.96
N LYS A 25 0.52 5.85 6.09
CA LYS A 25 -0.76 5.18 6.35
C LYS A 25 -1.81 5.63 5.34
N GLU A 26 -1.81 6.93 5.05
CA GLU A 26 -2.71 7.49 4.05
C GLU A 26 -2.44 6.90 2.68
N LYS A 27 -1.17 6.90 2.28
CA LYS A 27 -0.77 6.37 0.99
C LYS A 27 -1.24 4.93 0.81
N VAL A 28 -1.11 4.14 1.87
CA VAL A 28 -1.53 2.75 1.82
C VAL A 28 -3.07 2.65 1.76
N MET A 29 -3.74 3.47 2.54
CA MET A 29 -5.20 3.41 2.63
C MET A 29 -5.89 4.08 1.45
N LYS A 30 -5.12 4.75 0.60
CA LYS A 30 -5.71 5.44 -0.55
C LYS A 30 -5.51 4.67 -1.85
N ASP A 31 -4.78 3.56 -1.79
CA ASP A 31 -4.54 2.77 -2.99
C ASP A 31 -5.71 1.83 -3.27
N GLN A 32 -6.14 1.79 -4.52
CA GLN A 32 -7.31 1.01 -4.92
C GLN A 32 -7.06 -0.49 -4.77
N ASP A 33 -5.88 -0.94 -5.14
CA ASP A 33 -5.57 -2.36 -5.15
C ASP A 33 -5.37 -2.87 -3.74
N VAL A 34 -4.79 -2.03 -2.89
CA VAL A 34 -4.67 -2.33 -1.47
C VAL A 34 -6.04 -2.61 -0.86
N GLN A 35 -7.01 -1.76 -1.16
CA GLN A 35 -8.37 -1.92 -0.62
C GLN A 35 -9.02 -3.19 -1.15
N ALA A 36 -8.65 -3.55 -2.38
CA ALA A 36 -9.14 -4.79 -2.98
C ALA A 36 -8.67 -5.99 -2.18
N PHE A 37 -7.41 -6.00 -1.82
CA PHE A 37 -6.85 -7.06 -0.99
C PHE A 37 -7.47 -7.03 0.40
N LEU A 38 -7.62 -5.82 0.94
CA LEU A 38 -8.20 -5.64 2.27
C LEU A 38 -9.60 -6.22 2.35
N LYS A 39 -10.42 -6.00 1.34
CA LYS A 39 -11.79 -6.48 1.36
C LYS A 39 -11.84 -7.99 1.13
N GLU A 40 -10.85 -8.51 0.41
CA GLU A 40 -10.78 -9.95 0.15
C GLU A 40 -10.51 -10.70 1.45
N ASN A 41 -9.43 -10.32 2.11
CA ASN A 41 -8.97 -11.02 3.31
C ASN A 41 -9.33 -10.26 4.58
N GLU A 42 -10.45 -9.54 4.53
CA GLU A 42 -10.90 -8.71 5.66
C GLU A 42 -11.17 -9.56 6.91
N GLU A 43 -11.52 -10.83 6.72
CA GLU A 43 -11.81 -11.71 7.83
C GLU A 43 -10.53 -12.36 8.37
N VAL A 44 -9.51 -12.44 7.53
CA VAL A 44 -8.30 -13.17 7.88
C VAL A 44 -7.25 -12.24 8.49
N ILE A 45 -7.22 -11.01 8.00
CA ILE A 45 -6.24 -10.04 8.46
C ILE A 45 -6.78 -9.28 9.67
N ASP A 46 -5.88 -8.83 10.53
CA ASP A 46 -6.26 -7.99 11.66
C ASP A 46 -5.56 -6.65 11.55
N GLN A 47 -6.06 -5.68 12.29
CA GLN A 47 -5.50 -4.35 12.30
C GLN A 47 -4.03 -4.34 12.73
N LYS A 48 -3.70 -5.17 13.73
CA LYS A 48 -2.32 -5.26 14.18
C LYS A 48 -1.41 -5.80 13.08
N MET A 49 -1.94 -6.76 12.33
CA MET A 49 -1.20 -7.34 11.21
C MET A 49 -1.02 -6.30 10.11
N ILE A 50 -2.00 -5.41 9.98
CA ILE A 50 -1.92 -4.29 9.04
C ILE A 50 -0.76 -3.37 9.43
N GLU A 51 -0.67 -3.04 10.70
CA GLU A 51 0.38 -2.16 11.20
C GLU A 51 1.75 -2.83 11.09
N LYS A 52 1.79 -4.11 11.41
CA LYS A 52 3.03 -4.88 11.36
C LYS A 52 3.53 -5.01 9.93
N SER A 53 2.63 -5.31 9.01
CA SER A 53 3.00 -5.50 7.61
C SER A 53 2.73 -4.23 6.80
N LEU A 54 2.60 -3.10 7.49
CA LEU A 54 2.40 -1.83 6.82
C LEU A 54 3.60 -1.50 5.95
N ASN A 55 4.76 -1.98 6.38
CA ASN A 55 5.98 -1.86 5.60
C ASN A 55 5.84 -2.58 4.28
N LYS A 56 5.17 -3.73 4.31
CA LYS A 56 4.92 -4.53 3.12
C LYS A 56 3.86 -3.91 2.24
N LEU A 57 2.81 -3.39 2.84
CA LEU A 57 1.77 -2.68 2.09
C LEU A 57 2.35 -1.45 1.41
N TYR A 58 3.22 -0.76 2.12
CA TYR A 58 3.89 0.44 1.62
C TYR A 58 4.89 0.06 0.52
N GLU A 59 5.66 -0.99 0.79
CA GLU A 59 6.64 -1.50 -0.16
C GLU A 59 5.94 -2.02 -1.41
N TYR A 60 4.76 -2.60 -1.22
CA TYR A 60 3.95 -3.11 -2.32
C TYR A 60 3.64 -2.01 -3.33
N ILE A 61 3.07 -0.92 -2.86
CA ILE A 61 2.61 0.14 -3.75
C ILE A 61 3.79 0.88 -4.38
N GLU A 62 4.91 0.98 -3.68
CA GLU A 62 6.02 1.77 -4.19
C GLU A 62 6.84 1.03 -5.24
N GLN A 63 6.83 -0.31 -5.22
CA GLN A 63 7.67 -1.05 -6.16
C GLN A 63 7.06 -1.09 -7.56
N SER A 64 5.74 -1.10 -7.61
CA SER A 64 5.00 -1.22 -8.86
C SER A 64 3.50 -1.16 -8.62
N LYS A 65 2.83 -0.17 -9.20
CA LYS A 65 1.37 -0.17 -9.22
C LYS A 65 0.90 -0.97 -10.42
N ASN A 66 1.44 -0.62 -11.58
CA ASN A 66 1.11 -1.30 -12.82
C ASN A 66 2.35 -2.00 -13.37
N CYS A 67 2.35 -2.27 -14.67
CA CYS A 67 3.49 -2.91 -15.30
C CYS A 67 3.55 -2.49 -16.76
N SER A 68 4.69 -2.71 -17.38
CA SER A 68 4.91 -2.32 -18.78
C SER A 68 3.83 -2.93 -19.70
N TYR A 69 3.34 -4.10 -19.33
CA TYR A 69 2.33 -4.81 -20.11
C TYR A 69 0.94 -4.18 -19.97
N CYS A 70 0.86 -3.07 -19.26
CA CYS A 70 -0.39 -2.34 -19.14
C CYS A 70 -0.11 -0.85 -18.93
N SER A 71 1.09 -0.42 -19.28
CA SER A 71 1.49 0.95 -19.10
C SER A 71 2.08 1.49 -20.40
N GLU A 72 1.98 2.78 -20.59
CA GLU A 72 2.54 3.41 -21.77
C GLU A 72 4.06 3.52 -21.61
N ASP A 73 4.49 3.61 -20.37
CA ASP A 73 5.90 3.72 -20.05
C ASP A 73 6.54 2.35 -20.00
N GLU A 74 7.65 2.19 -20.71
CA GLU A 74 8.43 0.97 -20.66
C GLU A 74 9.89 1.28 -20.38
N ASN A 75 10.21 2.57 -20.36
CA ASN A 75 11.59 3.02 -20.19
C ASN A 75 12.06 2.86 -18.76
N CYS A 76 11.18 3.17 -17.82
CA CYS A 76 11.54 3.15 -16.41
C CYS A 76 10.33 2.87 -15.54
N ASN A 77 9.35 2.18 -16.10
CA ASN A 77 8.08 1.96 -15.42
C ASN A 77 8.24 1.03 -14.23
N ASN A 78 8.69 -0.18 -14.50
CA ASN A 78 8.84 -1.19 -13.45
C ASN A 78 9.78 -2.30 -13.92
N LEU A 79 10.38 -3.00 -12.97
CA LEU A 79 11.39 -4.01 -13.29
C LEU A 79 10.75 -5.26 -13.89
N LEU A 80 9.82 -5.86 -13.16
CA LEU A 80 9.20 -7.10 -13.60
C LEU A 80 8.06 -6.83 -14.58
N GLU A 81 8.44 -6.62 -15.84
CA GLU A 81 7.47 -6.34 -16.88
C GLU A 81 6.55 -7.54 -17.10
N GLY A 82 5.25 -7.28 -17.09
CA GLY A 82 4.28 -8.33 -17.31
C GLY A 82 3.72 -8.87 -16.02
N TYR A 83 4.31 -8.48 -14.91
CA TYR A 83 3.88 -8.96 -13.60
C TYR A 83 3.53 -7.81 -12.66
N HIS A 84 2.72 -8.10 -11.65
CA HIS A 84 2.45 -7.16 -10.56
C HIS A 84 2.66 -7.86 -9.25
N PRO A 85 2.95 -7.09 -8.20
CA PRO A 85 3.02 -7.60 -6.85
C PRO A 85 1.62 -7.79 -6.28
N LYS A 86 1.47 -8.74 -5.38
CA LYS A 86 0.20 -8.95 -4.71
C LYS A 86 0.45 -9.36 -3.27
N LEU A 87 -0.39 -8.86 -2.36
CA LEU A 87 -0.26 -9.21 -0.96
C LEU A 87 -0.86 -10.58 -0.72
N VAL A 88 -0.20 -11.38 0.11
CA VAL A 88 -0.72 -12.67 0.50
C VAL A 88 -0.63 -12.84 2.01
N VAL A 89 -1.56 -13.57 2.58
CA VAL A 89 -1.54 -13.81 4.00
C VAL A 89 -0.93 -15.18 4.31
N ASN A 90 0.22 -15.16 4.96
CA ASN A 90 0.91 -16.38 5.33
C ASN A 90 0.99 -16.47 6.84
N GLY A 91 0.05 -17.20 7.42
CA GLY A 91 0.00 -17.34 8.85
C GLY A 91 -0.38 -16.05 9.55
N ARG A 92 0.59 -15.42 10.19
CA ARG A 92 0.38 -14.17 10.89
C ARG A 92 1.21 -13.06 10.28
N SER A 93 1.64 -13.28 9.04
CA SER A 93 2.44 -12.30 8.34
C SER A 93 1.97 -12.13 6.90
N ILE A 94 1.98 -10.90 6.42
CA ILE A 94 1.58 -10.59 5.06
C ILE A 94 2.82 -10.52 4.16
N ASP A 95 2.75 -11.19 3.03
CA ASP A 95 3.88 -11.29 2.10
C ASP A 95 3.49 -10.72 0.75
N ILE A 96 4.43 -10.69 -0.20
CA ILE A 96 4.18 -10.10 -1.50
C ILE A 96 4.67 -11.02 -2.61
N GLU A 97 3.74 -11.51 -3.42
CA GLU A 97 4.07 -12.36 -4.55
C GLU A 97 3.98 -11.56 -5.84
N TYR A 98 4.20 -12.21 -6.97
CA TYR A 98 4.05 -11.56 -8.27
C TYR A 98 3.19 -12.42 -9.20
N TYR A 99 2.11 -11.84 -9.69
CA TYR A 99 1.24 -12.50 -10.64
C TYR A 99 1.36 -11.79 -11.98
N GLU A 100 1.14 -12.50 -13.08
CA GLU A 100 1.27 -11.89 -14.39
C GLU A 100 0.00 -11.15 -14.78
N CYS A 101 0.20 -9.94 -15.26
CA CYS A 101 -0.85 -9.03 -15.69
C CYS A 101 -1.87 -9.73 -16.59
N PRO A 102 -3.16 -9.70 -16.21
CA PRO A 102 -4.23 -10.32 -17.00
C PRO A 102 -4.46 -9.61 -18.35
N VAL A 103 -3.83 -8.45 -18.49
CA VAL A 103 -3.94 -7.67 -19.72
C VAL A 103 -3.23 -8.38 -20.88
N LYS A 104 -2.31 -9.28 -20.56
CA LYS A 104 -1.56 -10.01 -21.58
C LYS A 104 -2.49 -10.95 -22.36
N ARG A 105 -3.59 -11.35 -21.72
CA ARG A 105 -4.59 -12.19 -22.37
C ARG A 105 -5.82 -11.37 -22.76
N LYS A 106 -6.10 -11.33 -24.05
CA LYS A 106 -7.25 -10.58 -24.53
C LYS A 106 -7.98 -11.37 -25.61
ZN ZN B . 0.15 -4.77 -15.70
N MET A 1 -20.25 22.45 9.77
CA MET A 1 -19.90 23.73 9.11
C MET A 1 -19.21 24.67 10.10
N GLU A 2 -18.63 24.10 11.14
CA GLU A 2 -18.02 24.87 12.21
C GLU A 2 -16.72 25.51 11.74
N PRO A 3 -16.39 26.70 12.26
CA PRO A 3 -15.13 27.37 11.96
C PRO A 3 -13.94 26.51 12.36
N ILE A 4 -13.29 25.92 11.37
CA ILE A 4 -12.21 24.98 11.60
C ILE A 4 -11.06 25.62 12.38
N GLY A 5 -10.74 25.03 13.51
CA GLY A 5 -9.62 25.51 14.31
C GLY A 5 -8.75 24.37 14.77
N ARG A 6 -7.49 24.38 14.37
CA ARG A 6 -6.58 23.31 14.71
C ARG A 6 -5.89 23.60 16.04
N SER A 7 -5.83 22.60 16.90
CA SER A 7 -5.22 22.73 18.21
C SER A 7 -3.73 23.04 18.11
N LEU A 8 -3.14 22.71 16.97
CA LEU A 8 -1.72 22.96 16.74
C LEU A 8 -1.48 24.39 16.30
N GLN A 9 -1.31 25.27 17.27
CA GLN A 9 -0.88 26.64 17.00
C GLN A 9 0.63 26.66 16.89
N GLY A 10 1.28 26.02 17.84
CA GLY A 10 2.71 25.86 17.83
C GLY A 10 3.09 24.43 18.10
N VAL A 11 3.57 23.75 17.08
CA VAL A 11 3.91 22.33 17.21
C VAL A 11 5.21 22.17 17.98
N THR A 12 5.09 21.88 19.27
CA THR A 12 6.25 21.75 20.14
C THR A 12 6.86 20.34 20.02
N GLY A 13 6.01 19.34 19.90
CA GLY A 13 6.49 17.98 19.76
C GLY A 13 6.37 17.48 18.34
N ARG A 14 7.44 16.91 17.81
CA ARG A 14 7.45 16.44 16.43
C ARG A 14 8.27 15.15 16.30
N PRO A 15 7.80 14.05 16.93
CA PRO A 15 8.43 12.74 16.76
C PRO A 15 8.37 12.26 15.31
N ASP A 16 9.50 12.32 14.63
CA ASP A 16 9.58 11.98 13.20
C ASP A 16 9.05 10.57 12.95
N PHE A 17 9.35 9.67 13.88
CA PHE A 17 8.93 8.28 13.77
C PHE A 17 7.42 8.16 13.53
N GLN A 18 6.62 8.72 14.43
CA GLN A 18 5.17 8.59 14.32
C GLN A 18 4.65 9.42 13.16
N LYS A 19 5.33 10.53 12.86
CA LYS A 19 4.96 11.38 11.75
C LYS A 19 4.99 10.61 10.44
N ARG A 20 6.07 9.88 10.22
CA ARG A 20 6.19 9.07 9.01
C ARG A 20 5.36 7.79 9.13
N LEU A 21 5.21 7.31 10.36
CA LEU A 21 4.43 6.10 10.61
C LEU A 21 2.97 6.28 10.19
N GLU A 22 2.37 7.38 10.63
CA GLU A 22 0.99 7.68 10.26
C GLU A 22 0.91 8.20 8.83
N GLN A 23 1.99 8.81 8.35
CA GLN A 23 2.05 9.30 6.97
C GLN A 23 1.90 8.16 5.99
N MET A 24 2.76 7.16 6.12
CA MET A 24 2.70 5.97 5.28
C MET A 24 1.41 5.20 5.55
N LYS A 25 1.01 5.19 6.82
CA LYS A 25 -0.25 4.59 7.25
C LYS A 25 -1.42 5.18 6.47
N GLU A 26 -1.46 6.50 6.42
CA GLU A 26 -2.54 7.24 5.79
C GLU A 26 -2.67 6.87 4.31
N LYS A 27 -1.55 6.87 3.61
CA LYS A 27 -1.55 6.53 2.19
C LYS A 27 -2.12 5.14 1.92
N VAL A 28 -1.78 4.19 2.78
CA VAL A 28 -2.24 2.82 2.62
C VAL A 28 -3.74 2.72 2.91
N MET A 29 -4.20 3.54 3.85
CA MET A 29 -5.59 3.51 4.29
C MET A 29 -6.53 4.06 3.22
N LYS A 30 -6.00 4.74 2.22
CA LYS A 30 -6.84 5.30 1.16
C LYS A 30 -6.49 4.74 -0.21
N ASP A 31 -5.74 3.66 -0.25
CA ASP A 31 -5.43 3.01 -1.51
C ASP A 31 -6.54 2.04 -1.90
N GLN A 32 -6.92 2.09 -3.16
CA GLN A 32 -8.03 1.30 -3.68
C GLN A 32 -7.78 -0.22 -3.61
N ASP A 33 -6.60 -0.64 -4.05
CA ASP A 33 -6.29 -2.07 -4.12
C ASP A 33 -6.12 -2.63 -2.71
N VAL A 34 -5.59 -1.81 -1.82
CA VAL A 34 -5.46 -2.18 -0.42
C VAL A 34 -6.84 -2.51 0.17
N GLN A 35 -7.84 -1.69 -0.14
CA GLN A 35 -9.20 -1.91 0.36
C GLN A 35 -9.73 -3.27 -0.07
N ALA A 36 -9.58 -3.55 -1.37
CA ALA A 36 -10.07 -4.78 -1.95
C ALA A 36 -9.51 -6.01 -1.25
N PHE A 37 -8.22 -5.98 -0.95
CA PHE A 37 -7.56 -7.08 -0.27
C PHE A 37 -7.98 -7.14 1.20
N LEU A 38 -8.07 -5.97 1.83
CA LEU A 38 -8.45 -5.88 3.24
C LEU A 38 -9.83 -6.47 3.47
N LYS A 39 -10.78 -6.10 2.62
CA LYS A 39 -12.15 -6.57 2.77
C LYS A 39 -12.26 -8.04 2.39
N GLU A 40 -11.36 -8.50 1.52
CA GLU A 40 -11.31 -9.88 1.12
C GLU A 40 -10.92 -10.76 2.30
N ASN A 41 -9.79 -10.43 2.90
CA ASN A 41 -9.21 -11.25 3.95
C ASN A 41 -9.39 -10.60 5.32
N GLU A 42 -10.50 -9.90 5.50
CA GLU A 42 -10.78 -9.22 6.77
C GLU A 42 -10.89 -10.21 7.92
N GLU A 43 -11.23 -11.45 7.59
CA GLU A 43 -11.33 -12.51 8.58
C GLU A 43 -9.95 -12.85 9.11
N VAL A 44 -8.96 -12.80 8.23
CA VAL A 44 -7.62 -13.24 8.57
C VAL A 44 -6.78 -12.05 9.03
N ILE A 45 -6.89 -10.94 8.32
CA ILE A 45 -6.10 -9.76 8.60
C ILE A 45 -6.62 -9.04 9.84
N ASP A 46 -5.70 -8.48 10.61
CA ASP A 46 -6.03 -7.69 11.76
C ASP A 46 -5.26 -6.36 11.73
N GLN A 47 -5.52 -5.50 12.69
CA GLN A 47 -4.89 -4.18 12.75
C GLN A 47 -3.37 -4.28 12.83
N LYS A 48 -2.89 -5.24 13.61
CA LYS A 48 -1.46 -5.39 13.82
C LYS A 48 -0.79 -5.96 12.57
N MET A 49 -1.48 -6.87 11.89
CA MET A 49 -1.01 -7.39 10.63
C MET A 49 -0.79 -6.25 9.64
N ILE A 50 -1.64 -5.25 9.72
CA ILE A 50 -1.54 -4.07 8.86
C ILE A 50 -0.22 -3.34 9.09
N GLU A 51 0.04 -2.98 10.35
CA GLU A 51 1.26 -2.25 10.68
C GLU A 51 2.50 -3.12 10.51
N LYS A 52 2.37 -4.40 10.81
CA LYS A 52 3.48 -5.34 10.64
C LYS A 52 3.85 -5.47 9.16
N SER A 53 2.88 -5.23 8.30
CA SER A 53 3.09 -5.36 6.87
C SER A 53 2.95 -4.00 6.19
N LEU A 54 3.01 -2.94 6.98
CA LEU A 54 2.87 -1.58 6.49
C LEU A 54 3.94 -1.31 5.43
N ASN A 55 5.14 -1.78 5.73
CA ASN A 55 6.27 -1.68 4.80
C ASN A 55 5.94 -2.30 3.44
N LYS A 56 5.30 -3.46 3.47
CA LYS A 56 4.93 -4.16 2.24
C LYS A 56 3.78 -3.44 1.55
N LEU A 57 2.75 -3.11 2.31
CA LEU A 57 1.58 -2.41 1.76
C LEU A 57 2.00 -1.09 1.13
N TYR A 58 2.88 -0.36 1.80
CA TYR A 58 3.35 0.93 1.32
C TYR A 58 4.23 0.75 0.08
N GLU A 59 5.06 -0.29 0.11
CA GLU A 59 5.91 -0.63 -1.02
C GLU A 59 5.05 -0.95 -2.25
N TYR A 60 3.96 -1.65 -2.00
CA TYR A 60 3.02 -2.05 -3.03
C TYR A 60 2.37 -0.83 -3.70
N ILE A 61 1.83 0.07 -2.89
CA ILE A 61 1.03 1.17 -3.40
C ILE A 61 1.86 2.20 -4.17
N GLU A 62 3.13 2.38 -3.78
CA GLU A 62 3.97 3.38 -4.43
C GLU A 62 4.64 2.80 -5.67
N GLN A 63 4.81 1.50 -5.70
CA GLN A 63 5.41 0.84 -6.86
C GLN A 63 4.39 0.80 -8.00
N SER A 64 4.88 0.61 -9.21
CA SER A 64 4.01 0.62 -10.38
C SER A 64 3.01 -0.54 -10.35
N LYS A 65 1.73 -0.20 -10.37
CA LYS A 65 0.66 -1.20 -10.38
C LYS A 65 0.60 -1.85 -11.76
N ASN A 66 0.93 -1.05 -12.78
CA ASN A 66 0.99 -1.53 -14.15
C ASN A 66 2.33 -2.18 -14.44
N CYS A 67 2.62 -2.38 -15.70
CA CYS A 67 3.90 -2.92 -16.10
C CYS A 67 4.17 -2.54 -17.55
N SER A 68 5.42 -2.59 -17.94
CA SER A 68 5.84 -2.10 -19.26
C SER A 68 5.28 -2.99 -20.36
N TYR A 69 4.95 -4.22 -20.01
CA TYR A 69 4.36 -5.18 -20.94
C TYR A 69 2.95 -4.78 -21.35
N CYS A 70 2.40 -3.77 -20.69
CA CYS A 70 1.05 -3.30 -21.03
C CYS A 70 1.00 -1.78 -21.13
N SER A 71 2.13 -1.12 -20.93
CA SER A 71 2.19 0.32 -21.02
C SER A 71 3.22 0.74 -22.05
N GLU A 72 2.91 1.77 -22.83
CA GLU A 72 3.80 2.23 -23.88
C GLU A 72 4.90 3.12 -23.31
N ASP A 73 5.62 2.55 -22.37
CA ASP A 73 6.75 3.20 -21.73
C ASP A 73 7.71 2.15 -21.22
N GLU A 74 8.96 2.24 -21.63
CA GLU A 74 9.95 1.24 -21.28
C GLU A 74 10.83 1.72 -20.14
N ASN A 75 10.57 2.92 -19.64
CA ASN A 75 11.29 3.42 -18.48
C ASN A 75 10.53 2.99 -17.22
N CYS A 76 10.29 1.69 -17.15
CA CYS A 76 9.46 1.11 -16.11
C CYS A 76 10.26 0.84 -14.84
N ASN A 77 9.74 1.30 -13.71
CA ASN A 77 10.39 1.12 -12.42
C ASN A 77 10.14 -0.28 -11.86
N ASN A 78 9.13 -0.95 -12.42
CA ASN A 78 8.73 -2.29 -11.96
C ASN A 78 9.88 -3.28 -12.06
N LEU A 79 10.03 -4.10 -11.03
CA LEU A 79 11.10 -5.09 -10.99
C LEU A 79 10.72 -6.34 -11.77
N LEU A 80 9.60 -6.94 -11.41
CA LEU A 80 9.11 -8.13 -12.08
C LEU A 80 8.31 -7.74 -13.31
N GLU A 81 9.00 -7.40 -14.39
CA GLU A 81 8.34 -6.93 -15.58
C GLU A 81 7.66 -8.09 -16.30
N GLY A 82 6.46 -7.80 -16.80
CA GLY A 82 5.61 -8.83 -17.35
C GLY A 82 4.62 -9.34 -16.32
N TYR A 83 4.82 -8.90 -15.08
CA TYR A 83 3.95 -9.27 -13.97
C TYR A 83 3.37 -8.02 -13.31
N HIS A 84 2.38 -8.23 -12.44
CA HIS A 84 1.86 -7.16 -11.59
C HIS A 84 1.86 -7.64 -10.14
N PRO A 85 2.04 -6.72 -9.20
CA PRO A 85 2.07 -7.05 -7.77
C PRO A 85 0.69 -7.47 -7.22
N LYS A 86 0.70 -8.44 -6.32
CA LYS A 86 -0.50 -8.88 -5.66
C LYS A 86 -0.28 -9.01 -4.17
N LEU A 87 -1.24 -8.56 -3.39
CA LEU A 87 -1.16 -8.69 -1.94
C LEU A 87 -1.64 -10.06 -1.50
N VAL A 88 -0.85 -10.72 -0.68
CA VAL A 88 -1.21 -12.04 -0.16
C VAL A 88 -1.01 -12.10 1.35
N VAL A 89 -1.80 -12.91 2.01
CA VAL A 89 -1.68 -13.06 3.46
C VAL A 89 -0.86 -14.30 3.80
N ASN A 90 0.27 -14.09 4.47
CA ASN A 90 1.13 -15.17 4.90
C ASN A 90 1.32 -15.11 6.41
N GLY A 91 0.55 -15.93 7.12
CA GLY A 91 0.61 -15.92 8.57
C GLY A 91 0.11 -14.62 9.16
N ARG A 92 1.01 -13.85 9.76
CA ARG A 92 0.67 -12.54 10.30
C ARG A 92 1.36 -11.44 9.51
N SER A 93 1.86 -11.80 8.33
CA SER A 93 2.52 -10.84 7.47
C SER A 93 1.89 -10.83 6.08
N ILE A 94 1.58 -9.64 5.59
CA ILE A 94 1.03 -9.46 4.27
C ILE A 94 2.18 -9.25 3.28
N ASP A 95 2.16 -10.02 2.20
CA ASP A 95 3.29 -10.05 1.28
C ASP A 95 2.86 -9.61 -0.10
N ILE A 96 3.83 -9.57 -1.01
CA ILE A 96 3.58 -9.11 -2.36
C ILE A 96 4.09 -10.13 -3.36
N GLU A 97 3.16 -10.84 -3.99
CA GLU A 97 3.49 -11.78 -5.04
C GLU A 97 3.31 -11.13 -6.40
N TYR A 98 3.59 -11.87 -7.45
CA TYR A 98 3.46 -11.35 -8.80
C TYR A 98 2.71 -12.32 -9.68
N TYR A 99 1.72 -11.81 -10.39
CA TYR A 99 0.98 -12.60 -11.36
C TYR A 99 1.25 -12.06 -12.76
N GLU A 100 1.18 -12.93 -13.75
CA GLU A 100 1.48 -12.53 -15.12
C GLU A 100 0.48 -11.50 -15.62
N CYS A 101 0.99 -10.43 -16.20
CA CYS A 101 0.17 -9.38 -16.80
C CYS A 101 -0.95 -9.98 -17.64
N PRO A 102 -2.21 -9.64 -17.31
CA PRO A 102 -3.40 -10.20 -17.97
C PRO A 102 -3.46 -9.92 -19.47
N VAL A 103 -2.62 -9.01 -19.96
CA VAL A 103 -2.58 -8.70 -21.38
C VAL A 103 -2.05 -9.89 -22.18
N LYS A 104 -1.37 -10.81 -21.49
CA LYS A 104 -0.87 -12.02 -22.13
C LYS A 104 -2.02 -12.91 -22.57
N ARG A 105 -3.17 -12.72 -21.93
CA ARG A 105 -4.36 -13.47 -22.28
C ARG A 105 -4.97 -12.89 -23.55
N LYS A 106 -4.57 -13.45 -24.67
CA LYS A 106 -5.00 -12.94 -25.97
C LYS A 106 -6.29 -13.62 -26.42
ZN ZN B . 1.01 -5.24 -17.30
N MET A 1 -21.08 28.04 8.02
CA MET A 1 -19.92 27.12 7.86
C MET A 1 -20.01 25.99 8.87
N GLU A 2 -19.37 24.87 8.55
CA GLU A 2 -19.33 23.73 9.44
C GLU A 2 -17.89 23.46 9.88
N PRO A 3 -17.46 24.14 10.96
CA PRO A 3 -16.08 24.06 11.45
C PRO A 3 -15.77 22.71 12.11
N ILE A 4 -14.94 21.93 11.44
CA ILE A 4 -14.47 20.66 11.99
C ILE A 4 -13.21 20.91 12.82
N GLY A 5 -12.44 21.91 12.41
CA GLY A 5 -11.24 22.27 13.12
C GLY A 5 -11.53 23.17 14.29
N ARG A 6 -12.27 22.64 15.26
CA ARG A 6 -12.64 23.40 16.46
C ARG A 6 -11.70 23.07 17.61
N SER A 7 -10.71 22.23 17.36
CA SER A 7 -9.74 21.88 18.38
C SER A 7 -8.66 22.96 18.48
N LEU A 8 -9.05 24.13 18.95
CA LEU A 8 -8.14 25.27 19.08
C LEU A 8 -7.19 25.09 20.27
N GLN A 9 -7.28 23.95 20.92
CA GLN A 9 -6.37 23.63 22.02
C GLN A 9 -5.02 23.20 21.47
N GLY A 10 -5.06 22.51 20.33
CA GLY A 10 -3.84 22.10 19.66
C GLY A 10 -2.99 21.15 20.48
N VAL A 11 -1.74 21.02 20.09
CA VAL A 11 -0.78 20.18 20.81
C VAL A 11 0.56 20.89 20.94
N THR A 12 1.03 21.05 22.16
CA THR A 12 2.31 21.69 22.41
C THR A 12 3.46 20.74 22.05
N GLY A 13 3.20 19.45 22.11
CA GLY A 13 4.18 18.46 21.72
C GLY A 13 3.90 17.95 20.33
N ARG A 14 4.91 17.96 19.47
CA ARG A 14 4.73 17.58 18.08
C ARG A 14 5.96 16.84 17.55
N PRO A 15 5.99 15.53 17.81
CA PRO A 15 7.03 14.65 17.27
C PRO A 15 6.88 14.44 15.77
N ASP A 16 7.99 14.51 15.04
CA ASP A 16 7.96 14.28 13.59
C ASP A 16 7.74 12.80 13.31
N PHE A 17 8.10 11.96 14.28
CA PHE A 17 7.95 10.51 14.17
C PHE A 17 6.52 10.13 13.83
N GLN A 18 5.56 10.60 14.61
CA GLN A 18 4.16 10.25 14.41
C GLN A 18 3.66 10.75 13.07
N LYS A 19 4.21 11.88 12.62
CA LYS A 19 3.79 12.47 11.36
C LYS A 19 4.13 11.54 10.19
N ARG A 20 5.27 10.86 10.28
CA ARG A 20 5.62 9.87 9.26
C ARG A 20 4.72 8.65 9.41
N LEU A 21 4.66 8.17 10.64
CA LEU A 21 3.93 6.95 10.98
C LEU A 21 2.47 7.01 10.52
N GLU A 22 1.79 8.10 10.85
CA GLU A 22 0.39 8.24 10.49
C GLU A 22 0.23 8.54 9.01
N GLN A 23 1.17 9.29 8.44
CA GLN A 23 1.12 9.63 7.03
C GLN A 23 1.23 8.38 6.16
N MET A 24 2.30 7.62 6.36
CA MET A 24 2.52 6.41 5.57
C MET A 24 1.40 5.42 5.78
N LYS A 25 0.91 5.33 7.02
CA LYS A 25 -0.19 4.43 7.32
C LYS A 25 -1.47 4.88 6.62
N GLU A 26 -1.74 6.19 6.67
CA GLU A 26 -2.93 6.73 6.03
C GLU A 26 -2.82 6.57 4.51
N LYS A 27 -1.63 6.73 3.98
CA LYS A 27 -1.38 6.51 2.56
C LYS A 27 -1.76 5.10 2.15
N VAL A 28 -1.38 4.14 2.98
CA VAL A 28 -1.71 2.74 2.73
C VAL A 28 -3.23 2.55 2.81
N MET A 29 -3.86 3.27 3.72
CA MET A 29 -5.30 3.17 3.91
C MET A 29 -6.05 4.07 2.92
N LYS A 30 -5.31 4.78 2.08
CA LYS A 30 -5.89 5.60 1.03
C LYS A 30 -6.01 4.80 -0.25
N ASP A 31 -5.02 3.95 -0.47
CA ASP A 31 -4.86 3.23 -1.73
C ASP A 31 -6.05 2.31 -2.01
N GLN A 32 -6.66 2.52 -3.18
CA GLN A 32 -7.86 1.78 -3.59
C GLN A 32 -7.59 0.29 -3.68
N ASP A 33 -6.43 -0.03 -4.23
CA ASP A 33 -6.02 -1.42 -4.44
C ASP A 33 -5.90 -2.15 -3.11
N VAL A 34 -5.23 -1.48 -2.17
CA VAL A 34 -5.08 -1.98 -0.81
C VAL A 34 -6.44 -2.28 -0.18
N GLN A 35 -7.37 -1.35 -0.31
CA GLN A 35 -8.68 -1.47 0.31
C GLN A 35 -9.44 -2.66 -0.23
N ALA A 36 -9.33 -2.88 -1.53
CA ALA A 36 -9.95 -4.02 -2.18
C ALA A 36 -9.45 -5.33 -1.57
N PHE A 37 -8.16 -5.37 -1.29
CA PHE A 37 -7.57 -6.53 -0.65
C PHE A 37 -8.03 -6.65 0.80
N LEU A 38 -8.14 -5.51 1.48
CA LEU A 38 -8.58 -5.47 2.87
C LEU A 38 -10.01 -5.98 3.02
N LYS A 39 -10.90 -5.53 2.15
CA LYS A 39 -12.31 -5.91 2.24
C LYS A 39 -12.48 -7.39 1.92
N GLU A 40 -11.60 -7.92 1.10
CA GLU A 40 -11.65 -9.30 0.72
C GLU A 40 -11.04 -10.21 1.78
N ASN A 41 -10.06 -9.69 2.51
CA ASN A 41 -9.35 -10.50 3.49
C ASN A 41 -9.50 -9.93 4.91
N GLU A 42 -10.60 -9.22 5.14
CA GLU A 42 -10.86 -8.66 6.47
C GLU A 42 -11.10 -9.79 7.47
N GLU A 43 -11.38 -10.98 6.95
CA GLU A 43 -11.60 -12.15 7.76
C GLU A 43 -10.29 -12.60 8.40
N VAL A 44 -9.19 -12.36 7.69
CA VAL A 44 -7.88 -12.86 8.08
C VAL A 44 -6.98 -11.74 8.60
N ILE A 45 -7.10 -10.57 8.01
CA ILE A 45 -6.22 -9.46 8.35
C ILE A 45 -6.65 -8.79 9.65
N ASP A 46 -5.66 -8.52 10.48
CA ASP A 46 -5.87 -7.86 11.76
C ASP A 46 -5.25 -6.48 11.69
N GLN A 47 -5.60 -5.62 12.64
CA GLN A 47 -4.97 -4.32 12.76
C GLN A 47 -3.47 -4.49 13.02
N LYS A 48 -3.15 -5.51 13.82
CA LYS A 48 -1.77 -5.84 14.15
C LYS A 48 -1.01 -6.23 12.90
N MET A 49 -1.67 -7.02 12.05
CA MET A 49 -1.12 -7.44 10.77
C MET A 49 -0.75 -6.21 9.94
N ILE A 50 -1.63 -5.22 9.97
CA ILE A 50 -1.44 -3.98 9.22
C ILE A 50 -0.17 -3.25 9.65
N GLU A 51 0.10 -3.28 10.94
CA GLU A 51 1.31 -2.68 11.50
C GLU A 51 2.55 -3.43 11.03
N LYS A 52 2.49 -4.75 11.14
CA LYS A 52 3.62 -5.61 10.79
C LYS A 52 3.98 -5.46 9.32
N SER A 53 2.98 -5.51 8.46
CA SER A 53 3.19 -5.47 7.04
C SER A 53 3.13 -4.04 6.49
N LEU A 54 3.25 -3.07 7.39
CA LEU A 54 3.20 -1.65 7.00
C LEU A 54 4.18 -1.36 5.88
N ASN A 55 5.41 -1.80 6.06
CA ASN A 55 6.46 -1.64 5.06
C ASN A 55 6.11 -2.37 3.76
N LYS A 56 5.57 -3.58 3.86
CA LYS A 56 5.17 -4.37 2.70
C LYS A 56 4.10 -3.62 1.91
N LEU A 57 3.05 -3.21 2.60
CA LEU A 57 1.94 -2.48 1.97
C LEU A 57 2.44 -1.19 1.33
N TYR A 58 3.30 -0.47 2.04
CA TYR A 58 3.81 0.80 1.56
C TYR A 58 4.68 0.60 0.33
N GLU A 59 5.51 -0.43 0.36
CA GLU A 59 6.36 -0.78 -0.77
C GLU A 59 5.50 -1.10 -1.99
N TYR A 60 4.35 -1.73 -1.73
CA TYR A 60 3.42 -2.14 -2.77
C TYR A 60 2.77 -0.94 -3.47
N ILE A 61 2.33 0.03 -2.68
CA ILE A 61 1.59 1.16 -3.23
C ILE A 61 2.51 2.15 -3.96
N GLU A 62 3.75 2.26 -3.50
CA GLU A 62 4.70 3.21 -4.07
C GLU A 62 5.33 2.64 -5.35
N GLN A 63 5.41 1.33 -5.44
CA GLN A 63 6.01 0.67 -6.60
C GLN A 63 5.01 0.62 -7.76
N SER A 64 5.49 0.17 -8.91
CA SER A 64 4.67 0.07 -10.10
C SER A 64 3.74 -1.14 -10.02
N LYS A 65 2.44 -0.90 -9.99
CA LYS A 65 1.47 -1.98 -9.98
C LYS A 65 1.25 -2.50 -11.40
N ASN A 66 1.30 -1.58 -12.35
CA ASN A 66 1.16 -1.94 -13.76
C ASN A 66 2.49 -2.47 -14.29
N CYS A 67 2.54 -2.78 -15.58
CA CYS A 67 3.75 -3.34 -16.15
C CYS A 67 3.88 -2.96 -17.62
N SER A 68 5.10 -2.98 -18.09
CA SER A 68 5.44 -2.50 -19.43
C SER A 68 4.81 -3.39 -20.51
N TYR A 69 4.44 -4.61 -20.12
CA TYR A 69 3.83 -5.55 -21.05
C TYR A 69 2.36 -5.18 -21.31
N CYS A 70 1.89 -4.15 -20.66
CA CYS A 70 0.54 -3.65 -20.91
C CYS A 70 0.51 -2.14 -21.11
N SER A 71 1.22 -1.40 -20.27
CA SER A 71 1.26 0.05 -20.40
C SER A 71 2.26 0.44 -21.49
N GLU A 72 2.04 1.57 -22.12
CA GLU A 72 2.89 2.01 -23.22
C GLU A 72 4.15 2.67 -22.69
N ASP A 73 4.17 2.93 -21.38
CA ASP A 73 5.26 3.65 -20.74
C ASP A 73 6.61 3.02 -21.00
N GLU A 74 7.43 3.72 -21.76
CA GLU A 74 8.83 3.33 -21.96
C GLU A 74 9.59 3.55 -20.66
N ASN A 75 9.04 4.42 -19.82
CA ASN A 75 9.65 4.75 -18.54
C ASN A 75 9.20 3.77 -17.46
N CYS A 76 8.45 2.76 -17.87
CA CYS A 76 7.93 1.79 -16.93
C CYS A 76 9.05 0.93 -16.36
N ASN A 77 9.29 1.06 -15.09
CA ASN A 77 10.26 0.23 -14.40
C ASN A 77 9.56 -0.60 -13.36
N ASN A 78 10.01 -1.82 -13.17
CA ASN A 78 9.40 -2.73 -12.20
C ASN A 78 10.39 -3.82 -11.86
N LEU A 79 10.08 -4.60 -10.83
CA LEU A 79 10.94 -5.70 -10.44
C LEU A 79 10.76 -6.85 -11.42
N LEU A 80 9.68 -7.60 -11.25
CA LEU A 80 9.33 -8.65 -12.20
C LEU A 80 8.45 -8.07 -13.30
N GLU A 81 9.04 -7.66 -14.41
CA GLU A 81 8.27 -7.11 -15.51
C GLU A 81 7.57 -8.23 -16.28
N GLY A 82 6.44 -7.87 -16.87
CA GLY A 82 5.56 -8.86 -17.46
C GLY A 82 4.58 -9.40 -16.44
N TYR A 83 4.83 -9.05 -15.17
CA TYR A 83 3.99 -9.47 -14.07
C TYR A 83 3.47 -8.24 -13.33
N HIS A 84 2.55 -8.46 -12.40
CA HIS A 84 2.09 -7.40 -11.52
C HIS A 84 2.18 -7.84 -10.07
N PRO A 85 2.52 -6.93 -9.17
CA PRO A 85 2.54 -7.21 -7.74
C PRO A 85 1.12 -7.28 -7.17
N LYS A 86 0.83 -8.33 -6.42
CA LYS A 86 -0.46 -8.44 -5.76
C LYS A 86 -0.26 -8.90 -4.32
N LEU A 87 -1.15 -8.45 -3.45
CA LEU A 87 -1.04 -8.73 -2.03
C LEU A 87 -1.58 -10.11 -1.70
N VAL A 88 -0.90 -10.78 -0.77
CA VAL A 88 -1.33 -12.08 -0.27
C VAL A 88 -1.19 -12.10 1.24
N VAL A 89 -1.98 -12.93 1.90
CA VAL A 89 -1.86 -13.08 3.34
C VAL A 89 -1.23 -14.44 3.67
N ASN A 90 -0.03 -14.39 4.24
CA ASN A 90 0.72 -15.59 4.57
C ASN A 90 1.11 -15.58 6.04
N GLY A 91 0.38 -16.33 6.84
CA GLY A 91 0.65 -16.39 8.26
C GLY A 91 0.36 -15.08 8.96
N ARG A 92 1.39 -14.50 9.55
CA ARG A 92 1.28 -13.24 10.27
C ARG A 92 1.88 -12.10 9.44
N SER A 93 2.01 -12.33 8.14
CA SER A 93 2.54 -11.33 7.26
C SER A 93 1.73 -11.22 5.97
N ILE A 94 1.48 -9.99 5.56
CA ILE A 94 0.92 -9.72 4.26
C ILE A 94 2.06 -9.56 3.27
N ASP A 95 2.10 -10.41 2.26
CA ASP A 95 3.24 -10.45 1.36
C ASP A 95 2.83 -10.01 -0.03
N ILE A 96 3.80 -9.97 -0.93
CA ILE A 96 3.57 -9.50 -2.28
C ILE A 96 4.16 -10.49 -3.28
N GLU A 97 3.31 -11.10 -4.08
CA GLU A 97 3.76 -11.96 -5.16
C GLU A 97 3.29 -11.42 -6.49
N TYR A 98 3.91 -11.90 -7.55
CA TYR A 98 3.62 -11.41 -8.88
C TYR A 98 2.76 -12.39 -9.65
N TYR A 99 1.82 -11.87 -10.41
CA TYR A 99 1.02 -12.68 -11.31
C TYR A 99 1.27 -12.25 -12.75
N GLU A 100 1.21 -13.19 -13.67
CA GLU A 100 1.43 -12.87 -15.07
C GLU A 100 0.37 -11.90 -15.57
N CYS A 101 0.84 -10.79 -16.14
CA CYS A 101 -0.05 -9.81 -16.76
C CYS A 101 -1.05 -10.52 -17.68
N PRO A 102 -2.34 -10.17 -17.58
CA PRO A 102 -3.38 -10.76 -18.44
C PRO A 102 -3.07 -10.56 -19.93
N VAL A 103 -2.36 -9.48 -20.24
CA VAL A 103 -1.95 -9.18 -21.60
C VAL A 103 -0.71 -10.00 -21.98
N LYS A 104 -0.03 -10.53 -20.97
CA LYS A 104 1.17 -11.31 -21.17
C LYS A 104 0.78 -12.75 -21.52
N ARG A 105 -0.30 -13.22 -20.93
CA ARG A 105 -0.84 -14.54 -21.23
C ARG A 105 -1.50 -14.50 -22.61
N LYS A 106 -0.80 -14.97 -23.61
CA LYS A 106 -1.29 -14.92 -24.98
C LYS A 106 -0.96 -16.21 -25.71
ZN ZN B . 0.79 -5.59 -17.17
N MET A 1 -24.02 12.25 18.77
CA MET A 1 -22.57 11.98 18.92
C MET A 1 -21.85 12.19 17.59
N GLU A 2 -20.82 13.01 17.63
CA GLU A 2 -20.06 13.38 16.43
C GLU A 2 -18.59 13.50 16.79
N PRO A 3 -17.70 13.55 15.78
CA PRO A 3 -16.29 13.85 16.01
C PRO A 3 -16.13 15.30 16.49
N ILE A 4 -16.24 15.49 17.78
CA ILE A 4 -16.17 16.82 18.37
C ILE A 4 -14.72 17.28 18.47
N GLY A 5 -13.86 16.35 18.84
CA GLY A 5 -12.46 16.64 18.99
C GLY A 5 -11.76 15.61 19.86
N ARG A 6 -10.68 15.05 19.36
CA ARG A 6 -9.92 14.05 20.11
C ARG A 6 -8.64 14.65 20.66
N SER A 7 -8.56 15.98 20.63
CA SER A 7 -7.42 16.70 21.18
C SER A 7 -7.87 17.58 22.33
N LEU A 8 -7.68 17.10 23.56
CA LEU A 8 -8.12 17.83 24.74
C LEU A 8 -7.17 18.99 25.01
N GLN A 9 -5.88 18.72 24.85
CA GLN A 9 -4.85 19.70 25.11
C GLN A 9 -4.23 20.16 23.80
N GLY A 10 -3.20 20.98 23.92
CA GLY A 10 -2.48 21.44 22.75
C GLY A 10 -1.20 20.68 22.56
N VAL A 11 -1.27 19.61 21.77
CA VAL A 11 -0.11 18.76 21.53
C VAL A 11 1.00 19.54 20.84
N THR A 12 2.04 19.85 21.60
CA THR A 12 3.13 20.67 21.10
C THR A 12 4.37 19.82 20.87
N GLY A 13 4.21 18.51 20.98
CA GLY A 13 5.30 17.60 20.69
C GLY A 13 4.93 16.65 19.56
N ARG A 14 5.66 16.73 18.46
CA ARG A 14 5.37 15.92 17.28
C ARG A 14 6.66 15.49 16.60
N PRO A 15 7.26 14.39 17.07
CA PRO A 15 8.47 13.81 16.48
C PRO A 15 8.24 13.40 15.03
N ASP A 16 9.32 13.37 14.24
CA ASP A 16 9.24 13.02 12.83
C ASP A 16 8.64 11.62 12.65
N PHE A 17 8.84 10.78 13.65
CA PHE A 17 8.33 9.41 13.62
C PHE A 17 6.82 9.38 13.38
N GLN A 18 6.08 10.16 14.17
CA GLN A 18 4.63 10.15 14.07
C GLN A 18 4.19 10.82 12.78
N LYS A 19 4.93 11.84 12.37
CA LYS A 19 4.62 12.59 11.17
C LYS A 19 4.70 11.69 9.94
N ARG A 20 5.78 10.92 9.84
CA ARG A 20 5.94 10.01 8.72
C ARG A 20 5.00 8.82 8.86
N LEU A 21 4.71 8.43 10.10
CA LEU A 21 3.85 7.29 10.36
C LEU A 21 2.44 7.55 9.89
N GLU A 22 1.88 8.69 10.28
CA GLU A 22 0.53 9.07 9.85
C GLU A 22 0.52 9.35 8.35
N GLN A 23 1.65 9.81 7.85
CA GLN A 23 1.81 10.13 6.44
C GLN A 23 1.74 8.86 5.59
N MET A 24 2.59 7.90 5.91
CA MET A 24 2.62 6.62 5.20
C MET A 24 1.36 5.81 5.46
N LYS A 25 0.84 5.92 6.67
CA LYS A 25 -0.39 5.23 7.06
C LYS A 25 -1.53 5.61 6.14
N GLU A 26 -1.72 6.91 5.97
CA GLU A 26 -2.76 7.45 5.14
C GLU A 26 -2.53 7.10 3.67
N LYS A 27 -1.26 7.08 3.27
CA LYS A 27 -0.90 6.72 1.90
C LYS A 27 -1.28 5.28 1.58
N VAL A 28 -1.15 4.39 2.55
CA VAL A 28 -1.54 2.99 2.37
C VAL A 28 -3.06 2.90 2.30
N MET A 29 -3.73 3.70 3.12
CA MET A 29 -5.20 3.74 3.14
C MET A 29 -5.74 4.53 1.96
N LYS A 30 -4.85 4.95 1.07
CA LYS A 30 -5.23 5.72 -0.10
C LYS A 30 -5.26 4.84 -1.34
N ASP A 31 -4.68 3.65 -1.24
CA ASP A 31 -4.49 2.80 -2.39
C ASP A 31 -5.73 1.95 -2.67
N GLN A 32 -6.00 1.77 -3.96
CA GLN A 32 -7.18 1.06 -4.42
C GLN A 32 -7.06 -0.44 -4.17
N ASP A 33 -5.89 -1.00 -4.49
CA ASP A 33 -5.67 -2.43 -4.33
C ASP A 33 -5.68 -2.80 -2.87
N VAL A 34 -5.09 -1.93 -2.04
CA VAL A 34 -5.10 -2.11 -0.60
C VAL A 34 -6.53 -2.28 -0.09
N GLN A 35 -7.45 -1.43 -0.55
CA GLN A 35 -8.86 -1.52 -0.13
C GLN A 35 -9.43 -2.90 -0.47
N ALA A 36 -9.27 -3.29 -1.73
CA ALA A 36 -9.84 -4.55 -2.22
C ALA A 36 -9.22 -5.74 -1.51
N PHE A 37 -7.92 -5.69 -1.28
CA PHE A 37 -7.22 -6.76 -0.58
C PHE A 37 -7.72 -6.89 0.85
N LEU A 38 -7.98 -5.74 1.48
CA LEU A 38 -8.45 -5.71 2.86
C LEU A 38 -9.80 -6.38 2.99
N LYS A 39 -10.74 -6.02 2.13
CA LYS A 39 -12.10 -6.56 2.22
C LYS A 39 -12.10 -8.05 1.91
N GLU A 40 -11.15 -8.48 1.11
CA GLU A 40 -11.06 -9.86 0.69
C GLU A 40 -10.48 -10.73 1.80
N ASN A 41 -9.57 -10.17 2.57
CA ASN A 41 -8.87 -10.93 3.59
C ASN A 41 -9.13 -10.37 4.98
N GLU A 42 -10.26 -9.71 5.16
CA GLU A 42 -10.55 -9.04 6.42
C GLU A 42 -10.82 -10.05 7.54
N GLU A 43 -11.11 -11.28 7.17
CA GLU A 43 -11.33 -12.34 8.13
C GLU A 43 -10.00 -12.70 8.78
N VAL A 44 -8.95 -12.73 7.97
CA VAL A 44 -7.65 -13.21 8.41
C VAL A 44 -6.79 -12.05 8.89
N ILE A 45 -6.85 -10.95 8.16
CA ILE A 45 -6.04 -9.79 8.46
C ILE A 45 -6.78 -8.81 9.35
N ASP A 46 -6.07 -8.21 10.28
CA ASP A 46 -6.67 -7.25 11.20
C ASP A 46 -5.81 -6.00 11.25
N GLN A 47 -6.20 -5.02 12.06
CA GLN A 47 -5.49 -3.75 12.15
C GLN A 47 -4.05 -3.96 12.63
N LYS A 48 -3.84 -4.89 13.55
CA LYS A 48 -2.50 -5.19 14.04
C LYS A 48 -1.63 -5.68 12.90
N MET A 49 -2.15 -6.64 12.15
CA MET A 49 -1.43 -7.17 11.00
C MET A 49 -1.15 -6.07 9.97
N ILE A 50 -2.09 -5.14 9.83
CA ILE A 50 -1.92 -4.02 8.92
C ILE A 50 -0.75 -3.14 9.33
N GLU A 51 -0.70 -2.79 10.61
CA GLU A 51 0.37 -1.93 11.11
C GLU A 51 1.70 -2.68 11.13
N LYS A 52 1.64 -3.98 11.32
CA LYS A 52 2.84 -4.81 11.32
C LYS A 52 3.37 -5.02 9.92
N SER A 53 2.47 -5.24 8.99
CA SER A 53 2.84 -5.44 7.58
C SER A 53 2.72 -4.12 6.82
N LEU A 54 2.76 -3.02 7.55
CA LEU A 54 2.65 -1.69 6.98
C LEU A 54 3.77 -1.45 5.98
N ASN A 55 4.95 -1.91 6.34
CA ASN A 55 6.14 -1.78 5.50
C ASN A 55 5.91 -2.47 4.16
N LYS A 56 5.29 -3.65 4.21
CA LYS A 56 4.98 -4.41 3.01
C LYS A 56 3.99 -3.66 2.13
N LEU A 57 2.87 -3.25 2.71
CA LEU A 57 1.83 -2.56 1.96
C LEU A 57 2.36 -1.25 1.38
N TYR A 58 3.17 -0.55 2.15
CA TYR A 58 3.75 0.71 1.71
C TYR A 58 4.74 0.49 0.57
N GLU A 59 5.54 -0.57 0.68
CA GLU A 59 6.48 -0.93 -0.37
C GLU A 59 5.72 -1.31 -1.65
N TYR A 60 4.61 -2.00 -1.45
CA TYR A 60 3.77 -2.48 -2.55
C TYR A 60 3.15 -1.35 -3.35
N ILE A 61 2.58 -0.37 -2.66
CA ILE A 61 1.92 0.74 -3.33
C ILE A 61 2.92 1.65 -4.03
N GLU A 62 4.13 1.74 -3.49
CA GLU A 62 5.17 2.60 -4.05
C GLU A 62 5.89 1.92 -5.20
N GLN A 63 5.87 0.60 -5.21
CA GLN A 63 6.55 -0.17 -6.27
C GLN A 63 5.67 -0.26 -7.51
N SER A 64 6.31 -0.47 -8.66
CA SER A 64 5.61 -0.54 -9.94
C SER A 64 4.63 -1.70 -9.98
N LYS A 65 3.35 -1.38 -9.95
CA LYS A 65 2.30 -2.39 -10.03
C LYS A 65 2.03 -2.79 -11.47
N ASN A 66 2.02 -1.80 -12.35
CA ASN A 66 1.73 -2.04 -13.74
C ASN A 66 2.95 -2.60 -14.44
N CYS A 67 2.78 -3.03 -15.69
CA CYS A 67 3.87 -3.62 -16.43
C CYS A 67 3.80 -3.16 -17.87
N SER A 68 4.94 -3.14 -18.53
CA SER A 68 5.04 -2.53 -19.85
C SER A 68 4.39 -3.40 -20.93
N TYR A 69 4.06 -4.63 -20.56
CA TYR A 69 3.32 -5.52 -21.44
C TYR A 69 1.84 -5.12 -21.51
N CYS A 70 1.48 -4.08 -20.79
CA CYS A 70 0.12 -3.57 -20.84
C CYS A 70 0.07 -2.05 -20.74
N SER A 71 1.06 -1.46 -20.06
CA SER A 71 1.13 -0.02 -19.91
C SER A 71 2.34 0.53 -20.65
N GLU A 72 2.25 1.78 -21.10
CA GLU A 72 3.32 2.38 -21.88
C GLU A 72 4.19 3.29 -21.02
N ASP A 73 3.93 3.27 -19.72
CA ASP A 73 4.68 4.11 -18.78
C ASP A 73 6.17 3.82 -18.89
N GLU A 74 6.88 4.74 -19.52
CA GLU A 74 8.31 4.59 -19.75
C GLU A 74 9.09 5.03 -18.51
N ASN A 75 8.46 5.87 -17.71
CA ASN A 75 9.10 6.44 -16.54
C ASN A 75 8.83 5.62 -15.30
N CYS A 76 8.64 4.32 -15.47
CA CYS A 76 8.50 3.41 -14.34
C CYS A 76 9.37 2.18 -14.57
N ASN A 77 10.22 1.86 -13.61
CA ASN A 77 11.07 0.70 -13.74
C ASN A 77 10.30 -0.55 -13.31
N ASN A 78 10.17 -1.50 -14.21
CA ASN A 78 9.57 -2.77 -13.87
C ASN A 78 10.63 -3.87 -13.89
N LEU A 79 10.95 -4.37 -12.71
CA LEU A 79 11.93 -5.42 -12.55
C LEU A 79 11.49 -6.64 -13.36
N LEU A 80 10.33 -7.17 -13.01
CA LEU A 80 9.72 -8.24 -13.78
C LEU A 80 8.89 -7.64 -14.90
N GLU A 81 8.56 -8.45 -15.89
CA GLU A 81 7.72 -8.03 -16.98
C GLU A 81 6.79 -9.18 -17.33
N GLY A 82 5.58 -8.84 -17.73
CA GLY A 82 4.54 -9.83 -17.87
C GLY A 82 3.98 -10.20 -16.52
N TYR A 83 4.39 -9.49 -15.49
CA TYR A 83 3.95 -9.76 -14.13
C TYR A 83 3.56 -8.47 -13.42
N HIS A 84 2.69 -8.60 -12.43
CA HIS A 84 2.31 -7.49 -11.56
C HIS A 84 2.42 -7.94 -10.11
N PRO A 85 2.79 -7.04 -9.21
CA PRO A 85 2.82 -7.34 -7.78
C PRO A 85 1.43 -7.30 -7.16
N LYS A 86 1.18 -8.19 -6.22
CA LYS A 86 -0.08 -8.22 -5.50
C LYS A 86 0.17 -8.61 -4.05
N LEU A 87 -0.69 -8.13 -3.17
CA LEU A 87 -0.60 -8.50 -1.76
C LEU A 87 -1.14 -9.90 -1.56
N VAL A 88 -0.45 -10.68 -0.73
CA VAL A 88 -0.89 -12.02 -0.41
C VAL A 88 -0.87 -12.22 1.10
N VAL A 89 -1.76 -13.05 1.60
CA VAL A 89 -1.76 -13.38 3.01
C VAL A 89 -0.84 -14.57 3.25
N ASN A 90 0.21 -14.34 4.01
CA ASN A 90 1.22 -15.36 4.25
C ASN A 90 1.26 -15.72 5.73
N GLY A 91 0.55 -16.78 6.09
CA GLY A 91 0.46 -17.16 7.49
C GLY A 91 -0.28 -16.12 8.31
N ARG A 92 0.45 -15.41 9.15
CA ARG A 92 -0.12 -14.34 9.96
C ARG A 92 0.52 -13.01 9.58
N SER A 93 1.11 -12.97 8.41
CA SER A 93 1.76 -11.78 7.90
C SER A 93 1.34 -11.52 6.45
N ILE A 94 1.50 -10.30 5.99
CA ILE A 94 1.13 -9.95 4.63
C ILE A 94 2.38 -9.82 3.75
N ASP A 95 2.34 -10.41 2.56
CA ASP A 95 3.50 -10.44 1.67
C ASP A 95 3.14 -9.85 0.31
N ILE A 96 4.13 -9.79 -0.58
CA ILE A 96 3.94 -9.24 -1.91
C ILE A 96 4.51 -10.19 -2.95
N GLU A 97 3.64 -10.75 -3.77
CA GLU A 97 4.06 -11.70 -4.79
C GLU A 97 3.54 -11.26 -6.16
N TYR A 98 4.18 -11.76 -7.20
CA TYR A 98 3.84 -11.35 -8.56
C TYR A 98 2.93 -12.34 -9.26
N TYR A 99 1.92 -11.83 -9.95
CA TYR A 99 1.04 -12.66 -10.77
C TYR A 99 1.22 -12.24 -12.23
N GLU A 100 0.86 -13.12 -13.15
CA GLU A 100 1.07 -12.86 -14.57
C GLU A 100 0.04 -11.85 -15.09
N CYS A 101 0.51 -10.94 -15.93
CA CYS A 101 -0.34 -9.93 -16.56
C CYS A 101 -1.52 -10.62 -17.28
N PRO A 102 -2.76 -10.28 -16.90
CA PRO A 102 -3.95 -10.92 -17.49
C PRO A 102 -4.16 -10.53 -18.94
N VAL A 103 -3.37 -9.57 -19.41
CA VAL A 103 -3.45 -9.10 -20.78
C VAL A 103 -2.65 -10.02 -21.69
N LYS A 104 -1.83 -10.87 -21.09
CA LYS A 104 -1.00 -11.80 -21.85
C LYS A 104 -1.81 -12.98 -22.36
N ARG A 105 -2.88 -13.30 -21.67
CA ARG A 105 -3.71 -14.43 -22.05
C ARG A 105 -5.18 -14.05 -22.01
N LYS A 106 -5.80 -14.01 -23.17
CA LYS A 106 -7.21 -13.64 -23.28
C LYS A 106 -7.96 -14.65 -24.14
ZN ZN B . 0.69 -5.84 -17.25
N MET A 1 -25.00 26.21 11.00
CA MET A 1 -24.48 27.59 11.11
C MET A 1 -23.87 27.82 12.49
N GLU A 2 -22.55 27.84 12.52
CA GLU A 2 -21.80 28.05 13.76
C GLU A 2 -20.34 28.27 13.45
N PRO A 3 -19.95 29.53 13.16
CA PRO A 3 -18.55 29.87 12.89
C PRO A 3 -17.67 29.75 14.14
N ILE A 4 -17.19 28.53 14.38
CA ILE A 4 -16.36 28.28 15.54
C ILE A 4 -15.15 27.41 15.16
N GLY A 5 -13.99 27.81 15.63
CA GLY A 5 -12.78 27.05 15.39
C GLY A 5 -12.03 26.79 16.68
N ARG A 6 -12.35 25.68 17.32
CA ARG A 6 -11.80 25.38 18.63
C ARG A 6 -10.35 24.92 18.52
N SER A 7 -9.48 25.56 19.27
CA SER A 7 -8.06 25.23 19.23
C SER A 7 -7.75 24.08 20.18
N LEU A 8 -8.05 22.86 19.73
CA LEU A 8 -7.71 21.68 20.50
C LEU A 8 -6.25 21.32 20.25
N GLN A 9 -5.37 22.13 20.83
CA GLN A 9 -3.94 21.98 20.64
C GLN A 9 -3.21 22.71 21.75
N GLY A 10 -1.99 22.27 22.02
CA GLY A 10 -1.19 22.87 23.06
C GLY A 10 0.28 22.76 22.76
N VAL A 11 1.11 23.09 23.74
CA VAL A 11 2.55 23.03 23.55
C VAL A 11 3.05 21.62 23.80
N THR A 12 3.38 20.93 22.74
CA THR A 12 3.86 19.56 22.80
C THR A 12 4.87 19.34 21.68
N GLY A 13 5.74 18.36 21.83
CA GLY A 13 6.69 18.04 20.77
C GLY A 13 6.04 17.29 19.63
N ARG A 14 6.69 17.28 18.48
CA ARG A 14 6.16 16.62 17.30
C ARG A 14 7.27 15.95 16.52
N PRO A 15 7.65 14.72 16.92
CA PRO A 15 8.64 13.90 16.22
C PRO A 15 8.23 13.66 14.78
N ASP A 16 9.16 13.86 13.86
CA ASP A 16 8.86 13.73 12.44
C ASP A 16 8.61 12.27 12.08
N PHE A 17 9.18 11.36 12.86
CA PHE A 17 9.00 9.93 12.67
C PHE A 17 7.52 9.55 12.59
N GLN A 18 6.75 9.91 13.62
CA GLN A 18 5.34 9.55 13.66
C GLN A 18 4.57 10.28 12.57
N LYS A 19 5.03 11.47 12.23
CA LYS A 19 4.43 12.25 11.17
C LYS A 19 4.44 11.47 9.86
N ARG A 20 5.57 10.82 9.58
CA ARG A 20 5.71 10.01 8.38
C ARG A 20 5.02 8.67 8.58
N LEU A 21 5.19 8.13 9.76
CA LEU A 21 4.58 6.84 10.13
C LEU A 21 3.06 6.85 9.91
N GLU A 22 2.39 7.88 10.42
CA GLU A 22 0.96 8.02 10.26
C GLU A 22 0.61 8.49 8.84
N GLN A 23 1.53 9.22 8.24
CA GLN A 23 1.39 9.68 6.86
C GLN A 23 1.33 8.50 5.89
N MET A 24 2.34 7.65 5.97
CA MET A 24 2.43 6.48 5.10
C MET A 24 1.27 5.53 5.36
N LYS A 25 0.85 5.43 6.62
CA LYS A 25 -0.34 4.68 6.97
C LYS A 25 -1.53 5.20 6.17
N GLU A 26 -1.77 6.51 6.27
CA GLU A 26 -2.84 7.16 5.53
C GLU A 26 -2.73 6.88 4.03
N LYS A 27 -1.52 7.05 3.51
CA LYS A 27 -1.22 6.80 2.09
C LYS A 27 -1.67 5.41 1.65
N VAL A 28 -1.43 4.42 2.49
CA VAL A 28 -1.77 3.04 2.17
C VAL A 28 -3.28 2.85 2.16
N MET A 29 -3.95 3.53 3.09
CA MET A 29 -5.39 3.44 3.23
C MET A 29 -6.08 4.23 2.12
N LYS A 30 -5.30 4.75 1.18
CA LYS A 30 -5.86 5.53 0.09
C LYS A 30 -5.93 4.73 -1.21
N ASP A 31 -5.18 3.64 -1.29
CA ASP A 31 -5.11 2.87 -2.53
C ASP A 31 -6.31 1.94 -2.66
N GLN A 32 -6.96 2.01 -3.81
CA GLN A 32 -8.18 1.24 -4.07
C GLN A 32 -7.94 -0.27 -4.01
N ASP A 33 -6.79 -0.70 -4.49
CA ASP A 33 -6.46 -2.12 -4.50
C ASP A 33 -6.13 -2.61 -3.11
N VAL A 34 -5.48 -1.75 -2.34
CA VAL A 34 -5.23 -2.05 -0.93
C VAL A 34 -6.54 -2.27 -0.20
N GLN A 35 -7.49 -1.35 -0.37
CA GLN A 35 -8.79 -1.45 0.26
C GLN A 35 -9.51 -2.70 -0.19
N ALA A 36 -9.40 -2.98 -1.48
CA ALA A 36 -9.99 -4.18 -2.07
C ALA A 36 -9.41 -5.44 -1.40
N PHE A 37 -8.12 -5.41 -1.14
CA PHE A 37 -7.46 -6.52 -0.45
C PHE A 37 -7.93 -6.60 1.00
N LEU A 38 -8.06 -5.44 1.65
CA LEU A 38 -8.50 -5.38 3.04
C LEU A 38 -9.89 -5.99 3.20
N LYS A 39 -10.81 -5.62 2.31
CA LYS A 39 -12.18 -6.12 2.40
C LYS A 39 -12.26 -7.58 2.01
N GLU A 40 -11.30 -8.02 1.20
CA GLU A 40 -11.29 -9.38 0.70
C GLU A 40 -10.77 -10.36 1.74
N ASN A 41 -9.85 -9.89 2.57
CA ASN A 41 -9.25 -10.74 3.58
C ASN A 41 -9.45 -10.15 4.97
N GLU A 42 -10.53 -9.40 5.17
CA GLU A 42 -10.81 -8.76 6.45
C GLU A 42 -11.03 -9.80 7.55
N GLU A 43 -11.43 -11.00 7.15
CA GLU A 43 -11.62 -12.09 8.09
C GLU A 43 -10.27 -12.57 8.62
N VAL A 44 -9.26 -12.50 7.79
CA VAL A 44 -7.96 -13.06 8.11
C VAL A 44 -7.04 -12.01 8.71
N ILE A 45 -7.04 -10.83 8.10
CA ILE A 45 -6.14 -9.75 8.48
C ILE A 45 -6.65 -9.02 9.72
N ASP A 46 -5.72 -8.62 10.57
CA ASP A 46 -6.06 -7.83 11.74
C ASP A 46 -5.17 -6.59 11.78
N GLN A 47 -5.40 -5.72 12.77
CA GLN A 47 -4.67 -4.47 12.87
C GLN A 47 -3.17 -4.70 13.01
N LYS A 48 -2.78 -5.64 13.87
CA LYS A 48 -1.37 -5.93 14.10
C LYS A 48 -0.69 -6.40 12.81
N MET A 49 -1.39 -7.21 12.04
CA MET A 49 -0.89 -7.68 10.76
C MET A 49 -0.61 -6.50 9.83
N ILE A 50 -1.53 -5.55 9.81
CA ILE A 50 -1.38 -4.35 8.99
C ILE A 50 -0.17 -3.53 9.43
N GLU A 51 -0.02 -3.36 10.75
CA GLU A 51 1.06 -2.56 11.30
C GLU A 51 2.43 -3.12 10.94
N LYS A 52 2.54 -4.45 10.91
CA LYS A 52 3.80 -5.08 10.54
C LYS A 52 4.05 -4.98 9.05
N SER A 53 3.01 -5.25 8.27
CA SER A 53 3.14 -5.32 6.83
C SER A 53 2.85 -3.97 6.18
N LEU A 54 2.94 -2.90 6.96
CA LEU A 54 2.70 -1.55 6.44
C LEU A 54 3.75 -1.22 5.38
N ASN A 55 4.98 -1.66 5.61
CA ASN A 55 6.06 -1.48 4.65
C ASN A 55 5.73 -2.19 3.35
N LYS A 56 5.15 -3.39 3.45
CA LYS A 56 4.75 -4.17 2.29
C LYS A 56 3.70 -3.43 1.47
N LEU A 57 2.63 -3.01 2.13
CA LEU A 57 1.54 -2.33 1.46
C LEU A 57 1.98 -0.99 0.89
N TYR A 58 2.87 -0.29 1.60
CA TYR A 58 3.36 1.00 1.12
C TYR A 58 4.27 0.79 -0.08
N GLU A 59 5.13 -0.23 0.00
CA GLU A 59 5.99 -0.60 -1.11
C GLU A 59 5.16 -0.88 -2.36
N TYR A 60 4.05 -1.58 -2.14
CA TYR A 60 3.16 -1.98 -3.21
C TYR A 60 2.55 -0.79 -3.94
N ILE A 61 2.05 0.18 -3.20
CA ILE A 61 1.36 1.31 -3.79
C ILE A 61 2.33 2.30 -4.44
N GLU A 62 3.53 2.40 -3.90
CA GLU A 62 4.52 3.34 -4.41
C GLU A 62 5.28 2.74 -5.58
N GLN A 63 5.24 1.42 -5.70
CA GLN A 63 5.83 0.77 -6.87
C GLN A 63 4.78 0.67 -7.97
N SER A 64 5.14 0.07 -9.09
CA SER A 64 4.24 -0.01 -10.22
C SER A 64 3.09 -0.98 -9.95
N LYS A 65 1.88 -0.47 -10.10
CA LYS A 65 0.68 -1.29 -9.99
C LYS A 65 0.50 -2.08 -11.28
N ASN A 66 1.01 -1.51 -12.36
CA ASN A 66 1.01 -2.16 -13.66
C ASN A 66 2.39 -2.77 -13.93
N CYS A 67 2.65 -3.13 -15.17
CA CYS A 67 3.96 -3.66 -15.54
C CYS A 67 4.30 -3.21 -16.94
N SER A 68 5.58 -3.19 -17.25
CA SER A 68 6.06 -2.65 -18.53
C SER A 68 5.58 -3.52 -19.71
N TYR A 69 5.08 -4.71 -19.39
CA TYR A 69 4.54 -5.61 -20.39
C TYR A 69 3.13 -5.18 -20.79
N CYS A 70 2.63 -4.14 -20.15
CA CYS A 70 1.32 -3.59 -20.51
C CYS A 70 1.36 -2.08 -20.60
N SER A 71 2.09 -1.44 -19.69
CA SER A 71 2.25 0.00 -19.69
C SER A 71 3.35 0.39 -20.67
N GLU A 72 3.06 1.34 -21.54
CA GLU A 72 3.99 1.74 -22.57
C GLU A 72 4.78 2.97 -22.14
N ASP A 73 4.51 3.43 -20.94
CA ASP A 73 5.31 4.47 -20.32
C ASP A 73 6.63 3.87 -19.83
N GLU A 74 7.68 4.14 -20.57
CA GLU A 74 8.99 3.55 -20.29
C GLU A 74 9.75 4.31 -19.21
N ASN A 75 9.08 5.29 -18.60
CA ASN A 75 9.70 6.06 -17.53
C ASN A 75 9.84 5.19 -16.27
N CYS A 76 8.82 4.40 -16.00
CA CYS A 76 8.86 3.48 -14.87
C CYS A 76 9.51 2.16 -15.28
N ASN A 77 10.67 1.88 -14.72
CA ASN A 77 11.31 0.60 -14.93
C ASN A 77 11.16 -0.25 -13.67
N ASN A 78 11.01 -1.55 -13.85
CA ASN A 78 10.75 -2.44 -12.73
C ASN A 78 11.48 -3.76 -12.94
N LEU A 79 11.72 -4.48 -11.85
CA LEU A 79 12.23 -5.83 -11.94
C LEU A 79 11.11 -6.77 -12.35
N LEU A 80 9.88 -6.33 -12.10
CA LEU A 80 8.70 -7.10 -12.44
C LEU A 80 8.35 -6.90 -13.92
N GLU A 81 8.22 -8.00 -14.63
CA GLU A 81 7.96 -7.95 -16.05
C GLU A 81 7.03 -9.09 -16.45
N GLY A 82 5.87 -8.73 -16.95
CA GLY A 82 4.86 -9.72 -17.29
C GLY A 82 4.03 -10.12 -16.10
N TYR A 83 4.43 -9.66 -14.92
CA TYR A 83 3.72 -9.96 -13.68
C TYR A 83 3.38 -8.67 -12.96
N HIS A 84 2.43 -8.74 -12.03
CA HIS A 84 2.08 -7.60 -11.19
C HIS A 84 2.16 -8.00 -9.73
N PRO A 85 2.50 -7.05 -8.86
CA PRO A 85 2.52 -7.29 -7.42
C PRO A 85 1.12 -7.46 -6.86
N LYS A 86 0.99 -8.34 -5.88
CA LYS A 86 -0.29 -8.63 -5.26
C LYS A 86 -0.10 -8.95 -3.79
N LEU A 87 -0.93 -8.35 -2.94
CA LEU A 87 -0.85 -8.62 -1.51
C LEU A 87 -1.35 -10.02 -1.21
N VAL A 88 -0.58 -10.76 -0.43
CA VAL A 88 -0.95 -12.10 -0.03
C VAL A 88 -0.82 -12.24 1.48
N VAL A 89 -1.62 -13.13 2.05
CA VAL A 89 -1.48 -13.44 3.45
C VAL A 89 -0.68 -14.74 3.61
N ASN A 90 0.52 -14.62 4.14
CA ASN A 90 1.40 -15.76 4.33
C ASN A 90 1.53 -16.07 5.81
N GLY A 91 0.75 -17.03 6.27
CA GLY A 91 0.76 -17.37 7.67
C GLY A 91 0.16 -16.27 8.52
N ARG A 92 1.02 -15.47 9.13
CA ARG A 92 0.57 -14.37 9.98
C ARG A 92 1.02 -13.01 9.44
N SER A 93 1.68 -13.02 8.29
CA SER A 93 2.23 -11.80 7.72
C SER A 93 1.70 -11.57 6.31
N ILE A 94 1.59 -10.31 5.92
CA ILE A 94 1.18 -9.95 4.57
C ILE A 94 2.43 -9.76 3.70
N ASP A 95 2.38 -10.24 2.47
CA ASP A 95 3.53 -10.19 1.58
C ASP A 95 3.08 -9.75 0.21
N ILE A 96 4.04 -9.62 -0.69
CA ILE A 96 3.77 -9.20 -2.05
C ILE A 96 4.21 -10.26 -3.05
N GLU A 97 3.25 -11.02 -3.54
CA GLU A 97 3.50 -12.03 -4.56
C GLU A 97 3.19 -11.44 -5.93
N TYR A 98 3.19 -12.30 -6.93
CA TYR A 98 2.99 -11.84 -8.29
C TYR A 98 1.98 -12.69 -9.04
N TYR A 99 1.17 -12.04 -9.85
CA TYR A 99 0.27 -12.73 -10.74
C TYR A 99 0.56 -12.32 -12.17
N GLU A 100 0.29 -13.22 -13.10
CA GLU A 100 0.57 -12.97 -14.51
C GLU A 100 -0.28 -11.83 -15.06
N CYS A 101 0.37 -10.86 -15.68
CA CYS A 101 -0.32 -9.76 -16.36
C CYS A 101 -1.42 -10.31 -17.27
N PRO A 102 -2.66 -9.85 -17.06
CA PRO A 102 -3.84 -10.34 -17.81
C PRO A 102 -3.83 -9.95 -19.29
N VAL A 103 -2.75 -9.34 -19.76
CA VAL A 103 -2.66 -8.95 -21.15
C VAL A 103 -2.13 -10.11 -22.00
N LYS A 104 -1.48 -11.07 -21.35
CA LYS A 104 -0.87 -12.19 -22.06
C LYS A 104 -1.92 -13.09 -22.69
N ARG A 105 -2.88 -13.52 -21.89
CA ARG A 105 -3.94 -14.41 -22.37
C ARG A 105 -5.31 -13.97 -21.87
N LYS A 106 -5.47 -12.67 -21.67
CA LYS A 106 -6.71 -12.10 -21.17
C LYS A 106 -7.11 -12.73 -19.83
ZN ZN B . 1.02 -5.71 -16.82
N MET A 1 -0.42 42.80 2.39
CA MET A 1 -0.92 41.46 2.00
C MET A 1 -1.65 40.80 3.17
N GLU A 2 -0.90 40.26 4.11
CA GLU A 2 -1.45 39.58 5.27
C GLU A 2 -0.67 39.96 6.53
N PRO A 3 -1.31 39.91 7.70
CA PRO A 3 -0.67 40.29 8.97
C PRO A 3 0.30 39.22 9.47
N ILE A 4 0.96 39.52 10.60
CA ILE A 4 1.96 38.64 11.17
C ILE A 4 1.29 37.48 11.93
N GLY A 5 -0.04 37.44 11.85
CA GLY A 5 -0.80 36.37 12.48
C GLY A 5 -0.45 35.00 11.90
N ARG A 6 0.12 35.01 10.70
CA ARG A 6 0.58 33.77 10.08
C ARG A 6 1.88 33.31 10.72
N SER A 7 1.77 32.68 11.88
CA SER A 7 2.94 32.20 12.59
C SER A 7 3.34 30.83 12.08
N LEU A 8 4.27 30.82 11.12
CA LEU A 8 4.77 29.58 10.56
C LEU A 8 5.59 28.82 11.60
N GLN A 9 6.16 29.57 12.53
CA GLN A 9 6.94 28.98 13.61
C GLN A 9 6.03 28.63 14.79
N GLY A 10 4.72 28.61 14.52
CA GLY A 10 3.75 28.30 15.55
C GLY A 10 3.73 26.82 15.90
N VAL A 11 4.32 26.01 15.04
CA VAL A 11 4.43 24.58 15.30
C VAL A 11 5.62 24.31 16.20
N THR A 12 5.35 24.17 17.49
CA THR A 12 6.40 23.96 18.48
C THR A 12 7.05 22.60 18.32
N GLY A 13 6.26 21.53 18.41
CA GLY A 13 6.80 20.20 18.29
C GLY A 13 5.82 19.23 17.68
N ARG A 14 6.26 18.54 16.64
CA ARG A 14 5.48 17.50 16.01
C ARG A 14 6.43 16.53 15.31
N PRO A 15 6.93 15.54 16.08
CA PRO A 15 7.95 14.59 15.62
C PRO A 15 7.64 13.96 14.27
N ASP A 16 8.67 13.86 13.42
CA ASP A 16 8.54 13.26 12.10
C ASP A 16 8.18 11.78 12.23
N PHE A 17 8.47 11.20 13.38
CA PHE A 17 8.09 9.83 13.67
C PHE A 17 6.60 9.61 13.44
N GLN A 18 5.78 10.37 14.16
CA GLN A 18 4.34 10.23 14.03
C GLN A 18 3.86 10.78 12.69
N LYS A 19 4.55 11.78 12.17
CA LYS A 19 4.17 12.38 10.89
C LYS A 19 4.30 11.37 9.77
N ARG A 20 5.41 10.64 9.74
CA ARG A 20 5.64 9.62 8.73
C ARG A 20 4.74 8.41 8.97
N LEU A 21 4.55 8.08 10.26
CA LEU A 21 3.73 6.93 10.64
C LEU A 21 2.28 7.13 10.20
N GLU A 22 1.72 8.29 10.54
CA GLU A 22 0.36 8.62 10.15
C GLU A 22 0.26 8.76 8.64
N GLN A 23 1.31 9.30 8.03
CA GLN A 23 1.36 9.52 6.60
C GLN A 23 1.26 8.20 5.84
N MET A 24 2.20 7.31 6.09
CA MET A 24 2.25 6.04 5.39
C MET A 24 0.99 5.22 5.65
N LYS A 25 0.53 5.24 6.89
CA LYS A 25 -0.70 4.55 7.26
C LYS A 25 -1.88 5.12 6.49
N GLU A 26 -1.92 6.44 6.41
CA GLU A 26 -2.98 7.16 5.71
C GLU A 26 -3.03 6.76 4.24
N LYS A 27 -1.86 6.74 3.62
CA LYS A 27 -1.75 6.44 2.20
C LYS A 27 -2.19 5.01 1.90
N VAL A 28 -1.78 4.09 2.76
CA VAL A 28 -2.03 2.67 2.55
C VAL A 28 -3.50 2.35 2.75
N MET A 29 -4.11 2.89 3.80
CA MET A 29 -5.51 2.59 4.10
C MET A 29 -6.43 3.25 3.09
N LYS A 30 -5.89 4.20 2.33
CA LYS A 30 -6.68 4.92 1.35
C LYS A 30 -6.28 4.56 -0.08
N ASP A 31 -5.51 3.48 -0.22
CA ASP A 31 -5.25 2.93 -1.53
C ASP A 31 -6.37 1.98 -1.92
N GLN A 32 -6.88 2.14 -3.13
CA GLN A 32 -8.04 1.37 -3.60
C GLN A 32 -7.76 -0.13 -3.60
N ASP A 33 -6.54 -0.50 -3.99
CA ASP A 33 -6.17 -1.91 -4.10
C ASP A 33 -6.05 -2.52 -2.72
N VAL A 34 -5.36 -1.80 -1.84
CA VAL A 34 -5.13 -2.24 -0.48
C VAL A 34 -6.44 -2.55 0.24
N GLN A 35 -7.35 -1.59 0.28
CA GLN A 35 -8.63 -1.79 0.97
C GLN A 35 -9.49 -2.85 0.31
N ALA A 36 -9.32 -3.04 -0.99
CA ALA A 36 -9.98 -4.13 -1.70
C ALA A 36 -9.51 -5.46 -1.14
N PHE A 37 -8.19 -5.56 -0.97
CA PHE A 37 -7.58 -6.75 -0.38
C PHE A 37 -7.96 -6.87 1.09
N LEU A 38 -7.99 -5.75 1.79
CA LEU A 38 -8.32 -5.71 3.21
C LEU A 38 -9.70 -6.28 3.47
N LYS A 39 -10.71 -5.82 2.73
CA LYS A 39 -12.07 -6.29 2.96
C LYS A 39 -12.26 -7.71 2.46
N GLU A 40 -11.42 -8.12 1.52
CA GLU A 40 -11.45 -9.49 1.04
C GLU A 40 -10.94 -10.44 2.12
N ASN A 41 -9.89 -10.03 2.81
CA ASN A 41 -9.23 -10.89 3.78
C ASN A 41 -9.35 -10.33 5.20
N GLU A 42 -10.43 -9.60 5.46
CA GLU A 42 -10.64 -9.00 6.77
C GLU A 42 -10.92 -10.06 7.82
N GLU A 43 -11.23 -11.26 7.35
CA GLU A 43 -11.45 -12.41 8.21
C GLU A 43 -10.13 -12.80 8.86
N VAL A 44 -9.04 -12.57 8.14
CA VAL A 44 -7.73 -13.03 8.55
C VAL A 44 -6.86 -11.88 9.07
N ILE A 45 -6.92 -10.76 8.38
CA ILE A 45 -6.03 -9.65 8.65
C ILE A 45 -6.56 -8.73 9.74
N ASP A 46 -5.66 -8.25 10.58
CA ASP A 46 -6.00 -7.32 11.65
C ASP A 46 -5.14 -6.07 11.51
N GLN A 47 -5.37 -5.10 12.39
CA GLN A 47 -4.62 -3.84 12.33
C GLN A 47 -3.13 -4.07 12.45
N LYS A 48 -2.74 -4.90 13.41
CA LYS A 48 -1.33 -5.10 13.71
C LYS A 48 -0.61 -5.83 12.59
N MET A 49 -1.31 -6.76 11.95
CA MET A 49 -0.79 -7.39 10.74
C MET A 49 -0.53 -6.34 9.67
N ILE A 50 -1.34 -5.28 9.67
CA ILE A 50 -1.17 -4.18 8.75
C ILE A 50 0.05 -3.34 9.13
N GLU A 51 0.18 -3.01 10.41
CA GLU A 51 1.36 -2.29 10.91
C GLU A 51 2.63 -3.07 10.61
N LYS A 52 2.60 -4.37 10.89
CA LYS A 52 3.74 -5.25 10.66
C LYS A 52 4.13 -5.24 9.18
N SER A 53 3.13 -5.24 8.31
CA SER A 53 3.36 -5.31 6.88
C SER A 53 3.16 -3.95 6.22
N LEU A 54 3.19 -2.89 7.03
CA LEU A 54 2.98 -1.53 6.53
C LEU A 54 4.01 -1.19 5.49
N ASN A 55 5.26 -1.55 5.79
CA ASN A 55 6.37 -1.36 4.86
C ASN A 55 6.10 -2.06 3.53
N LYS A 56 5.54 -3.26 3.59
CA LYS A 56 5.22 -4.02 2.39
C LYS A 56 4.05 -3.40 1.63
N LEU A 57 2.98 -3.09 2.35
CA LEU A 57 1.80 -2.48 1.75
C LEU A 57 2.14 -1.14 1.13
N TYR A 58 2.98 -0.38 1.82
CA TYR A 58 3.42 0.92 1.34
C TYR A 58 4.30 0.75 0.10
N GLU A 59 5.16 -0.25 0.12
CA GLU A 59 6.01 -0.56 -1.02
C GLU A 59 5.16 -0.88 -2.25
N TYR A 60 4.04 -1.56 -2.01
CA TYR A 60 3.11 -1.93 -3.07
C TYR A 60 2.45 -0.70 -3.71
N ILE A 61 2.02 0.24 -2.89
CA ILE A 61 1.28 1.38 -3.40
C ILE A 61 2.17 2.38 -4.11
N GLU A 62 3.43 2.47 -3.69
CA GLU A 62 4.36 3.42 -4.30
C GLU A 62 4.94 2.86 -5.60
N GLN A 63 4.99 1.54 -5.72
CA GLN A 63 5.53 0.90 -6.92
C GLN A 63 4.46 0.87 -8.02
N SER A 64 4.80 0.25 -9.15
CA SER A 64 3.92 0.21 -10.30
C SER A 64 2.84 -0.85 -10.12
N LYS A 65 1.57 -0.44 -10.23
CA LYS A 65 0.47 -1.39 -10.26
C LYS A 65 0.37 -2.04 -11.64
N ASN A 66 0.83 -1.30 -12.65
CA ASN A 66 0.83 -1.79 -14.03
C ASN A 66 2.21 -2.32 -14.39
N CYS A 67 2.44 -2.55 -15.68
CA CYS A 67 3.73 -3.03 -16.15
C CYS A 67 3.94 -2.59 -17.58
N SER A 68 5.19 -2.49 -17.97
CA SER A 68 5.56 -1.90 -19.26
C SER A 68 5.20 -2.83 -20.42
N TYR A 69 5.02 -4.11 -20.11
CA TYR A 69 4.61 -5.10 -21.10
C TYR A 69 3.22 -4.79 -21.66
N CYS A 70 2.45 -4.00 -20.92
CA CYS A 70 1.10 -3.65 -21.35
C CYS A 70 0.97 -2.16 -21.63
N SER A 71 1.31 -1.36 -20.63
CA SER A 71 1.14 0.07 -20.72
C SER A 71 2.38 0.75 -21.28
N GLU A 72 2.33 2.05 -21.38
CA GLU A 72 3.41 2.85 -21.94
C GLU A 72 4.33 3.33 -20.85
N ASP A 73 4.34 2.61 -19.74
CA ASP A 73 5.17 2.95 -18.60
C ASP A 73 6.64 2.94 -18.98
N GLU A 74 7.23 4.12 -19.04
CA GLU A 74 8.64 4.25 -19.38
C GLU A 74 9.51 3.71 -18.24
N ASN A 75 8.88 3.53 -17.08
CA ASN A 75 9.56 2.92 -15.93
C ASN A 75 9.71 1.42 -16.16
N CYS A 76 10.54 1.07 -17.12
CA CYS A 76 10.76 -0.32 -17.50
C CYS A 76 11.80 -0.97 -16.60
N ASN A 77 12.07 -0.33 -15.48
CA ASN A 77 13.03 -0.87 -14.51
C ASN A 77 12.32 -1.74 -13.49
N ASN A 78 11.07 -2.08 -13.78
CA ASN A 78 10.33 -3.03 -12.98
C ASN A 78 11.03 -4.38 -13.02
N LEU A 79 11.62 -4.77 -11.89
CA LEU A 79 12.35 -6.03 -11.81
C LEU A 79 11.47 -7.21 -12.23
N LEU A 80 10.29 -7.32 -11.65
CA LEU A 80 9.32 -8.32 -12.07
C LEU A 80 8.44 -7.79 -13.21
N GLU A 81 9.05 -7.46 -14.34
CA GLU A 81 8.28 -7.00 -15.49
C GLU A 81 7.53 -8.16 -16.11
N GLY A 82 6.50 -7.82 -16.88
CA GLY A 82 5.62 -8.84 -17.43
C GLY A 82 4.61 -9.33 -16.42
N TYR A 83 4.78 -8.93 -15.18
CA TYR A 83 3.85 -9.31 -14.11
C TYR A 83 3.26 -8.06 -13.47
N HIS A 84 2.30 -8.25 -12.59
CA HIS A 84 1.77 -7.17 -11.77
C HIS A 84 1.75 -7.61 -10.31
N PRO A 85 2.02 -6.68 -9.38
CA PRO A 85 2.03 -7.00 -7.95
C PRO A 85 0.62 -7.16 -7.38
N LYS A 86 0.43 -8.19 -6.57
CA LYS A 86 -0.84 -8.41 -5.92
C LYS A 86 -0.60 -8.80 -4.46
N LEU A 87 -1.36 -8.17 -3.58
CA LEU A 87 -1.19 -8.38 -2.14
C LEU A 87 -1.70 -9.76 -1.73
N VAL A 88 -0.96 -10.42 -0.86
CA VAL A 88 -1.34 -11.72 -0.32
C VAL A 88 -1.14 -11.74 1.18
N VAL A 89 -1.94 -12.51 1.88
CA VAL A 89 -1.76 -12.69 3.31
C VAL A 89 -1.12 -14.04 3.59
N ASN A 90 0.07 -14.03 4.18
CA ASN A 90 0.79 -15.25 4.45
C ASN A 90 1.01 -15.44 5.94
N GLY A 91 0.09 -16.17 6.56
CA GLY A 91 0.20 -16.52 7.96
C GLY A 91 0.29 -15.32 8.90
N ARG A 92 1.50 -14.85 9.13
CA ARG A 92 1.78 -13.85 10.15
C ARG A 92 1.88 -12.45 9.58
N SER A 93 2.02 -12.36 8.27
CA SER A 93 2.28 -11.08 7.63
C SER A 93 1.67 -11.02 6.24
N ILE A 94 1.70 -9.83 5.67
CA ILE A 94 1.15 -9.60 4.35
C ILE A 94 2.29 -9.40 3.35
N ASP A 95 2.19 -10.02 2.19
CA ASP A 95 3.26 -10.03 1.23
C ASP A 95 2.76 -9.62 -0.15
N ILE A 96 3.67 -9.57 -1.10
CA ILE A 96 3.34 -9.17 -2.46
C ILE A 96 3.81 -10.22 -3.45
N GLU A 97 2.86 -10.86 -4.14
CA GLU A 97 3.20 -11.86 -5.14
C GLU A 97 2.76 -11.37 -6.50
N TYR A 98 3.44 -11.85 -7.53
CA TYR A 98 3.22 -11.34 -8.87
C TYR A 98 2.44 -12.33 -9.73
N TYR A 99 1.41 -11.83 -10.38
CA TYR A 99 0.69 -12.61 -11.37
C TYR A 99 1.04 -12.07 -12.75
N GLU A 100 1.03 -12.92 -13.76
CA GLU A 100 1.47 -12.50 -15.08
C GLU A 100 0.48 -11.52 -15.69
N CYS A 101 1.02 -10.51 -16.35
CA CYS A 101 0.21 -9.51 -17.04
C CYS A 101 -0.86 -10.18 -17.93
N PRO A 102 -2.14 -9.82 -17.70
CA PRO A 102 -3.28 -10.48 -18.36
C PRO A 102 -3.31 -10.31 -19.88
N VAL A 103 -2.52 -9.37 -20.39
CA VAL A 103 -2.45 -9.15 -21.84
C VAL A 103 -1.82 -10.36 -22.54
N LYS A 104 -1.00 -11.10 -21.80
CA LYS A 104 -0.33 -12.26 -22.33
C LYS A 104 -1.29 -13.43 -22.47
N ARG A 105 -2.04 -13.66 -21.41
CA ARG A 105 -2.92 -14.82 -21.33
C ARG A 105 -4.36 -14.39 -21.62
N LYS A 106 -4.74 -14.45 -22.90
CA LYS A 106 -6.09 -14.06 -23.31
C LYS A 106 -7.00 -15.27 -23.32
ZN ZN B . 1.02 -5.40 -17.54
N MET A 1 -21.82 27.69 13.24
CA MET A 1 -20.51 27.43 13.87
C MET A 1 -19.88 28.73 14.35
N GLU A 2 -19.12 28.66 15.43
CA GLU A 2 -18.47 29.84 15.97
C GLU A 2 -16.95 29.69 15.80
N PRO A 3 -16.24 30.81 15.53
CA PRO A 3 -14.78 30.80 15.39
C PRO A 3 -14.09 30.07 16.53
N ILE A 4 -13.40 28.98 16.20
CA ILE A 4 -12.67 28.21 17.18
C ILE A 4 -11.29 28.82 17.39
N GLY A 5 -10.79 29.44 16.33
CA GLY A 5 -9.47 30.03 16.36
C GLY A 5 -8.52 29.27 15.46
N ARG A 6 -7.38 28.89 16.00
CA ARG A 6 -6.39 28.14 15.25
C ARG A 6 -5.68 27.13 16.13
N SER A 7 -5.50 25.92 15.62
CA SER A 7 -4.97 24.81 16.42
C SER A 7 -3.44 24.74 16.34
N LEU A 8 -2.81 25.84 15.94
CA LEU A 8 -1.35 25.91 15.87
C LEU A 8 -0.77 26.31 17.23
N GLN A 9 -1.51 26.01 18.29
CA GLN A 9 -1.14 26.43 19.63
C GLN A 9 -0.75 25.24 20.48
N GLY A 10 0.41 25.32 21.10
CA GLY A 10 0.83 24.33 22.07
C GLY A 10 1.44 23.08 21.46
N VAL A 11 0.64 22.35 20.70
CA VAL A 11 1.05 21.05 20.17
C VAL A 11 2.11 21.18 19.10
N THR A 12 3.36 21.07 19.51
CA THR A 12 4.49 21.08 18.59
C THR A 12 4.96 19.66 18.30
N GLY A 13 4.10 18.70 18.62
CA GLY A 13 4.42 17.32 18.37
C GLY A 13 4.22 16.91 16.92
N ARG A 14 5.15 17.32 16.07
CA ARG A 14 5.09 16.98 14.65
C ARG A 14 6.48 16.72 14.07
N PRO A 15 7.18 15.68 14.56
CA PRO A 15 8.45 15.26 13.96
C PRO A 15 8.22 14.65 12.58
N ASP A 16 9.25 14.61 11.75
CA ASP A 16 9.11 14.06 10.41
C ASP A 16 8.81 12.56 10.48
N PHE A 17 9.11 11.96 11.63
CA PHE A 17 8.78 10.56 11.88
C PHE A 17 7.28 10.34 11.87
N GLN A 18 6.55 11.14 12.65
CA GLN A 18 5.11 10.97 12.74
C GLN A 18 4.45 11.41 11.45
N LYS A 19 5.05 12.41 10.79
CA LYS A 19 4.56 12.88 9.51
C LYS A 19 4.64 11.79 8.46
N ARG A 20 5.81 11.15 8.35
CA ARG A 20 5.99 10.08 7.38
C ARG A 20 5.08 8.90 7.73
N LEU A 21 4.82 8.73 9.04
CA LEU A 21 3.98 7.63 9.52
C LEU A 21 2.53 7.84 9.11
N GLU A 22 2.00 9.04 9.37
CA GLU A 22 0.64 9.37 8.95
C GLU A 22 0.56 9.39 7.44
N GLN A 23 1.63 9.84 6.80
CA GLN A 23 1.71 9.92 5.35
C GLN A 23 1.58 8.54 4.72
N MET A 24 2.43 7.62 5.13
CA MET A 24 2.41 6.27 4.59
C MET A 24 1.11 5.55 4.94
N LYS A 25 0.62 5.77 6.16
CA LYS A 25 -0.64 5.17 6.60
C LYS A 25 -1.78 5.69 5.75
N GLU A 26 -1.76 6.98 5.47
CA GLU A 26 -2.74 7.64 4.63
C GLU A 26 -2.77 6.99 3.25
N LYS A 27 -1.58 6.81 2.69
CA LYS A 27 -1.44 6.15 1.39
C LYS A 27 -2.04 4.75 1.39
N VAL A 28 -1.59 3.91 2.33
CA VAL A 28 -1.99 2.52 2.36
C VAL A 28 -3.49 2.39 2.60
N MET A 29 -4.02 3.20 3.51
CA MET A 29 -5.42 3.09 3.90
C MET A 29 -6.37 3.69 2.87
N LYS A 30 -5.84 4.32 1.83
CA LYS A 30 -6.70 4.93 0.82
C LYS A 30 -6.34 4.49 -0.60
N ASP A 31 -5.43 3.53 -0.74
CA ASP A 31 -5.08 3.02 -2.05
C ASP A 31 -6.07 1.94 -2.46
N GLN A 32 -6.50 2.00 -3.72
CA GLN A 32 -7.60 1.19 -4.21
C GLN A 32 -7.34 -0.30 -4.09
N ASP A 33 -6.16 -0.73 -4.53
CA ASP A 33 -5.84 -2.16 -4.57
C ASP A 33 -5.77 -2.73 -3.17
N VAL A 34 -5.27 -1.91 -2.24
CA VAL A 34 -5.18 -2.31 -0.84
C VAL A 34 -6.58 -2.58 -0.28
N GLN A 35 -7.55 -1.76 -0.69
CA GLN A 35 -8.94 -1.93 -0.27
C GLN A 35 -9.45 -3.30 -0.68
N ALA A 36 -9.14 -3.69 -1.90
CA ALA A 36 -9.55 -4.98 -2.43
C ALA A 36 -9.00 -6.12 -1.58
N PHE A 37 -7.71 -6.07 -1.28
CA PHE A 37 -7.06 -7.09 -0.47
C PHE A 37 -7.65 -7.17 0.92
N LEU A 38 -7.93 -6.02 1.52
CA LEU A 38 -8.47 -5.96 2.87
C LEU A 38 -9.80 -6.69 2.98
N LYS A 39 -10.66 -6.50 2.00
CA LYS A 39 -11.97 -7.15 2.02
C LYS A 39 -11.87 -8.59 1.51
N GLU A 40 -10.83 -8.86 0.75
CA GLU A 40 -10.55 -10.21 0.27
C GLU A 40 -10.29 -11.14 1.44
N ASN A 41 -9.40 -10.70 2.31
CA ASN A 41 -8.99 -11.49 3.46
C ASN A 41 -9.45 -10.83 4.76
N GLU A 42 -10.63 -10.22 4.71
CA GLU A 42 -11.18 -9.46 5.83
C GLU A 42 -11.20 -10.26 7.14
N GLU A 43 -11.53 -11.54 7.04
CA GLU A 43 -11.70 -12.36 8.22
C GLU A 43 -10.37 -12.96 8.67
N VAL A 44 -9.37 -12.87 7.81
CA VAL A 44 -8.07 -13.46 8.09
C VAL A 44 -7.10 -12.40 8.62
N ILE A 45 -7.19 -11.21 8.05
CA ILE A 45 -6.29 -10.12 8.40
C ILE A 45 -6.80 -9.40 9.65
N ASP A 46 -5.88 -8.85 10.42
CA ASP A 46 -6.23 -8.02 11.57
C ASP A 46 -5.55 -6.66 11.42
N GLN A 47 -5.99 -5.69 12.21
CA GLN A 47 -5.48 -4.31 12.09
C GLN A 47 -3.99 -4.24 12.33
N LYS A 48 -3.52 -5.01 13.31
CA LYS A 48 -2.11 -5.01 13.67
C LYS A 48 -1.27 -5.73 12.62
N MET A 49 -1.85 -6.72 11.99
CA MET A 49 -1.22 -7.37 10.85
C MET A 49 -0.87 -6.32 9.78
N ILE A 50 -1.80 -5.42 9.54
CA ILE A 50 -1.60 -4.34 8.58
C ILE A 50 -0.42 -3.47 8.98
N GLU A 51 -0.35 -3.13 10.27
CA GLU A 51 0.75 -2.31 10.77
C GLU A 51 2.08 -3.06 10.78
N LYS A 52 2.04 -4.35 11.12
CA LYS A 52 3.25 -5.17 11.16
C LYS A 52 3.84 -5.36 9.77
N SER A 53 3.00 -5.24 8.76
CA SER A 53 3.44 -5.33 7.39
C SER A 53 3.11 -4.04 6.65
N LEU A 54 3.02 -2.94 7.39
CA LEU A 54 2.70 -1.64 6.82
C LEU A 54 3.77 -1.22 5.83
N ASN A 55 5.00 -1.60 6.13
CA ASN A 55 6.12 -1.34 5.23
C ASN A 55 5.96 -2.15 3.95
N LYS A 56 5.39 -3.34 4.09
CA LYS A 56 5.13 -4.20 2.93
C LYS A 56 3.96 -3.71 2.10
N LEU A 57 2.88 -3.30 2.77
CA LEU A 57 1.74 -2.72 2.06
C LEU A 57 2.17 -1.47 1.31
N TYR A 58 3.06 -0.70 1.92
CA TYR A 58 3.57 0.51 1.31
C TYR A 58 4.57 0.17 0.20
N GLU A 59 5.39 -0.85 0.44
CA GLU A 59 6.34 -1.34 -0.55
C GLU A 59 5.59 -1.89 -1.75
N TYR A 60 4.42 -2.44 -1.50
CA TYR A 60 3.58 -2.98 -2.55
C TYR A 60 3.12 -1.89 -3.51
N ILE A 61 2.51 -0.85 -2.96
CA ILE A 61 1.93 0.21 -3.78
C ILE A 61 3.00 1.00 -4.55
N GLU A 62 4.20 1.07 -4.00
CA GLU A 62 5.30 1.74 -4.69
C GLU A 62 5.89 0.84 -5.79
N GLN A 63 5.96 -0.47 -5.51
CA GLN A 63 6.55 -1.41 -6.45
C GLN A 63 5.53 -1.91 -7.46
N SER A 64 5.74 -1.55 -8.71
CA SER A 64 4.95 -2.05 -9.82
C SER A 64 3.45 -1.85 -9.60
N LYS A 65 3.03 -0.59 -9.49
CA LYS A 65 1.61 -0.26 -9.43
C LYS A 65 0.95 -0.68 -10.74
N ASN A 66 1.77 -0.69 -11.77
CA ASN A 66 1.39 -1.19 -13.09
C ASN A 66 2.55 -1.99 -13.65
N CYS A 67 2.61 -2.13 -14.95
CA CYS A 67 3.78 -2.70 -15.58
C CYS A 67 3.90 -2.12 -16.98
N SER A 68 5.12 -2.09 -17.48
CA SER A 68 5.41 -1.39 -18.72
C SER A 68 4.69 -2.05 -19.89
N TYR A 69 4.49 -3.36 -19.78
CA TYR A 69 3.80 -4.13 -20.80
C TYR A 69 2.40 -3.57 -21.10
N CYS A 70 1.72 -3.06 -20.07
CA CYS A 70 0.35 -2.59 -20.24
C CYS A 70 0.28 -1.07 -20.27
N SER A 71 1.41 -0.42 -20.01
CA SER A 71 1.46 1.02 -20.03
C SER A 71 2.16 1.50 -21.29
N GLU A 72 2.08 2.78 -21.56
CA GLU A 72 2.77 3.34 -22.70
C GLU A 72 4.12 3.90 -22.23
N ASP A 73 4.24 4.01 -20.91
CA ASP A 73 5.47 4.48 -20.30
C ASP A 73 6.53 3.39 -20.32
N GLU A 74 7.60 3.64 -21.05
CA GLU A 74 8.73 2.71 -21.08
C GLU A 74 9.69 3.06 -19.95
N ASN A 75 9.62 4.31 -19.48
CA ASN A 75 10.44 4.75 -18.37
C ASN A 75 9.90 4.20 -17.06
N CYS A 76 10.15 2.92 -16.84
CA CYS A 76 9.73 2.24 -15.63
C CYS A 76 10.52 0.95 -15.50
N ASN A 77 11.04 0.67 -14.32
CA ASN A 77 11.87 -0.50 -14.12
C ASN A 77 11.23 -1.46 -13.15
N ASN A 78 10.25 -2.21 -13.65
CA ASN A 78 9.66 -3.29 -12.87
C ASN A 78 10.64 -4.44 -12.78
N LEU A 79 10.77 -5.03 -11.59
CA LEU A 79 11.62 -6.19 -11.42
C LEU A 79 11.08 -7.33 -12.27
N LEU A 80 9.91 -7.83 -11.90
CA LEU A 80 9.19 -8.77 -12.73
C LEU A 80 8.30 -8.01 -13.70
N GLU A 81 8.81 -7.68 -14.88
CA GLU A 81 8.04 -6.96 -15.88
C GLU A 81 7.17 -7.94 -16.66
N GLY A 82 5.98 -7.49 -17.02
CA GLY A 82 4.98 -8.39 -17.56
C GLY A 82 4.10 -8.91 -16.45
N TYR A 83 4.47 -8.61 -15.22
CA TYR A 83 3.74 -9.06 -14.05
C TYR A 83 3.37 -7.88 -13.15
N HIS A 84 2.43 -8.11 -12.23
CA HIS A 84 2.14 -7.15 -11.17
C HIS A 84 2.18 -7.88 -9.84
N PRO A 85 2.45 -7.17 -8.76
CA PRO A 85 2.46 -7.76 -7.43
C PRO A 85 1.05 -7.88 -6.85
N LYS A 86 0.91 -8.66 -5.77
CA LYS A 86 -0.34 -8.76 -5.04
C LYS A 86 -0.06 -9.12 -3.59
N LEU A 87 -0.88 -8.63 -2.68
CA LEU A 87 -0.72 -8.96 -1.26
C LEU A 87 -1.26 -10.35 -0.98
N VAL A 88 -0.56 -11.08 -0.13
CA VAL A 88 -1.03 -12.37 0.35
C VAL A 88 -0.74 -12.49 1.84
N VAL A 89 -1.66 -13.07 2.59
CA VAL A 89 -1.49 -13.20 4.03
C VAL A 89 -0.76 -14.49 4.39
N ASN A 90 0.28 -14.37 5.21
CA ASN A 90 1.00 -15.51 5.71
C ASN A 90 1.20 -15.39 7.22
N GLY A 91 0.31 -16.02 7.97
CA GLY A 91 0.37 -15.95 9.41
C GLY A 91 -0.05 -14.60 9.93
N ARG A 92 0.89 -13.87 10.51
CA ARG A 92 0.64 -12.53 11.00
C ARG A 92 1.38 -11.51 10.17
N SER A 93 1.87 -11.96 9.02
CA SER A 93 2.60 -11.09 8.12
C SER A 93 1.95 -11.10 6.75
N ILE A 94 2.05 -9.97 6.06
CA ILE A 94 1.51 -9.83 4.71
C ILE A 94 2.65 -9.71 3.71
N ASP A 95 2.63 -10.58 2.71
CA ASP A 95 3.71 -10.65 1.72
C ASP A 95 3.25 -10.13 0.38
N ILE A 96 4.19 -10.06 -0.55
CA ILE A 96 3.93 -9.52 -1.87
C ILE A 96 4.34 -10.50 -2.95
N GLU A 97 3.36 -11.13 -3.56
CA GLU A 97 3.61 -12.08 -4.64
C GLU A 97 3.47 -11.38 -5.99
N TYR A 98 3.54 -12.15 -7.07
CA TYR A 98 3.40 -11.59 -8.41
C TYR A 98 2.49 -12.46 -9.27
N TYR A 99 1.71 -11.81 -10.12
CA TYR A 99 0.89 -12.49 -11.10
C TYR A 99 1.13 -11.88 -12.47
N GLU A 100 0.87 -12.63 -13.52
CA GLU A 100 1.09 -12.15 -14.87
C GLU A 100 0.05 -11.10 -15.25
N CYS A 101 0.51 -10.04 -15.89
CA CYS A 101 -0.36 -8.96 -16.35
C CYS A 101 -1.48 -9.50 -17.24
N PRO A 102 -2.75 -9.24 -16.86
CA PRO A 102 -3.93 -9.78 -17.56
C PRO A 102 -4.16 -9.15 -18.93
N VAL A 103 -3.40 -8.11 -19.25
CA VAL A 103 -3.52 -7.46 -20.56
C VAL A 103 -2.99 -8.37 -21.66
N LYS A 104 -2.18 -9.36 -21.27
CA LYS A 104 -1.68 -10.34 -22.22
C LYS A 104 -2.84 -11.18 -22.74
N ARG A 105 -3.89 -11.26 -21.94
CA ARG A 105 -5.12 -11.92 -22.34
C ARG A 105 -6.11 -10.89 -22.83
N LYS A 106 -6.00 -10.57 -24.10
CA LYS A 106 -6.86 -9.58 -24.73
C LYS A 106 -7.69 -10.22 -25.84
ZN ZN B . 0.62 -4.70 -16.58
N MET A 1 -20.40 22.66 6.01
CA MET A 1 -19.29 22.85 6.97
C MET A 1 -17.98 22.94 6.20
N GLU A 2 -17.21 23.98 6.49
CA GLU A 2 -15.96 24.22 5.78
C GLU A 2 -14.76 24.08 6.70
N PRO A 3 -14.24 22.86 6.86
CA PRO A 3 -13.03 22.62 7.66
C PRO A 3 -11.78 23.11 6.92
N ILE A 4 -11.57 24.41 6.97
CA ILE A 4 -10.45 25.03 6.27
C ILE A 4 -9.24 25.08 7.18
N GLY A 5 -9.44 25.63 8.37
CA GLY A 5 -8.34 25.80 9.29
C GLY A 5 -8.69 25.41 10.70
N ARG A 6 -8.51 24.13 11.03
CA ARG A 6 -8.69 23.68 12.39
C ARG A 6 -7.47 24.08 13.21
N SER A 7 -7.63 25.15 13.99
CA SER A 7 -6.51 25.74 14.71
C SER A 7 -6.65 25.55 16.21
N LEU A 8 -7.32 24.46 16.61
CA LEU A 8 -7.48 24.15 18.03
C LEU A 8 -6.21 23.55 18.60
N GLN A 9 -5.49 22.86 17.73
CA GLN A 9 -4.24 22.21 18.11
C GLN A 9 -3.06 23.01 17.59
N GLY A 10 -2.30 23.60 18.51
CA GLY A 10 -1.09 24.32 18.14
C GLY A 10 0.09 23.38 17.99
N VAL A 11 1.29 23.94 17.92
CA VAL A 11 2.48 23.12 17.81
C VAL A 11 2.90 22.61 19.18
N THR A 12 2.43 21.43 19.52
CA THR A 12 2.79 20.78 20.77
C THR A 12 3.78 19.66 20.50
N GLY A 13 5.06 20.00 20.50
CA GLY A 13 6.08 19.05 20.19
C GLY A 13 6.23 18.85 18.70
N ARG A 14 6.97 17.82 18.31
CA ARG A 14 7.19 17.51 16.90
C ARG A 14 7.16 16.00 16.69
N PRO A 15 5.95 15.42 16.70
CA PRO A 15 5.76 14.00 16.44
C PRO A 15 5.90 13.66 14.96
N ASP A 16 7.09 13.86 14.43
CA ASP A 16 7.36 13.58 13.03
C ASP A 16 7.29 12.09 12.75
N PHE A 17 7.59 11.28 13.76
CA PHE A 17 7.53 9.84 13.63
C PHE A 17 6.11 9.41 13.25
N GLN A 18 5.14 9.91 14.00
CA GLN A 18 3.74 9.56 13.75
C GLN A 18 3.26 10.21 12.46
N LYS A 19 3.84 11.36 12.12
CA LYS A 19 3.45 12.08 10.91
C LYS A 19 3.75 11.27 9.66
N ARG A 20 4.95 10.74 9.56
CA ARG A 20 5.32 9.91 8.42
C ARG A 20 4.57 8.61 8.47
N LEU A 21 4.47 8.08 9.68
CA LEU A 21 3.73 6.84 9.94
C LEU A 21 2.29 6.95 9.41
N GLU A 22 1.62 8.03 9.76
CA GLU A 22 0.26 8.27 9.30
C GLU A 22 0.24 8.72 7.85
N GLN A 23 1.31 9.37 7.41
CA GLN A 23 1.41 9.80 6.02
C GLN A 23 1.40 8.58 5.11
N MET A 24 2.27 7.62 5.39
CA MET A 24 2.31 6.40 4.62
C MET A 24 1.03 5.59 4.85
N LYS A 25 0.52 5.63 6.08
CA LYS A 25 -0.76 4.99 6.40
C LYS A 25 -1.87 5.50 5.47
N GLU A 26 -1.95 6.82 5.37
CA GLU A 26 -2.93 7.48 4.50
C GLU A 26 -2.76 7.03 3.06
N LYS A 27 -1.51 7.03 2.61
CA LYS A 27 -1.17 6.63 1.25
C LYS A 27 -1.60 5.20 0.96
N VAL A 28 -1.36 4.32 1.91
CA VAL A 28 -1.65 2.90 1.72
C VAL A 28 -3.16 2.67 1.64
N MET A 29 -3.94 3.42 2.42
CA MET A 29 -5.40 3.28 2.38
C MET A 29 -5.98 4.07 1.21
N LYS A 30 -5.10 4.75 0.47
CA LYS A 30 -5.50 5.50 -0.71
C LYS A 30 -5.38 4.63 -1.94
N ASP A 31 -4.74 3.48 -1.78
CA ASP A 31 -4.49 2.58 -2.91
C ASP A 31 -5.68 1.66 -3.15
N GLN A 32 -6.03 1.48 -4.40
CA GLN A 32 -7.17 0.66 -4.80
C GLN A 32 -6.95 -0.82 -4.46
N ASP A 33 -5.78 -1.33 -4.81
CA ASP A 33 -5.45 -2.74 -4.61
C ASP A 33 -5.44 -3.07 -3.12
N VAL A 34 -4.80 -2.20 -2.35
CA VAL A 34 -4.68 -2.39 -0.91
C VAL A 34 -6.05 -2.54 -0.24
N GLN A 35 -6.93 -1.56 -0.43
CA GLN A 35 -8.23 -1.57 0.23
C GLN A 35 -9.11 -2.72 -0.28
N ALA A 36 -8.90 -3.10 -1.54
CA ALA A 36 -9.58 -4.26 -2.09
C ALA A 36 -9.15 -5.52 -1.35
N PHE A 37 -7.86 -5.59 -1.05
CA PHE A 37 -7.30 -6.71 -0.29
C PHE A 37 -7.76 -6.67 1.17
N LEU A 38 -7.87 -5.45 1.71
CA LEU A 38 -8.34 -5.27 3.09
C LEU A 38 -9.71 -5.89 3.29
N LYS A 39 -10.63 -5.58 2.40
CA LYS A 39 -12.00 -6.09 2.52
C LYS A 39 -12.07 -7.55 2.07
N GLU A 40 -11.09 -7.96 1.28
CA GLU A 40 -10.95 -9.34 0.86
C GLU A 40 -10.65 -10.22 2.07
N ASN A 41 -9.54 -9.95 2.73
CA ASN A 41 -9.07 -10.78 3.82
C ASN A 41 -9.36 -10.16 5.17
N GLU A 42 -10.49 -9.46 5.26
CA GLU A 42 -10.91 -8.83 6.51
C GLU A 42 -11.15 -9.86 7.60
N GLU A 43 -11.36 -11.11 7.19
CA GLU A 43 -11.63 -12.19 8.13
C GLU A 43 -10.33 -12.80 8.65
N VAL A 44 -9.23 -12.52 7.96
CA VAL A 44 -7.96 -13.15 8.28
C VAL A 44 -6.98 -12.15 8.92
N ILE A 45 -6.93 -10.95 8.35
CA ILE A 45 -5.97 -9.94 8.78
C ILE A 45 -6.41 -9.26 10.08
N ASP A 46 -5.43 -8.93 10.93
CA ASP A 46 -5.69 -8.18 12.16
C ASP A 46 -5.18 -6.75 12.01
N GLN A 47 -5.60 -5.87 12.91
CA GLN A 47 -5.14 -4.50 12.93
C GLN A 47 -3.62 -4.43 13.05
N LYS A 48 -3.09 -5.23 13.97
CA LYS A 48 -1.64 -5.24 14.22
C LYS A 48 -0.90 -5.79 13.01
N MET A 49 -1.51 -6.78 12.38
CA MET A 49 -0.97 -7.37 11.17
C MET A 49 -0.81 -6.28 10.09
N ILE A 50 -1.75 -5.35 10.05
CA ILE A 50 -1.71 -4.24 9.10
C ILE A 50 -0.51 -3.35 9.35
N GLU A 51 -0.38 -2.86 10.58
CA GLU A 51 0.72 -1.96 10.92
C GLU A 51 2.06 -2.64 10.77
N LYS A 52 2.14 -3.86 11.23
CA LYS A 52 3.35 -4.65 11.13
C LYS A 52 3.80 -4.81 9.67
N SER A 53 2.85 -4.85 8.73
CA SER A 53 3.18 -5.02 7.33
C SER A 53 2.95 -3.73 6.54
N LEU A 54 2.79 -2.61 7.25
CA LEU A 54 2.56 -1.32 6.60
C LEU A 54 3.71 -0.97 5.67
N ASN A 55 4.92 -1.37 6.06
CA ASN A 55 6.09 -1.16 5.23
C ASN A 55 6.02 -2.00 3.95
N LYS A 56 5.51 -3.22 4.08
CA LYS A 56 5.31 -4.10 2.93
C LYS A 56 4.27 -3.51 1.99
N LEU A 57 3.14 -3.10 2.57
CA LEU A 57 2.05 -2.52 1.81
C LEU A 57 2.47 -1.20 1.17
N TYR A 58 3.29 -0.43 1.87
CA TYR A 58 3.77 0.84 1.33
C TYR A 58 4.74 0.59 0.16
N GLU A 59 5.63 -0.39 0.34
CA GLU A 59 6.53 -0.82 -0.71
C GLU A 59 5.72 -1.28 -1.93
N TYR A 60 4.62 -1.93 -1.63
CA TYR A 60 3.71 -2.44 -2.64
C TYR A 60 3.12 -1.33 -3.50
N ILE A 61 2.64 -0.28 -2.86
CA ILE A 61 2.01 0.83 -3.57
C ILE A 61 3.04 1.72 -4.26
N GLU A 62 4.23 1.85 -3.69
CA GLU A 62 5.25 2.73 -4.24
C GLU A 62 5.96 2.09 -5.43
N GLN A 63 5.89 0.78 -5.53
CA GLN A 63 6.53 0.08 -6.64
C GLN A 63 5.62 0.12 -7.88
N SER A 64 6.12 -0.41 -8.98
CA SER A 64 5.36 -0.41 -10.22
C SER A 64 4.15 -1.35 -10.12
N LYS A 65 2.99 -0.75 -9.94
CA LYS A 65 1.74 -1.50 -9.88
C LYS A 65 1.40 -2.08 -11.24
N ASN A 66 1.80 -1.37 -12.29
CA ASN A 66 1.54 -1.80 -13.66
C ASN A 66 2.74 -2.58 -14.19
N CYS A 67 2.78 -2.78 -15.50
CA CYS A 67 3.89 -3.48 -16.10
C CYS A 67 3.99 -3.09 -17.57
N SER A 68 5.13 -3.36 -18.17
CA SER A 68 5.41 -2.95 -19.55
C SER A 68 4.57 -3.73 -20.56
N TYR A 69 4.04 -4.87 -20.13
CA TYR A 69 3.21 -5.71 -21.00
C TYR A 69 1.80 -5.15 -21.12
N CYS A 70 1.58 -3.98 -20.54
CA CYS A 70 0.31 -3.30 -20.68
C CYS A 70 0.51 -1.79 -20.72
N SER A 71 1.35 -1.28 -19.84
CA SER A 71 1.64 0.14 -19.77
C SER A 71 3.03 0.39 -20.36
N GLU A 72 3.12 1.28 -21.34
CA GLU A 72 4.38 1.56 -22.00
C GLU A 72 5.15 2.66 -21.27
N ASP A 73 4.70 2.98 -20.08
CA ASP A 73 5.35 3.97 -19.22
C ASP A 73 6.76 3.53 -18.89
N GLU A 74 7.74 4.29 -19.36
CA GLU A 74 9.13 4.03 -19.04
C GLU A 74 9.53 4.69 -17.73
N ASN A 75 8.60 5.47 -17.19
CA ASN A 75 8.83 6.22 -15.96
C ASN A 75 9.15 5.28 -14.80
N CYS A 76 8.36 4.23 -14.65
CA CYS A 76 8.51 3.31 -13.55
C CYS A 76 9.22 2.04 -13.99
N ASN A 77 10.05 1.49 -13.12
CA ASN A 77 10.73 0.23 -13.41
C ASN A 77 9.95 -0.94 -12.83
N ASN A 78 9.26 -1.67 -13.69
CA ASN A 78 8.58 -2.88 -13.26
C ASN A 78 9.57 -4.03 -13.19
N LEU A 79 9.98 -4.37 -11.97
CA LEU A 79 10.96 -5.43 -11.74
C LEU A 79 10.54 -6.71 -12.45
N LEU A 80 9.40 -7.26 -12.06
CA LEU A 80 8.85 -8.42 -12.73
C LEU A 80 8.06 -7.98 -13.94
N GLU A 81 8.74 -7.82 -15.07
CA GLU A 81 8.08 -7.39 -16.29
C GLU A 81 7.17 -8.50 -16.83
N GLY A 82 5.93 -8.11 -17.10
CA GLY A 82 4.92 -9.06 -17.53
C GLY A 82 4.06 -9.52 -16.36
N TYR A 83 4.48 -9.14 -15.17
CA TYR A 83 3.76 -9.48 -13.95
C TYR A 83 3.28 -8.21 -13.24
N HIS A 84 2.41 -8.38 -12.25
CA HIS A 84 1.99 -7.29 -11.38
C HIS A 84 2.08 -7.75 -9.94
N PRO A 85 2.37 -6.82 -9.02
CA PRO A 85 2.41 -7.11 -7.60
C PRO A 85 1.01 -7.23 -7.01
N LYS A 86 0.81 -8.24 -6.17
CA LYS A 86 -0.47 -8.42 -5.49
C LYS A 86 -0.23 -8.78 -4.03
N LEU A 87 -1.01 -8.14 -3.17
CA LEU A 87 -0.95 -8.40 -1.74
C LEU A 87 -1.46 -9.79 -1.43
N VAL A 88 -0.69 -10.55 -0.65
CA VAL A 88 -1.08 -11.90 -0.28
C VAL A 88 -0.96 -12.10 1.23
N VAL A 89 -1.82 -12.95 1.77
CA VAL A 89 -1.71 -13.34 3.17
C VAL A 89 -0.98 -14.68 3.27
N ASN A 90 0.19 -14.65 3.88
CA ASN A 90 0.99 -15.85 4.05
C ASN A 90 1.18 -16.17 5.52
N GLY A 91 0.33 -17.05 6.04
CA GLY A 91 0.42 -17.49 7.41
C GLY A 91 0.20 -16.36 8.40
N ARG A 92 1.28 -15.84 8.94
CA ARG A 92 1.21 -14.79 9.97
C ARG A 92 1.74 -13.46 9.45
N SER A 93 1.87 -13.37 8.14
CA SER A 93 2.45 -12.19 7.53
C SER A 93 1.77 -11.85 6.21
N ILE A 94 1.73 -10.55 5.89
CA ILE A 94 1.22 -10.10 4.62
C ILE A 94 2.39 -9.82 3.69
N ASP A 95 2.32 -10.32 2.47
CA ASP A 95 3.45 -10.27 1.56
C ASP A 95 3.03 -9.77 0.20
N ILE A 96 4.00 -9.66 -0.69
CA ILE A 96 3.77 -9.20 -2.04
C ILE A 96 4.17 -10.27 -3.04
N GLU A 97 3.18 -10.79 -3.76
CA GLU A 97 3.42 -11.78 -4.80
C GLU A 97 3.26 -11.13 -6.17
N TYR A 98 3.49 -11.91 -7.20
CA TYR A 98 3.35 -11.42 -8.56
C TYR A 98 2.44 -12.33 -9.37
N TYR A 99 1.46 -11.73 -10.02
CA TYR A 99 0.59 -12.48 -10.92
C TYR A 99 0.82 -12.00 -12.35
N GLU A 100 0.62 -12.90 -13.30
CA GLU A 100 0.83 -12.58 -14.70
C GLU A 100 -0.16 -11.51 -15.15
N CYS A 101 0.36 -10.47 -15.80
CA CYS A 101 -0.49 -9.44 -16.41
C CYS A 101 -1.63 -10.12 -17.18
N PRO A 102 -2.89 -9.79 -16.83
CA PRO A 102 -4.07 -10.39 -17.47
C PRO A 102 -4.07 -10.18 -18.99
N VAL A 103 -3.48 -9.07 -19.41
CA VAL A 103 -3.42 -8.71 -20.81
C VAL A 103 -2.56 -9.69 -21.61
N LYS A 104 -1.61 -10.33 -20.92
CA LYS A 104 -0.65 -11.20 -21.60
C LYS A 104 -1.34 -12.36 -22.31
N ARG A 105 -2.43 -12.84 -21.75
CA ARG A 105 -3.18 -13.92 -22.40
C ARG A 105 -4.66 -13.63 -22.40
N LYS A 106 -4.98 -12.37 -22.09
CA LYS A 106 -6.36 -11.87 -22.09
C LYS A 106 -7.34 -12.84 -21.42
ZN ZN B . 0.59 -5.37 -16.99
N MET A 1 -4.37 14.14 -7.59
CA MET A 1 -4.32 15.58 -7.95
C MET A 1 -5.52 16.31 -7.36
N GLU A 2 -6.05 15.77 -6.27
CA GLU A 2 -7.24 16.30 -5.62
C GLU A 2 -6.88 16.99 -4.30
N PRO A 3 -6.56 18.30 -4.36
CA PRO A 3 -6.10 19.05 -3.19
C PRO A 3 -7.23 19.36 -2.20
N ILE A 4 -7.78 18.30 -1.61
CA ILE A 4 -8.80 18.46 -0.58
C ILE A 4 -8.12 18.42 0.79
N GLY A 5 -7.93 19.59 1.37
CA GLY A 5 -7.17 19.67 2.61
C GLY A 5 -7.96 20.25 3.75
N ARG A 6 -8.44 19.38 4.63
CA ARG A 6 -9.09 19.81 5.86
C ARG A 6 -8.08 19.79 7.01
N SER A 7 -6.84 20.11 6.67
CA SER A 7 -5.76 20.12 7.65
C SER A 7 -6.01 21.18 8.72
N LEU A 8 -6.35 20.72 9.92
CA LEU A 8 -6.60 21.62 11.04
C LEU A 8 -5.34 21.76 11.88
N GLN A 9 -4.25 21.18 11.40
CA GLN A 9 -2.97 21.29 12.05
C GLN A 9 -2.00 22.07 11.16
N GLY A 10 -1.50 23.18 11.65
CA GLY A 10 -0.57 23.99 10.89
C GLY A 10 0.85 23.47 11.02
N VAL A 11 1.72 23.94 10.13
CA VAL A 11 3.12 23.56 10.18
C VAL A 11 3.88 24.43 11.17
N THR A 12 4.00 23.94 12.40
CA THR A 12 4.75 24.64 13.43
C THR A 12 6.21 24.21 13.37
N GLY A 13 7.06 25.08 12.83
CA GLY A 13 8.44 24.72 12.59
C GLY A 13 8.55 23.80 11.40
N ARG A 14 9.05 22.59 11.62
CA ARG A 14 9.13 21.58 10.56
C ARG A 14 8.83 20.20 11.13
N PRO A 15 7.55 19.90 11.38
CA PRO A 15 7.13 18.56 11.78
C PRO A 15 7.04 17.62 10.59
N ASP A 16 8.17 17.39 9.96
CA ASP A 16 8.23 16.53 8.78
C ASP A 16 8.06 15.08 9.17
N PHE A 17 8.38 14.77 10.42
CA PHE A 17 8.23 13.41 10.94
C PHE A 17 6.77 12.99 10.95
N GLN A 18 5.91 13.85 11.47
CA GLN A 18 4.48 13.52 11.56
C GLN A 18 3.86 13.55 10.17
N LYS A 19 4.38 14.41 9.31
CA LYS A 19 3.92 14.51 7.93
C LYS A 19 4.07 13.18 7.22
N ARG A 20 5.29 12.64 7.23
CA ARG A 20 5.57 11.40 6.51
C ARG A 20 4.90 10.21 7.19
N LEU A 21 4.65 10.33 8.48
CA LEU A 21 3.98 9.26 9.22
C LEU A 21 2.52 9.12 8.79
N GLU A 22 1.80 10.23 8.78
CA GLU A 22 0.41 10.22 8.35
C GLU A 22 0.31 10.04 6.84
N GLN A 23 1.32 10.55 6.14
CA GLN A 23 1.38 10.42 4.68
C GLN A 23 1.42 8.96 4.24
N MET A 24 2.41 8.22 4.74
CA MET A 24 2.55 6.81 4.40
C MET A 24 1.28 6.03 4.76
N LYS A 25 0.72 6.30 5.94
CA LYS A 25 -0.52 5.66 6.36
C LYS A 25 -1.67 6.02 5.43
N GLU A 26 -1.71 7.28 5.00
CA GLU A 26 -2.72 7.77 4.08
C GLU A 26 -2.63 7.03 2.75
N LYS A 27 -1.43 6.97 2.19
CA LYS A 27 -1.18 6.27 0.93
C LYS A 27 -1.61 4.80 0.99
N VAL A 28 -1.21 4.11 2.04
CA VAL A 28 -1.54 2.70 2.20
C VAL A 28 -3.06 2.52 2.26
N MET A 29 -3.72 3.40 3.00
CA MET A 29 -5.17 3.31 3.17
C MET A 29 -5.89 4.03 2.04
N LYS A 30 -5.16 4.34 0.98
CA LYS A 30 -5.74 4.97 -0.20
C LYS A 30 -5.75 4.00 -1.37
N ASP A 31 -4.72 3.17 -1.43
CA ASP A 31 -4.53 2.26 -2.55
C ASP A 31 -5.72 1.32 -2.71
N GLN A 32 -6.25 1.28 -3.91
CA GLN A 32 -7.47 0.53 -4.19
C GLN A 32 -7.22 -0.97 -4.13
N ASP A 33 -5.98 -1.39 -4.34
CA ASP A 33 -5.62 -2.80 -4.32
C ASP A 33 -5.38 -3.26 -2.89
N VAL A 34 -4.80 -2.38 -2.08
CA VAL A 34 -4.67 -2.61 -0.64
C VAL A 34 -6.05 -2.85 -0.02
N GLN A 35 -7.00 -1.98 -0.36
CA GLN A 35 -8.36 -2.10 0.16
C GLN A 35 -9.02 -3.37 -0.36
N ALA A 36 -8.70 -3.70 -1.60
CA ALA A 36 -9.16 -4.94 -2.20
C ALA A 36 -8.63 -6.14 -1.43
N PHE A 37 -7.37 -6.04 -1.01
CA PHE A 37 -6.75 -7.08 -0.20
C PHE A 37 -7.41 -7.17 1.17
N LEU A 38 -7.73 -6.00 1.74
CA LEU A 38 -8.37 -5.94 3.04
C LEU A 38 -9.71 -6.66 3.03
N LYS A 39 -10.47 -6.47 1.96
CA LYS A 39 -11.77 -7.14 1.85
C LYS A 39 -11.61 -8.58 1.38
N GLU A 40 -10.50 -8.84 0.70
CA GLU A 40 -10.19 -10.18 0.22
C GLU A 40 -9.99 -11.12 1.40
N ASN A 41 -9.12 -10.72 2.29
CA ASN A 41 -8.74 -11.58 3.40
C ASN A 41 -9.19 -11.00 4.74
N GLU A 42 -10.32 -10.31 4.71
CA GLU A 42 -10.86 -9.69 5.93
C GLU A 42 -11.22 -10.75 6.98
N GLU A 43 -11.37 -11.98 6.55
CA GLU A 43 -11.67 -13.08 7.44
C GLU A 43 -10.42 -13.52 8.19
N VAL A 44 -9.26 -13.32 7.57
CA VAL A 44 -8.00 -13.83 8.11
C VAL A 44 -7.18 -12.70 8.75
N ILE A 45 -7.23 -11.53 8.15
CA ILE A 45 -6.40 -10.41 8.59
C ILE A 45 -7.00 -9.71 9.80
N ASP A 46 -6.14 -9.16 10.65
CA ASP A 46 -6.59 -8.36 11.79
C ASP A 46 -5.82 -7.04 11.80
N GLN A 47 -6.18 -6.16 12.72
CA GLN A 47 -5.58 -4.82 12.78
C GLN A 47 -4.07 -4.87 12.98
N LYS A 48 -3.64 -5.73 13.90
CA LYS A 48 -2.23 -5.81 14.25
C LYS A 48 -1.40 -6.35 13.10
N MET A 49 -1.98 -7.29 12.36
CA MET A 49 -1.36 -7.81 11.16
C MET A 49 -1.11 -6.67 10.17
N ILE A 50 -2.04 -5.73 10.11
CA ILE A 50 -1.90 -4.54 9.27
C ILE A 50 -0.81 -3.63 9.82
N GLU A 51 -0.85 -3.37 11.12
CA GLU A 51 0.13 -2.52 11.78
C GLU A 51 1.56 -3.00 11.51
N LYS A 52 1.78 -4.30 11.69
CA LYS A 52 3.10 -4.88 11.49
C LYS A 52 3.52 -4.78 10.04
N SER A 53 2.59 -5.10 9.15
CA SER A 53 2.89 -5.19 7.73
C SER A 53 2.70 -3.85 7.00
N LEU A 54 2.57 -2.75 7.76
CA LEU A 54 2.40 -1.44 7.16
C LEU A 54 3.56 -1.11 6.23
N ASN A 55 4.74 -1.58 6.60
CA ASN A 55 5.94 -1.38 5.80
C ASN A 55 5.87 -2.20 4.51
N LYS A 56 5.32 -3.41 4.60
CA LYS A 56 5.12 -4.26 3.43
C LYS A 56 4.07 -3.67 2.51
N LEU A 57 2.98 -3.19 3.11
CA LEU A 57 1.90 -2.57 2.35
C LEU A 57 2.39 -1.33 1.60
N TYR A 58 3.22 -0.54 2.26
CA TYR A 58 3.77 0.66 1.64
C TYR A 58 4.74 0.29 0.53
N GLU A 59 5.60 -0.69 0.82
CA GLU A 59 6.52 -1.23 -0.17
C GLU A 59 5.74 -1.69 -1.40
N TYR A 60 4.65 -2.40 -1.14
CA TYR A 60 3.78 -2.94 -2.17
C TYR A 60 3.19 -1.87 -3.08
N ILE A 61 2.59 -0.85 -2.49
CA ILE A 61 1.86 0.16 -3.26
C ILE A 61 2.76 0.94 -4.18
N GLU A 62 4.03 1.13 -3.79
CA GLU A 62 4.96 1.90 -4.59
C GLU A 62 5.72 1.04 -5.61
N GLN A 63 5.92 -0.23 -5.27
CA GLN A 63 6.70 -1.11 -6.14
C GLN A 63 5.84 -1.74 -7.22
N SER A 64 6.33 -1.72 -8.46
CA SER A 64 5.76 -2.48 -9.57
C SER A 64 4.23 -2.30 -9.68
N LYS A 65 3.77 -1.07 -9.48
CA LYS A 65 2.36 -0.77 -9.56
C LYS A 65 1.84 -1.02 -10.99
N ASN A 66 2.75 -0.95 -11.95
CA ASN A 66 2.45 -1.34 -13.31
C ASN A 66 3.53 -2.28 -13.83
N CYS A 67 3.49 -2.55 -15.12
CA CYS A 67 4.51 -3.36 -15.75
C CYS A 67 4.59 -2.95 -17.20
N SER A 68 5.66 -3.33 -17.87
CA SER A 68 5.95 -2.82 -19.22
C SER A 68 4.87 -3.24 -20.21
N TYR A 69 4.36 -4.46 -20.03
CA TYR A 69 3.30 -5.01 -20.87
C TYR A 69 2.06 -4.11 -20.90
N CYS A 70 1.91 -3.27 -19.88
CA CYS A 70 0.77 -2.38 -19.79
C CYS A 70 1.22 -0.94 -19.68
N SER A 71 2.50 -0.72 -19.91
CA SER A 71 3.08 0.61 -19.83
C SER A 71 3.33 1.14 -21.23
N GLU A 72 2.71 2.26 -21.54
CA GLU A 72 2.88 2.89 -22.84
C GLU A 72 4.14 3.74 -22.84
N ASP A 73 4.58 4.13 -21.65
CA ASP A 73 5.83 4.85 -21.50
C ASP A 73 6.99 3.88 -21.39
N GLU A 74 8.08 4.20 -22.06
CA GLU A 74 9.26 3.33 -22.12
C GLU A 74 10.16 3.52 -20.92
N ASN A 75 10.05 4.66 -20.25
CA ASN A 75 10.99 5.02 -19.19
C ASN A 75 10.38 4.74 -17.82
N CYS A 76 9.49 3.76 -17.76
CA CYS A 76 8.89 3.36 -16.50
C CYS A 76 9.84 2.44 -15.74
N ASN A 77 9.79 2.46 -14.42
CA ASN A 77 10.71 1.69 -13.60
C ASN A 77 10.05 0.43 -13.06
N ASN A 78 10.51 -0.72 -13.55
CA ASN A 78 10.09 -2.01 -13.02
C ASN A 78 10.86 -3.13 -13.72
N LEU A 79 11.10 -4.21 -13.02
CA LEU A 79 11.87 -5.33 -13.56
C LEU A 79 10.95 -6.44 -14.03
N LEU A 80 9.91 -6.70 -13.24
CA LEU A 80 8.98 -7.77 -13.53
C LEU A 80 8.08 -7.42 -14.71
N GLU A 81 8.26 -8.13 -15.81
CA GLU A 81 7.41 -7.95 -16.97
C GLU A 81 6.29 -8.98 -16.97
N GLY A 82 5.10 -8.52 -17.32
CA GLY A 82 3.94 -9.39 -17.37
C GLY A 82 3.35 -9.69 -16.01
N TYR A 83 4.02 -9.26 -14.94
CA TYR A 83 3.55 -9.53 -13.60
C TYR A 83 3.43 -8.25 -12.79
N HIS A 84 2.55 -8.27 -11.80
CA HIS A 84 2.47 -7.23 -10.79
C HIS A 84 2.47 -7.88 -9.42
N PRO A 85 2.86 -7.14 -8.38
CA PRO A 85 2.84 -7.64 -7.02
C PRO A 85 1.44 -7.56 -6.43
N LYS A 86 1.13 -8.49 -5.55
CA LYS A 86 -0.14 -8.46 -4.84
C LYS A 86 0.09 -8.80 -3.38
N LEU A 87 -0.69 -8.15 -2.54
CA LEU A 87 -0.66 -8.43 -1.12
C LEU A 87 -1.24 -9.82 -0.86
N VAL A 88 -0.50 -10.63 -0.11
CA VAL A 88 -0.95 -11.96 0.23
C VAL A 88 -0.87 -12.18 1.73
N VAL A 89 -1.79 -12.93 2.29
CA VAL A 89 -1.72 -13.28 3.69
C VAL A 89 -1.24 -14.71 3.85
N ASN A 90 -0.09 -14.86 4.45
CA ASN A 90 0.48 -16.17 4.69
C ASN A 90 0.54 -16.43 6.18
N GLY A 91 -0.48 -17.11 6.69
CA GLY A 91 -0.56 -17.36 8.11
C GLY A 91 -0.84 -16.08 8.88
N ARG A 92 0.11 -15.68 9.71
CA ARG A 92 -0.03 -14.48 10.51
C ARG A 92 0.86 -13.35 9.98
N SER A 93 1.27 -13.48 8.73
CA SER A 93 2.12 -12.49 8.10
C SER A 93 1.59 -12.08 6.73
N ILE A 94 1.72 -10.81 6.40
CA ILE A 94 1.32 -10.33 5.09
C ILE A 94 2.55 -10.15 4.20
N ASP A 95 2.54 -10.80 3.05
CA ASP A 95 3.68 -10.78 2.15
C ASP A 95 3.26 -10.23 0.80
N ILE A 96 4.21 -10.12 -0.11
CA ILE A 96 3.93 -9.62 -1.45
C ILE A 96 4.39 -10.62 -2.50
N GLU A 97 3.44 -11.19 -3.22
CA GLU A 97 3.72 -12.17 -4.27
C GLU A 97 3.04 -11.74 -5.57
N TYR A 98 3.53 -12.22 -6.70
CA TYR A 98 3.16 -11.67 -8.00
C TYR A 98 2.05 -12.44 -8.69
N TYR A 99 1.38 -11.75 -9.61
CA TYR A 99 0.35 -12.33 -10.47
C TYR A 99 0.48 -11.78 -11.88
N GLU A 100 -0.09 -12.46 -12.86
CA GLU A 100 0.00 -12.03 -14.24
C GLU A 100 -0.86 -10.80 -14.51
N CYS A 101 -0.24 -9.80 -15.13
CA CYS A 101 -0.94 -8.60 -15.60
C CYS A 101 -2.20 -8.98 -16.37
N PRO A 102 -3.37 -8.48 -15.93
CA PRO A 102 -4.67 -8.80 -16.56
C PRO A 102 -4.77 -8.22 -17.97
N VAL A 103 -3.97 -7.19 -18.22
CA VAL A 103 -3.96 -6.51 -19.51
C VAL A 103 -3.39 -7.43 -20.60
N LYS A 104 -2.72 -8.49 -20.18
CA LYS A 104 -2.13 -9.43 -21.13
C LYS A 104 -3.22 -10.21 -21.84
N ARG A 105 -4.39 -10.26 -21.22
CA ARG A 105 -5.51 -11.04 -21.74
C ARG A 105 -6.28 -10.25 -22.81
N LYS A 106 -5.54 -9.53 -23.64
CA LYS A 106 -6.14 -8.70 -24.67
C LYS A 106 -6.39 -9.53 -25.93
ZN ZN B . 0.96 -4.72 -16.20
N MET A 1 -19.53 43.18 15.92
CA MET A 1 -18.87 41.86 15.91
C MET A 1 -17.42 41.98 16.38
N GLU A 2 -17.06 41.21 17.38
CA GLU A 2 -15.70 41.15 17.89
C GLU A 2 -15.17 39.73 17.81
N PRO A 3 -13.86 39.55 17.59
CA PRO A 3 -13.24 38.23 17.46
C PRO A 3 -13.48 37.36 18.70
N ILE A 4 -13.61 36.05 18.48
CA ILE A 4 -13.87 35.12 19.55
C ILE A 4 -12.59 34.76 20.30
N GLY A 5 -12.76 34.16 21.47
CA GLY A 5 -11.63 33.74 22.26
C GLY A 5 -11.18 32.34 21.93
N ARG A 6 -9.88 32.15 21.77
CA ARG A 6 -9.31 30.85 21.46
C ARG A 6 -7.87 30.79 21.97
N SER A 7 -7.49 29.64 22.49
CA SER A 7 -6.14 29.47 23.02
C SER A 7 -5.15 29.17 21.90
N LEU A 8 -4.44 30.19 21.44
CA LEU A 8 -3.41 30.00 20.44
C LEU A 8 -2.06 29.75 21.10
N GLN A 9 -1.88 28.54 21.60
CA GLN A 9 -0.61 28.13 22.20
C GLN A 9 0.17 27.28 21.22
N GLY A 10 -0.55 26.60 20.34
CA GLY A 10 0.08 25.75 19.36
C GLY A 10 0.04 24.30 19.80
N VAL A 11 0.06 23.38 18.84
CA VAL A 11 0.05 21.96 19.17
C VAL A 11 1.42 21.53 19.68
N THR A 12 1.57 21.55 20.99
CA THR A 12 2.82 21.16 21.63
C THR A 12 2.97 19.64 21.62
N GLY A 13 3.62 19.14 20.59
CA GLY A 13 3.82 17.71 20.47
C GLY A 13 3.49 17.22 19.07
N ARG A 14 4.46 17.33 18.18
CA ARG A 14 4.32 16.81 16.83
C ARG A 14 5.67 16.27 16.33
N PRO A 15 6.05 15.09 16.83
CA PRO A 15 7.32 14.45 16.45
C PRO A 15 7.34 14.02 15.00
N ASP A 16 8.51 14.13 14.38
CA ASP A 16 8.68 13.77 12.98
C ASP A 16 8.30 12.30 12.76
N PHE A 17 8.64 11.47 13.74
CA PHE A 17 8.37 10.03 13.67
C PHE A 17 6.92 9.75 13.27
N GLN A 18 5.99 10.28 14.05
CA GLN A 18 4.58 9.99 13.82
C GLN A 18 4.09 10.60 12.52
N LYS A 19 4.69 11.72 12.10
CA LYS A 19 4.25 12.38 10.88
C LYS A 19 4.56 11.55 9.65
N ARG A 20 5.71 10.88 9.65
CA ARG A 20 6.05 9.96 8.57
C ARG A 20 5.16 8.74 8.65
N LEU A 21 4.95 8.30 9.88
CA LEU A 21 4.06 7.17 10.18
C LEU A 21 2.64 7.44 9.64
N GLU A 22 2.10 8.60 9.95
CA GLU A 22 0.78 9.00 9.46
C GLU A 22 0.80 9.18 7.95
N GLN A 23 1.96 9.58 7.43
CA GLN A 23 2.14 9.86 6.02
C GLN A 23 2.08 8.58 5.20
N MET A 24 2.90 7.60 5.57
CA MET A 24 2.91 6.32 4.87
C MET A 24 1.60 5.57 5.12
N LYS A 25 1.07 5.70 6.33
CA LYS A 25 -0.23 5.12 6.67
C LYS A 25 -1.30 5.66 5.74
N GLU A 26 -1.23 6.96 5.48
CA GLU A 26 -2.17 7.64 4.62
C GLU A 26 -2.07 7.08 3.20
N LYS A 27 -0.85 7.00 2.70
CA LYS A 27 -0.57 6.48 1.38
C LYS A 27 -1.16 5.09 1.18
N VAL A 28 -0.90 4.22 2.14
CA VAL A 28 -1.38 2.84 2.08
C VAL A 28 -2.91 2.79 2.03
N MET A 29 -3.57 3.58 2.89
CA MET A 29 -5.02 3.54 2.95
C MET A 29 -5.66 4.40 1.87
N LYS A 30 -4.83 4.99 1.01
CA LYS A 30 -5.34 5.79 -0.08
C LYS A 30 -5.21 5.05 -1.41
N ASP A 31 -4.56 3.90 -1.39
CA ASP A 31 -4.38 3.10 -2.59
C ASP A 31 -5.60 2.21 -2.82
N GLN A 32 -6.14 2.25 -4.04
CA GLN A 32 -7.37 1.54 -4.37
C GLN A 32 -7.19 0.03 -4.29
N ASP A 33 -6.01 -0.45 -4.69
CA ASP A 33 -5.72 -1.87 -4.73
C ASP A 33 -5.56 -2.42 -3.32
N VAL A 34 -4.93 -1.63 -2.47
CA VAL A 34 -4.80 -1.95 -1.06
C VAL A 34 -6.18 -2.18 -0.43
N GLN A 35 -7.08 -1.25 -0.67
CA GLN A 35 -8.43 -1.31 -0.12
C GLN A 35 -9.16 -2.54 -0.63
N ALA A 36 -8.98 -2.82 -1.90
CA ALA A 36 -9.57 -4.00 -2.52
C ALA A 36 -9.11 -5.27 -1.79
N PHE A 37 -7.82 -5.32 -1.45
CA PHE A 37 -7.28 -6.45 -0.71
C PHE A 37 -7.80 -6.49 0.72
N LEU A 38 -7.91 -5.32 1.33
CA LEU A 38 -8.39 -5.22 2.70
C LEU A 38 -9.78 -5.83 2.85
N LYS A 39 -10.66 -5.54 1.90
CA LYS A 39 -12.02 -6.07 1.95
C LYS A 39 -12.08 -7.49 1.38
N GLU A 40 -11.07 -7.85 0.63
CA GLU A 40 -10.92 -9.21 0.12
C GLU A 40 -10.67 -10.18 1.27
N ASN A 41 -9.67 -9.86 2.06
CA ASN A 41 -9.27 -10.72 3.17
C ASN A 41 -9.59 -10.07 4.51
N GLU A 42 -10.68 -9.31 4.54
CA GLU A 42 -11.06 -8.55 5.73
C GLU A 42 -11.19 -9.44 6.97
N GLU A 43 -11.62 -10.67 6.77
CA GLU A 43 -11.83 -11.60 7.88
C GLU A 43 -10.52 -12.25 8.30
N VAL A 44 -9.57 -12.30 7.40
CA VAL A 44 -8.31 -12.99 7.65
C VAL A 44 -7.28 -12.02 8.22
N ILE A 45 -7.24 -10.83 7.66
CA ILE A 45 -6.29 -9.81 8.07
C ILE A 45 -6.69 -9.22 9.42
N ASP A 46 -5.70 -8.85 10.21
CA ASP A 46 -5.93 -8.22 11.50
C ASP A 46 -5.28 -6.85 11.52
N GLN A 47 -5.72 -6.02 12.44
CA GLN A 47 -5.14 -4.70 12.64
C GLN A 47 -3.67 -4.80 13.01
N LYS A 48 -3.33 -5.81 13.81
CA LYS A 48 -1.94 -6.07 14.16
C LYS A 48 -1.14 -6.43 12.92
N MET A 49 -1.78 -7.17 12.03
CA MET A 49 -1.16 -7.57 10.77
C MET A 49 -0.88 -6.33 9.92
N ILE A 50 -1.74 -5.33 10.05
CA ILE A 50 -1.61 -4.09 9.29
C ILE A 50 -0.32 -3.37 9.63
N GLU A 51 -0.09 -3.10 10.92
CA GLU A 51 1.13 -2.42 11.35
C GLU A 51 2.38 -3.21 10.99
N LYS A 52 2.35 -4.50 11.28
CA LYS A 52 3.47 -5.38 10.97
C LYS A 52 3.81 -5.31 9.48
N SER A 53 2.79 -5.43 8.66
CA SER A 53 2.96 -5.52 7.21
C SER A 53 2.85 -4.15 6.55
N LEU A 54 2.89 -3.09 7.35
CA LEU A 54 2.81 -1.73 6.84
C LEU A 54 3.89 -1.50 5.79
N ASN A 55 5.09 -1.91 6.13
CA ASN A 55 6.24 -1.83 5.24
C ASN A 55 5.96 -2.57 3.93
N LYS A 56 5.31 -3.71 4.04
CA LYS A 56 4.99 -4.53 2.87
C LYS A 56 3.91 -3.87 2.03
N LEU A 57 2.88 -3.35 2.69
CA LEU A 57 1.79 -2.68 2.00
C LEU A 57 2.31 -1.44 1.27
N TYR A 58 3.23 -0.74 1.91
CA TYR A 58 3.85 0.43 1.31
C TYR A 58 4.76 0.01 0.15
N GLU A 59 5.51 -1.06 0.34
CA GLU A 59 6.36 -1.60 -0.71
C GLU A 59 5.52 -2.00 -1.93
N TYR A 60 4.34 -2.54 -1.66
CA TYR A 60 3.39 -2.93 -2.70
C TYR A 60 3.06 -1.76 -3.60
N ILE A 61 2.68 -0.64 -2.99
CA ILE A 61 2.30 0.55 -3.74
C ILE A 61 3.50 1.27 -4.34
N GLU A 62 4.65 1.17 -3.67
CA GLU A 62 5.89 1.77 -4.16
C GLU A 62 6.37 1.10 -5.45
N GLN A 63 6.36 -0.23 -5.45
CA GLN A 63 6.84 -1.01 -6.59
C GLN A 63 5.95 -0.81 -7.82
N SER A 64 6.26 -1.56 -8.87
CA SER A 64 5.49 -1.50 -10.11
C SER A 64 4.03 -1.87 -9.88
N LYS A 65 3.18 -0.85 -9.85
CA LYS A 65 1.75 -1.03 -9.60
C LYS A 65 1.10 -1.73 -10.79
N ASN A 66 1.61 -1.45 -11.97
CA ASN A 66 1.20 -2.13 -13.18
C ASN A 66 2.46 -2.71 -13.83
N CYS A 67 2.42 -2.94 -15.13
CA CYS A 67 3.62 -3.37 -15.80
C CYS A 67 3.64 -2.85 -17.23
N SER A 68 4.82 -2.66 -17.76
CA SER A 68 4.98 -1.97 -19.04
C SER A 68 4.56 -2.87 -20.19
N TYR A 69 4.61 -4.17 -19.94
CA TYR A 69 4.16 -5.18 -20.89
C TYR A 69 2.70 -4.96 -21.27
N CYS A 70 1.96 -4.25 -20.43
CA CYS A 70 0.56 -3.92 -20.75
C CYS A 70 0.37 -2.41 -20.86
N SER A 71 0.90 -1.69 -19.88
CA SER A 71 0.79 -0.23 -19.85
C SER A 71 2.09 0.39 -20.33
N GLU A 72 2.01 1.13 -21.42
CA GLU A 72 3.19 1.70 -22.05
C GLU A 72 3.58 3.01 -21.35
N ASP A 73 3.80 2.91 -20.06
CA ASP A 73 4.18 4.06 -19.25
C ASP A 73 5.69 4.24 -19.32
N GLU A 74 6.11 5.42 -19.75
CA GLU A 74 7.53 5.69 -19.99
C GLU A 74 8.31 5.90 -18.69
N ASN A 75 7.59 6.13 -17.60
CA ASN A 75 8.25 6.47 -16.33
C ASN A 75 7.95 5.45 -15.24
N CYS A 76 7.13 4.46 -15.54
CA CYS A 76 6.77 3.46 -14.56
C CYS A 76 7.94 2.52 -14.31
N ASN A 77 8.47 2.55 -13.10
CA ASN A 77 9.59 1.70 -12.71
C ASN A 77 9.09 0.29 -12.44
N ASN A 78 9.54 -0.65 -13.26
CA ASN A 78 9.08 -2.02 -13.15
C ASN A 78 10.19 -2.94 -12.67
N LEU A 79 9.88 -3.77 -11.69
CA LEU A 79 10.83 -4.74 -11.19
C LEU A 79 10.70 -6.03 -11.98
N LEU A 80 9.68 -6.82 -11.65
CA LEU A 80 9.39 -8.03 -12.39
C LEU A 80 8.47 -7.71 -13.57
N GLU A 81 9.07 -7.36 -14.70
CA GLU A 81 8.30 -7.00 -15.89
C GLU A 81 7.51 -8.20 -16.39
N GLY A 82 6.31 -7.93 -16.90
CA GLY A 82 5.44 -8.98 -17.37
C GLY A 82 4.61 -9.57 -16.24
N TYR A 83 4.90 -9.17 -15.01
CA TYR A 83 4.14 -9.62 -13.86
C TYR A 83 3.55 -8.44 -13.12
N HIS A 84 2.62 -8.71 -12.21
CA HIS A 84 2.09 -7.69 -11.32
C HIS A 84 2.11 -8.21 -9.88
N PRO A 85 2.33 -7.32 -8.91
CA PRO A 85 2.30 -7.68 -7.50
C PRO A 85 0.86 -7.75 -6.99
N LYS A 86 0.56 -8.80 -6.23
CA LYS A 86 -0.72 -8.91 -5.56
C LYS A 86 -0.50 -9.14 -4.08
N LEU A 87 -1.35 -8.48 -3.29
CA LEU A 87 -1.28 -8.57 -1.85
C LEU A 87 -1.91 -9.88 -1.39
N VAL A 88 -1.21 -10.59 -0.52
CA VAL A 88 -1.71 -11.86 0.03
C VAL A 88 -1.45 -11.91 1.53
N VAL A 89 -2.03 -12.90 2.19
CA VAL A 89 -1.77 -13.11 3.60
C VAL A 89 -1.01 -14.42 3.80
N ASN A 90 0.22 -14.30 4.28
CA ASN A 90 1.07 -15.47 4.49
C ASN A 90 1.49 -15.56 5.94
N GLY A 91 0.92 -16.53 6.64
CA GLY A 91 1.21 -16.70 8.05
C GLY A 91 0.51 -15.66 8.88
N ARG A 92 1.28 -14.77 9.49
CA ARG A 92 0.72 -13.69 10.28
C ARG A 92 1.12 -12.35 9.67
N SER A 93 1.64 -12.41 8.45
CA SER A 93 2.10 -11.21 7.77
C SER A 93 1.50 -11.11 6.37
N ILE A 94 1.33 -9.90 5.90
CA ILE A 94 0.83 -9.66 4.55
C ILE A 94 2.01 -9.66 3.58
N ASP A 95 1.85 -10.40 2.49
CA ASP A 95 2.96 -10.67 1.60
C ASP A 95 2.67 -10.13 0.21
N ILE A 96 3.69 -10.12 -0.63
CA ILE A 96 3.56 -9.66 -1.99
C ILE A 96 4.07 -10.71 -2.96
N GLU A 97 3.19 -11.28 -3.74
CA GLU A 97 3.59 -12.24 -4.76
C GLU A 97 3.24 -11.71 -6.13
N TYR A 98 3.89 -12.25 -7.14
CA TYR A 98 3.69 -11.78 -8.50
C TYR A 98 2.93 -12.79 -9.34
N TYR A 99 1.89 -12.31 -9.98
CA TYR A 99 1.16 -13.11 -10.95
C TYR A 99 1.47 -12.57 -12.34
N GLU A 100 1.36 -13.41 -13.35
CA GLU A 100 1.72 -12.99 -14.70
C GLU A 100 0.65 -12.06 -15.25
N CYS A 101 1.11 -10.98 -15.88
CA CYS A 101 0.25 -9.98 -16.50
C CYS A 101 -0.87 -10.62 -17.32
N PRO A 102 -2.13 -10.24 -17.04
CA PRO A 102 -3.32 -10.81 -17.69
C PRO A 102 -3.34 -10.63 -19.21
N VAL A 103 -2.47 -9.76 -19.74
CA VAL A 103 -2.39 -9.55 -21.19
C VAL A 103 -1.86 -10.82 -21.87
N LYS A 104 -1.15 -11.65 -21.11
CA LYS A 104 -0.68 -12.94 -21.61
C LYS A 104 -1.89 -13.84 -21.87
N ARG A 105 -2.94 -13.62 -21.12
CA ARG A 105 -4.17 -14.37 -21.26
C ARG A 105 -5.21 -13.50 -21.96
N LYS A 106 -4.70 -12.41 -22.55
CA LYS A 106 -5.51 -11.37 -23.20
C LYS A 106 -6.76 -11.03 -22.40
ZN ZN B . 0.86 -5.83 -17.04
N MET A 1 -15.12 10.57 13.20
CA MET A 1 -15.57 10.58 14.61
C MET A 1 -14.38 10.84 15.55
N GLU A 2 -13.17 10.64 15.05
CA GLU A 2 -11.98 10.95 15.83
C GLU A 2 -11.80 12.45 15.93
N PRO A 3 -11.24 12.94 17.05
CA PRO A 3 -11.11 14.38 17.30
C PRO A 3 -10.14 15.06 16.32
N ILE A 4 -10.69 15.70 15.30
CA ILE A 4 -9.89 16.45 14.36
C ILE A 4 -9.73 17.88 14.88
N GLY A 5 -8.85 18.03 15.87
CA GLY A 5 -8.68 19.32 16.50
C GLY A 5 -7.23 19.68 16.70
N ARG A 6 -6.81 20.76 16.05
CA ARG A 6 -5.47 21.27 16.24
C ARG A 6 -5.54 22.74 16.68
N SER A 7 -6.75 23.22 16.85
CA SER A 7 -6.99 24.62 17.22
C SER A 7 -6.94 24.79 18.74
N LEU A 8 -6.44 23.79 19.43
CA LEU A 8 -6.35 23.81 20.88
C LEU A 8 -5.36 24.88 21.34
N GLN A 9 -4.24 24.98 20.64
CA GLN A 9 -3.20 25.95 20.98
C GLN A 9 -2.80 26.75 19.74
N GLY A 10 -2.30 26.04 18.75
CA GLY A 10 -1.83 26.67 17.53
C GLY A 10 -0.61 25.99 16.99
N VAL A 11 0.56 26.51 17.31
CA VAL A 11 1.80 25.89 16.89
C VAL A 11 2.44 25.17 18.06
N THR A 12 2.16 23.88 18.15
CA THR A 12 2.72 23.04 19.19
C THR A 12 2.52 21.58 18.81
N GLY A 13 3.40 20.73 19.34
CA GLY A 13 3.31 19.32 19.03
C GLY A 13 3.83 19.00 17.65
N ARG A 14 5.03 18.44 17.59
CA ARG A 14 5.65 18.10 16.32
C ARG A 14 6.42 16.79 16.44
N PRO A 15 5.70 15.67 16.63
CA PRO A 15 6.30 14.34 16.64
C PRO A 15 6.47 13.80 15.22
N ASP A 16 7.69 13.83 14.71
CA ASP A 16 7.94 13.43 13.33
C ASP A 16 7.66 11.94 13.15
N PHE A 17 7.68 11.19 14.25
CA PHE A 17 7.33 9.79 14.23
C PHE A 17 5.95 9.58 13.64
N GLN A 18 4.97 10.33 14.16
CA GLN A 18 3.59 10.21 13.69
C GLN A 18 3.48 10.75 12.28
N LYS A 19 4.32 11.74 11.98
CA LYS A 19 4.33 12.36 10.66
C LYS A 19 4.65 11.32 9.59
N ARG A 20 5.68 10.52 9.81
CA ARG A 20 6.06 9.48 8.87
C ARG A 20 5.03 8.37 8.91
N LEU A 21 4.78 7.88 10.11
CA LEU A 21 3.91 6.72 10.32
C LEU A 21 2.51 6.94 9.76
N GLU A 22 1.89 8.04 10.10
CA GLU A 22 0.52 8.30 9.66
C GLU A 22 0.47 8.73 8.20
N GLN A 23 1.54 9.35 7.72
CA GLN A 23 1.60 9.73 6.31
C GLN A 23 1.59 8.49 5.43
N MET A 24 2.55 7.59 5.69
CA MET A 24 2.65 6.35 4.92
C MET A 24 1.40 5.50 5.12
N LYS A 25 0.90 5.46 6.35
CA LYS A 25 -0.27 4.67 6.70
C LYS A 25 -1.51 5.16 5.96
N GLU A 26 -1.67 6.47 5.87
CA GLU A 26 -2.79 7.05 5.14
C GLU A 26 -2.69 6.68 3.66
N LYS A 27 -1.50 6.82 3.10
CA LYS A 27 -1.24 6.50 1.71
C LYS A 27 -1.65 5.07 1.39
N VAL A 28 -1.26 4.15 2.26
CA VAL A 28 -1.57 2.75 2.07
C VAL A 28 -3.08 2.51 2.06
N MET A 29 -3.79 3.18 2.96
CA MET A 29 -5.23 2.99 3.07
C MET A 29 -5.99 3.88 2.08
N LYS A 30 -5.27 4.43 1.11
CA LYS A 30 -5.89 5.23 0.05
C LYS A 30 -5.72 4.57 -1.31
N ASP A 31 -4.84 3.58 -1.39
CA ASP A 31 -4.58 2.91 -2.66
C ASP A 31 -5.72 1.99 -3.02
N GLN A 32 -6.12 2.04 -4.27
CA GLN A 32 -7.28 1.29 -4.76
C GLN A 32 -7.03 -0.22 -4.74
N ASP A 33 -5.80 -0.62 -5.04
CA ASP A 33 -5.46 -2.04 -5.09
C ASP A 33 -5.34 -2.59 -3.68
N VAL A 34 -4.83 -1.76 -2.78
CA VAL A 34 -4.76 -2.13 -1.37
C VAL A 34 -6.16 -2.40 -0.82
N GLN A 35 -7.13 -1.58 -1.22
CA GLN A 35 -8.52 -1.80 -0.83
C GLN A 35 -8.98 -3.18 -1.27
N ALA A 36 -8.72 -3.49 -2.54
CA ALA A 36 -9.08 -4.78 -3.13
C ALA A 36 -8.51 -5.94 -2.33
N PHE A 37 -7.27 -5.80 -1.89
CA PHE A 37 -6.63 -6.83 -1.08
C PHE A 37 -7.33 -6.98 0.27
N LEU A 38 -7.63 -5.85 0.88
CA LEU A 38 -8.25 -5.83 2.21
C LEU A 38 -9.63 -6.49 2.19
N LYS A 39 -10.42 -6.17 1.17
CA LYS A 39 -11.76 -6.75 1.07
C LYS A 39 -11.69 -8.24 0.74
N GLU A 40 -10.67 -8.61 -0.02
CA GLU A 40 -10.51 -9.98 -0.47
C GLU A 40 -10.03 -10.87 0.67
N ASN A 41 -9.29 -10.28 1.59
CA ASN A 41 -8.74 -11.03 2.71
C ASN A 41 -9.27 -10.50 4.04
N GLU A 42 -10.49 -9.94 4.00
CA GLU A 42 -11.13 -9.44 5.21
C GLU A 42 -11.39 -10.58 6.18
N GLU A 43 -11.32 -11.79 5.64
CA GLU A 43 -11.53 -13.00 6.41
C GLU A 43 -10.32 -13.30 7.29
N VAL A 44 -9.16 -12.81 6.90
CA VAL A 44 -7.92 -13.20 7.56
C VAL A 44 -7.18 -12.01 8.16
N ILE A 45 -7.27 -10.86 7.53
CA ILE A 45 -6.48 -9.70 7.93
C ILE A 45 -6.97 -9.09 9.25
N ASP A 46 -6.00 -8.62 10.03
CA ASP A 46 -6.28 -7.97 11.31
C ASP A 46 -5.73 -6.54 11.26
N GLN A 47 -6.12 -5.72 12.22
CA GLN A 47 -5.58 -4.38 12.34
C GLN A 47 -4.08 -4.47 12.62
N LYS A 48 -3.72 -5.41 13.48
CA LYS A 48 -2.34 -5.62 13.86
C LYS A 48 -1.51 -6.06 12.67
N MET A 49 -2.13 -6.89 11.83
CA MET A 49 -1.51 -7.34 10.60
C MET A 49 -1.14 -6.16 9.72
N ILE A 50 -2.02 -5.16 9.68
CA ILE A 50 -1.79 -3.95 8.90
C ILE A 50 -0.63 -3.15 9.48
N GLU A 51 -0.65 -2.94 10.80
CA GLU A 51 0.38 -2.17 11.47
C GLU A 51 1.75 -2.82 11.32
N LYS A 52 1.78 -4.15 11.37
CA LYS A 52 3.02 -4.90 11.22
C LYS A 52 3.50 -4.83 9.76
N SER A 53 2.59 -5.05 8.83
CA SER A 53 2.94 -5.15 7.43
C SER A 53 2.83 -3.80 6.72
N LEU A 54 2.77 -2.73 7.51
CA LEU A 54 2.70 -1.38 6.99
C LEU A 54 3.86 -1.10 6.06
N ASN A 55 5.02 -1.59 6.45
CA ASN A 55 6.22 -1.46 5.63
C ASN A 55 6.08 -2.17 4.29
N LYS A 56 5.56 -3.39 4.32
CA LYS A 56 5.34 -4.18 3.11
C LYS A 56 4.31 -3.52 2.21
N LEU A 57 3.17 -3.15 2.80
CA LEU A 57 2.08 -2.53 2.06
C LEU A 57 2.52 -1.22 1.41
N TYR A 58 3.33 -0.46 2.15
CA TYR A 58 3.82 0.81 1.65
C TYR A 58 4.82 0.59 0.52
N GLU A 59 5.71 -0.38 0.71
CA GLU A 59 6.71 -0.71 -0.31
C GLU A 59 6.02 -1.16 -1.59
N TYR A 60 4.86 -1.79 -1.42
CA TYR A 60 4.05 -2.26 -2.54
C TYR A 60 3.49 -1.11 -3.37
N ILE A 61 2.94 -0.09 -2.71
CA ILE A 61 2.32 1.02 -3.43
C ILE A 61 3.36 1.96 -4.05
N GLU A 62 4.53 2.05 -3.43
CA GLU A 62 5.60 2.91 -3.93
C GLU A 62 6.26 2.31 -5.17
N GLN A 63 6.38 0.99 -5.20
CA GLN A 63 7.02 0.30 -6.32
C GLN A 63 6.11 0.26 -7.54
N SER A 64 6.56 -0.41 -8.58
CA SER A 64 5.78 -0.57 -9.79
C SER A 64 4.61 -1.53 -9.55
N LYS A 65 3.46 -0.96 -9.20
CA LYS A 65 2.26 -1.74 -8.94
C LYS A 65 1.67 -2.26 -10.26
N ASN A 66 1.94 -1.54 -11.33
CA ASN A 66 1.50 -1.93 -12.66
C ASN A 66 2.64 -2.66 -13.38
N CYS A 67 2.46 -2.96 -14.66
CA CYS A 67 3.51 -3.65 -15.40
C CYS A 67 3.62 -3.12 -16.80
N SER A 68 4.79 -3.25 -17.38
CA SER A 68 5.10 -2.66 -18.68
C SER A 68 4.39 -3.39 -19.83
N TYR A 69 3.82 -4.55 -19.52
CA TYR A 69 3.06 -5.32 -20.50
C TYR A 69 1.66 -4.74 -20.65
N CYS A 70 1.35 -3.72 -19.85
CA CYS A 70 0.07 -3.02 -19.99
C CYS A 70 0.27 -1.51 -19.97
N SER A 71 1.34 -1.05 -19.33
CA SER A 71 1.69 0.36 -19.33
C SER A 71 3.01 0.56 -20.06
N GLU A 72 2.97 1.28 -21.17
CA GLU A 72 4.13 1.43 -22.03
C GLU A 72 5.15 2.40 -21.49
N ASP A 73 4.70 3.38 -20.72
CA ASP A 73 5.57 4.48 -20.35
C ASP A 73 6.74 3.98 -19.51
N GLU A 74 7.93 4.41 -19.90
CA GLU A 74 9.18 3.92 -19.33
C GLU A 74 9.28 4.26 -17.85
N ASN A 75 8.55 5.27 -17.42
CA ASN A 75 8.59 5.73 -16.04
C ASN A 75 8.08 4.66 -15.09
N CYS A 76 7.28 3.74 -15.62
CA CYS A 76 6.69 2.69 -14.82
C CYS A 76 7.28 1.34 -15.17
N ASN A 77 8.52 1.33 -15.69
CA ASN A 77 9.17 0.08 -16.08
C ASN A 77 9.38 -0.83 -14.87
N ASN A 78 9.23 -2.12 -15.08
CA ASN A 78 9.35 -3.09 -14.00
C ASN A 78 10.19 -4.28 -14.44
N LEU A 79 11.04 -4.75 -13.53
CA LEU A 79 11.92 -5.87 -13.80
C LEU A 79 11.12 -7.13 -14.16
N LEU A 80 10.16 -7.49 -13.33
CA LEU A 80 9.31 -8.64 -13.59
C LEU A 80 8.12 -8.21 -14.44
N GLU A 81 8.39 -7.99 -15.71
CA GLU A 81 7.37 -7.54 -16.65
C GLU A 81 6.39 -8.67 -16.97
N GLY A 82 5.14 -8.31 -17.19
CA GLY A 82 4.12 -9.28 -17.49
C GLY A 82 3.40 -9.75 -16.25
N TYR A 83 3.92 -9.35 -15.10
CA TYR A 83 3.34 -9.70 -13.82
C TYR A 83 3.02 -8.46 -13.02
N HIS A 84 2.21 -8.60 -11.97
CA HIS A 84 1.94 -7.53 -11.03
C HIS A 84 2.17 -8.01 -9.62
N PRO A 85 2.65 -7.13 -8.74
CA PRO A 85 2.77 -7.44 -7.34
C PRO A 85 1.41 -7.41 -6.65
N LYS A 86 1.17 -8.37 -5.77
CA LYS A 86 -0.03 -8.38 -4.97
C LYS A 86 0.32 -8.88 -3.58
N LEU A 87 -0.44 -8.47 -2.60
CA LEU A 87 -0.16 -8.84 -1.22
C LEU A 87 -0.63 -10.26 -0.94
N VAL A 88 0.09 -10.96 -0.07
CA VAL A 88 -0.31 -12.27 0.38
C VAL A 88 -0.22 -12.33 1.90
N VAL A 89 -1.23 -12.90 2.53
CA VAL A 89 -1.25 -12.99 3.98
C VAL A 89 -0.59 -14.30 4.44
N ASN A 90 0.53 -14.17 5.13
CA ASN A 90 1.24 -15.32 5.66
C ASN A 90 1.33 -15.22 7.18
N GLY A 91 0.40 -15.88 7.86
CA GLY A 91 0.30 -15.73 9.30
C GLY A 91 -0.30 -14.40 9.67
N ARG A 92 0.41 -13.62 10.47
CA ARG A 92 0.00 -12.26 10.77
C ARG A 92 0.85 -11.26 9.99
N SER A 93 1.63 -11.77 9.06
CA SER A 93 2.50 -10.93 8.26
C SER A 93 2.09 -10.97 6.79
N ILE A 94 2.06 -9.81 6.15
CA ILE A 94 1.68 -9.72 4.76
C ILE A 94 2.92 -9.56 3.88
N ASP A 95 2.97 -10.33 2.80
CA ASP A 95 4.10 -10.34 1.90
C ASP A 95 3.65 -9.88 0.51
N ILE A 96 4.58 -9.81 -0.43
CA ILE A 96 4.27 -9.31 -1.76
C ILE A 96 4.74 -10.31 -2.83
N GLU A 97 3.78 -10.90 -3.53
CA GLU A 97 4.07 -11.85 -4.60
C GLU A 97 3.64 -11.28 -5.94
N TYR A 98 3.72 -12.08 -6.98
CA TYR A 98 3.38 -11.62 -8.33
C TYR A 98 2.39 -12.55 -9.02
N TYR A 99 1.58 -11.98 -9.91
CA TYR A 99 0.65 -12.74 -10.73
C TYR A 99 0.70 -12.21 -12.16
N GLU A 100 0.29 -13.02 -13.13
CA GLU A 100 0.35 -12.61 -14.52
C GLU A 100 -0.69 -11.56 -14.85
N CYS A 101 -0.23 -10.51 -15.53
CA CYS A 101 -1.12 -9.48 -16.05
C CYS A 101 -2.16 -10.09 -17.00
N PRO A 102 -3.46 -9.90 -16.70
CA PRO A 102 -4.53 -10.41 -17.55
C PRO A 102 -4.52 -9.79 -18.95
N VAL A 103 -3.92 -8.60 -19.05
CA VAL A 103 -3.81 -7.91 -20.34
C VAL A 103 -2.92 -8.70 -21.31
N LYS A 104 -2.11 -9.60 -20.75
CA LYS A 104 -1.23 -10.45 -21.55
C LYS A 104 -2.07 -11.38 -22.44
N ARG A 105 -3.30 -11.64 -22.01
CA ARG A 105 -4.12 -12.64 -22.68
C ARG A 105 -5.51 -12.08 -22.97
N LYS A 106 -5.56 -10.80 -23.31
CA LYS A 106 -6.82 -10.18 -23.72
C LYS A 106 -7.05 -10.39 -25.22
ZN ZN B . 0.12 -5.27 -16.36
#